data_7FVS
#
_entry.id   7FVS
#
_cell.length_a   92.915
_cell.length_b   92.915
_cell.length_c   407.576
_cell.angle_alpha   90.000
_cell.angle_beta   90.000
_cell.angle_gamma   120.000
#
_symmetry.space_group_name_H-M   'P 61'
#
loop_
_entity.id
_entity.type
_entity.pdbx_description
1 polymer 'DNA gyrase subunit B,DNA gyrase subunit A Chimera'
2 polymer "DNA (5'-D(*AP*GP*CP*CP*GP*TP*AP*GP*GP*GP*CP*CP*CP*TP*AP*CP*GP*GP*CP*T)-3')"
3 non-polymer 'MANGANESE (II) ION'
4 non-polymer 'CHLORIDE ION'
5 non-polymer 'ACETATE ION'
6 non-polymer 4-{[(1-{[(6R)-1-chloro-6,7-dihydro-5H-cyclopenta[c]pyridin-6-yl]methyl}azetidin-3-yl)methyl]amino}-6-fluoro-2H-1-benzopyran-2-one
7 water water
#
loop_
_entity_poly.entity_id
_entity_poly.type
_entity_poly.pdbx_seq_one_letter_code
_entity_poly.pdbx_strand_id
1 'polypeptide(L)'
;MDVASLPGKLADCSSKSPEECEIFLVEGDSAGGSTKSGRDSRTQAILPLRGKILNVEKARLDRILNNNEIRQMITAFGTG
IGGDFDLAKARYHKIVIMTDADVDGAHIRTLLLTFFYRFMRPLIEAGYVYIAQPPTGYKGLGEMNADQLWETTMNPEHRA
LLQVKLEDAIEADQTFEMLMGDVVENRRQFIEDNAVYANLDFAELPQSRINERNITSEMRESFLDYAMSVIVARALPDVR
DGLKPVHRRILYGLNEQGMTPDKSYKKSARIVGDVMGKYHPHGDSSIYEAMVRMAQDFSYRYPLVDGQGNFGSMDGDGAA
AMRFTEARMTKITLELLRDINKDTIDFIDNYDGNEREPSVLPARFPNLLANGASGIAVGMATNIPPHNLTELINGVLSLS
KNPDISIAELMEDIEGPDFPTAGLILGKSGIRRAYETGRGSIQMRSRAVIEERGGGRQRIVVTEIPFQVNKARMIEKIAE
LVRDKKIDGITDLRDETSLRTGVRVVIDVRKDANASVILNNLYKQTPLQTSFGVNMIALVNGRPKLINLKEALVHYLEHQ
KTVVRRRTQYNLRKAKDRAHILEGLRIALDHIDEIISTIRESDTDKVAMESLQQRFKLSEKQAQAILDMRLRRLTGLERD
KIEAEYNELLNYISELETILADEEVLLQLVRDELTEIRDRFGDDRRTEIQLG
;
A,B
2 'polydeoxyribonucleotide' (DA)(DG)(DC)(DC)(DG)(DT)(DA)(DG)(DG)(DG)(DC)(DC)(DC)(DT)(DA)(DC)(DG)(DG)(DC)(DT) C,D
#
loop_
_chem_comp.id
_chem_comp.type
_chem_comp.name
_chem_comp.formula
61I non-polymer 4-{[(1-{[(6R)-1-chloro-6,7-dihydro-5H-cyclopenta[c]pyridin-6-yl]methyl}azetidin-3-yl)methyl]amino}-6-fluoro-2H-1-benzopyran-2-one 'C22 H21 Cl F N3 O2'
ACT non-polymer 'ACETATE ION' 'C2 H3 O2 -1'
CL non-polymer 'CHLORIDE ION' 'Cl -1'
DA DNA linking 2'-DEOXYADENOSINE-5'-MONOPHOSPHATE 'C10 H14 N5 O6 P'
DC DNA linking 2'-DEOXYCYTIDINE-5'-MONOPHOSPHATE 'C9 H14 N3 O7 P'
DG DNA linking 2'-DEOXYGUANOSINE-5'-MONOPHOSPHATE 'C10 H14 N5 O7 P'
DT DNA linking THYMIDINE-5'-MONOPHOSPHATE 'C10 H15 N2 O8 P'
MN non-polymer 'MANGANESE (II) ION' 'Mn 2'
#
# COMPACT_ATOMS: atom_id res chain seq x y z
N LYS A 9 -4.17 14.37 22.70
CA LYS A 9 -4.45 15.80 22.78
C LYS A 9 -5.93 16.05 22.71
N LEU A 10 -6.50 16.60 23.78
CA LEU A 10 -7.93 16.85 23.82
C LEU A 10 -8.24 18.10 23.02
N ALA A 11 -9.27 18.01 22.20
CA ALA A 11 -9.85 19.18 21.55
C ALA A 11 -11.02 19.61 22.40
N ASP A 12 -10.79 20.58 23.26
CA ASP A 12 -11.84 20.99 24.17
C ASP A 12 -12.82 21.91 23.45
N CYS A 13 -14.01 22.03 24.02
CA CYS A 13 -15.00 22.96 23.51
C CYS A 13 -14.78 24.33 24.12
N SER A 14 -15.17 25.36 23.38
CA SER A 14 -14.96 26.72 23.84
C SER A 14 -15.71 26.97 25.14
N SER A 15 -16.95 26.51 25.24
CA SER A 15 -17.71 26.67 26.46
C SER A 15 -17.05 25.89 27.61
N LYS A 16 -17.45 26.25 28.83
CA LYS A 16 -16.88 25.68 30.04
C LYS A 16 -17.96 25.42 31.10
N SER A 17 -19.13 24.95 30.67
CA SER A 17 -20.24 24.63 31.59
C SER A 17 -20.57 23.13 31.54
N PRO A 18 -20.14 22.36 32.53
CA PRO A 18 -20.26 20.89 32.48
C PRO A 18 -21.65 20.39 32.17
N GLU A 19 -22.65 21.21 32.50
CA GLU A 19 -24.03 20.80 32.33
C GLU A 19 -24.32 20.43 30.88
N GLU A 20 -23.75 21.16 29.94
CA GLU A 20 -24.05 20.94 28.53
C GLU A 20 -22.88 20.37 27.76
N CYS A 21 -21.87 19.84 28.43
CA CYS A 21 -20.62 19.51 27.78
C CYS A 21 -20.44 18.02 27.62
N GLU A 22 -20.07 17.63 26.41
CA GLU A 22 -19.94 16.24 26.01
C GLU A 22 -18.53 16.02 25.53
N ILE A 23 -17.93 14.93 25.98
CA ILE A 23 -16.63 14.54 25.49
C ILE A 23 -16.81 13.25 24.71
N PHE A 24 -16.30 13.22 23.49
CA PHE A 24 -16.36 12.07 22.62
C PHE A 24 -15.00 11.38 22.62
N LEU A 25 -14.99 10.10 22.97
CA LEU A 25 -13.77 9.31 23.00
C LEU A 25 -13.72 8.45 21.75
N VAL A 26 -12.67 8.63 20.95
CA VAL A 26 -12.53 7.93 19.68
C VAL A 26 -11.15 7.29 19.59
N GLU A 27 -11.01 6.37 18.64
CA GLU A 27 -9.87 5.46 18.64
C GLU A 27 -8.56 6.16 18.36
N GLY A 28 -8.57 7.19 17.54
CA GLY A 28 -7.31 7.79 17.18
C GLY A 28 -7.53 9.11 16.50
N ASP A 29 -6.45 9.62 15.91
CA ASP A 29 -6.51 10.93 15.27
C ASP A 29 -7.13 10.85 13.89
N SER A 30 -7.05 9.70 13.21
CA SER A 30 -7.80 9.54 11.98
C SER A 30 -9.30 9.68 12.25
N ALA A 31 -9.81 8.95 13.25
CA ALA A 31 -11.19 9.13 13.64
C ALA A 31 -11.42 10.53 14.18
N GLY A 32 -10.43 11.10 14.86
CA GLY A 32 -10.63 12.39 15.48
C GLY A 32 -10.81 13.52 14.48
N GLY A 33 -10.16 13.41 13.33
CA GLY A 33 -10.33 14.39 12.27
C GLY A 33 -11.77 14.61 11.87
N SER A 34 -12.42 13.58 11.32
CA SER A 34 -13.81 13.73 10.88
C SER A 34 -14.70 14.19 12.03
N THR A 35 -14.52 13.63 13.22
CA THR A 35 -15.28 14.04 14.39
C THR A 35 -15.14 15.54 14.65
N LYS A 36 -13.92 16.05 14.60
CA LYS A 36 -13.70 17.47 14.81
C LYS A 36 -14.37 18.30 13.72
N SER A 37 -14.34 17.80 12.48
CA SER A 37 -14.89 18.57 11.37
C SER A 37 -16.41 18.65 11.40
N GLY A 38 -17.07 17.71 12.04
CA GLY A 38 -18.52 17.70 11.98
C GLY A 38 -19.16 18.05 13.30
N ARG A 39 -18.38 18.00 14.37
CA ARG A 39 -18.93 18.27 15.68
C ARG A 39 -19.42 19.71 15.79
N ASP A 40 -19.85 20.04 16.99
CA ASP A 40 -20.22 21.39 17.40
C ASP A 40 -19.12 21.84 18.35
N SER A 41 -18.16 22.62 17.84
CA SER A 41 -17.02 23.01 18.63
C SER A 41 -17.43 23.71 19.91
N ARG A 42 -18.65 24.24 19.95
CA ARG A 42 -19.09 24.97 21.13
C ARG A 42 -19.22 24.06 22.34
N THR A 43 -19.81 22.87 22.15
CA THR A 43 -20.24 22.05 23.27
C THR A 43 -19.69 20.65 23.29
N GLN A 44 -18.97 20.23 22.25
CA GLN A 44 -18.56 18.84 22.12
C GLN A 44 -17.05 18.82 22.09
N ALA A 45 -16.44 18.28 23.13
CA ALA A 45 -15.00 18.10 23.20
C ALA A 45 -14.66 16.71 22.72
N ILE A 46 -13.45 16.55 22.20
CA ILE A 46 -13.02 15.29 21.61
C ILE A 46 -11.67 14.90 22.17
N LEU A 47 -11.55 13.64 22.56
CA LEU A 47 -10.29 13.10 23.05
C LEU A 47 -9.96 11.87 22.24
N PRO A 48 -9.03 11.94 21.30
CA PRO A 48 -8.67 10.74 20.55
C PRO A 48 -7.74 9.88 21.38
N LEU A 49 -7.96 8.58 21.36
CA LEU A 49 -7.07 7.74 22.14
C LEU A 49 -6.04 7.12 21.21
N ARG A 50 -5.57 5.91 21.50
CA ARG A 50 -4.53 5.26 20.72
C ARG A 50 -4.76 3.75 20.63
N GLY A 51 -5.92 3.35 20.08
CA GLY A 51 -6.14 1.94 19.85
C GLY A 51 -6.44 1.20 21.15
N LYS A 52 -6.12 -0.10 21.14
CA LYS A 52 -6.37 -0.95 22.31
C LYS A 52 -5.81 -0.28 23.55
N ILE A 53 -6.66 -0.07 24.54
CA ILE A 53 -6.24 0.61 25.74
C ILE A 53 -6.03 -0.39 26.85
N LEU A 54 -5.32 0.05 27.87
CA LEU A 54 -4.86 -0.84 28.93
C LEU A 54 -6.02 -1.58 29.57
N ASN A 55 -5.84 -2.88 29.73
CA ASN A 55 -6.84 -3.67 30.45
C ASN A 55 -6.60 -3.44 31.92
N VAL A 56 -7.36 -2.53 32.51
CA VAL A 56 -7.08 -2.17 33.90
C VAL A 56 -7.38 -3.33 34.81
N GLU A 57 -8.19 -4.28 34.37
CA GLU A 57 -8.44 -5.44 35.21
C GLU A 57 -7.19 -6.29 35.36
N LYS A 58 -6.26 -6.22 34.40
CA LYS A 58 -5.08 -7.07 34.40
C LYS A 58 -3.81 -6.33 34.73
N ALA A 59 -3.86 -5.02 34.93
CA ALA A 59 -2.63 -4.26 35.11
C ALA A 59 -2.34 -4.00 36.59
N ARG A 60 -1.11 -3.54 36.84
CA ARG A 60 -0.65 -3.17 38.18
C ARG A 60 -0.86 -1.68 38.38
N LEU A 61 -1.25 -1.30 39.61
CA LEU A 61 -1.71 0.05 39.87
C LEU A 61 -0.72 1.11 39.40
N ASP A 62 0.52 1.05 39.89
CA ASP A 62 1.53 2.00 39.46
C ASP A 62 1.62 2.07 37.94
N ARG A 63 1.74 0.91 37.29
CA ARG A 63 1.71 0.88 35.84
C ARG A 63 0.47 1.59 35.30
N ILE A 64 -0.67 1.36 35.92
CA ILE A 64 -1.90 2.02 35.49
C ILE A 64 -1.77 3.52 35.66
N LEU A 65 -1.33 3.94 36.84
CA LEU A 65 -1.20 5.37 37.10
C LEU A 65 -0.27 6.05 36.12
N ASN A 66 0.60 5.29 35.47
CA ASN A 66 1.55 5.85 34.54
C ASN A 66 1.17 5.57 33.10
N ASN A 67 -0.04 5.12 32.83
CA ASN A 67 -0.45 4.97 31.45
C ASN A 67 -0.87 6.32 30.89
N ASN A 68 -0.35 6.63 29.69
CA ASN A 68 -0.52 7.94 29.11
C ASN A 68 -1.98 8.24 28.77
N GLU A 69 -2.66 7.31 28.09
CA GLU A 69 -4.02 7.57 27.68
C GLU A 69 -4.97 7.60 28.87
N ILE A 70 -4.70 6.78 29.88
CA ILE A 70 -5.44 6.88 31.12
C ILE A 70 -5.34 8.28 31.70
N ARG A 71 -4.11 8.73 31.92
CA ARG A 71 -3.87 10.05 32.50
C ARG A 71 -4.62 11.13 31.75
N GLN A 72 -4.83 10.92 30.46
CA GLN A 72 -5.45 11.95 29.66
C GLN A 72 -6.94 12.04 29.92
N MET A 73 -7.62 10.90 30.02
CA MET A 73 -9.05 10.96 30.32
C MET A 73 -9.27 11.58 31.67
N ILE A 74 -8.51 11.14 32.67
CA ILE A 74 -8.57 11.74 34.01
C ILE A 74 -8.39 13.26 33.92
N THR A 75 -7.22 13.68 33.46
CA THR A 75 -6.94 15.10 33.31
C THR A 75 -8.08 15.79 32.59
N ALA A 76 -8.53 15.18 31.50
CA ALA A 76 -9.67 15.72 30.79
C ALA A 76 -10.91 15.71 31.65
N PHE A 77 -11.12 14.62 32.38
CA PHE A 77 -12.33 14.55 33.19
C PHE A 77 -12.23 15.51 34.36
N GLY A 78 -11.01 15.75 34.86
CA GLY A 78 -10.86 16.70 35.94
C GLY A 78 -11.56 16.33 37.22
N THR A 79 -11.78 15.03 37.47
CA THR A 79 -12.50 14.56 38.65
C THR A 79 -11.69 13.61 39.50
N GLY A 80 -10.42 13.39 39.19
CA GLY A 80 -9.67 12.38 39.95
C GLY A 80 -10.31 11.00 39.80
N ILE A 81 -9.80 10.06 40.58
CA ILE A 81 -10.18 8.66 40.47
C ILE A 81 -10.29 7.99 41.82
N GLY A 82 -11.02 6.88 41.84
CA GLY A 82 -11.09 6.06 43.04
C GLY A 82 -11.50 6.87 44.25
N GLY A 83 -10.71 6.78 45.31
CA GLY A 83 -10.95 7.55 46.52
C GLY A 83 -11.15 9.03 46.26
N ASP A 84 -10.15 9.68 45.68
CA ASP A 84 -10.21 11.11 45.47
C ASP A 84 -11.06 11.47 44.26
N PHE A 85 -12.04 10.63 43.93
CA PHE A 85 -12.91 10.94 42.81
C PHE A 85 -13.92 11.98 43.26
N ASP A 86 -14.00 13.09 42.54
CA ASP A 86 -14.92 14.16 42.92
C ASP A 86 -15.82 14.46 41.74
N LEU A 87 -16.92 13.72 41.67
CA LEU A 87 -17.94 13.95 40.64
C LEU A 87 -18.23 15.42 40.48
N ALA A 88 -18.26 16.17 41.58
CA ALA A 88 -18.54 17.60 41.46
C ALA A 88 -17.53 18.28 40.57
N LYS A 89 -16.32 17.76 40.50
CA LYS A 89 -15.29 18.35 39.64
C LYS A 89 -15.42 17.91 38.19
N ALA A 90 -16.53 17.28 37.83
CA ALA A 90 -16.73 16.85 36.45
C ALA A 90 -16.66 18.04 35.51
N ARG A 91 -16.01 17.84 34.37
CA ARG A 91 -15.90 18.86 33.36
C ARG A 91 -16.83 18.60 32.16
N TYR A 92 -17.62 17.54 32.21
CA TYR A 92 -18.59 17.19 31.18
C TYR A 92 -19.66 16.35 31.83
N HIS A 93 -20.88 16.44 31.32
CA HIS A 93 -21.93 15.58 31.83
C HIS A 93 -22.28 14.45 30.87
N LYS A 94 -21.56 14.34 29.77
CA LYS A 94 -21.73 13.20 28.86
C LYS A 94 -20.34 12.77 28.42
N ILE A 95 -19.96 11.56 28.81
CA ILE A 95 -18.75 10.95 28.29
C ILE A 95 -19.24 9.94 27.27
N VAL A 96 -18.99 10.23 26.00
CA VAL A 96 -19.60 9.50 24.90
C VAL A 96 -18.52 8.64 24.28
N ILE A 97 -18.73 7.34 24.33
CA ILE A 97 -17.78 6.39 23.76
C ILE A 97 -18.15 6.21 22.30
N MET A 98 -17.27 6.66 21.42
CA MET A 98 -17.52 6.59 19.99
C MET A 98 -16.38 5.82 19.34
N THR A 99 -16.30 4.54 19.66
CA THR A 99 -15.30 3.73 19.01
C THR A 99 -15.77 3.41 17.60
N ASP A 100 -14.86 2.92 16.77
CA ASP A 100 -15.27 2.52 15.43
C ASP A 100 -16.27 1.38 15.53
N ALA A 101 -17.05 1.22 14.46
CA ALA A 101 -18.09 0.20 14.41
C ALA A 101 -17.53 -1.12 13.86
N ASP A 102 -16.57 -1.66 14.59
CA ASP A 102 -16.00 -2.97 14.32
C ASP A 102 -15.78 -3.68 15.65
N VAL A 103 -15.48 -4.98 15.57
CA VAL A 103 -15.34 -5.79 16.79
C VAL A 103 -14.25 -5.22 17.67
N ASP A 104 -13.22 -4.66 17.06
CA ASP A 104 -12.14 -4.06 17.83
C ASP A 104 -12.61 -2.78 18.50
N GLY A 105 -13.48 -2.00 17.85
CA GLY A 105 -14.15 -0.92 18.56
C GLY A 105 -14.93 -1.44 19.75
N ALA A 106 -15.58 -2.59 19.59
CA ALA A 106 -16.34 -3.17 20.69
C ALA A 106 -15.42 -3.61 21.82
N HIS A 107 -14.32 -4.26 21.48
CA HIS A 107 -13.32 -4.57 22.50
C HIS A 107 -12.92 -3.32 23.26
N ILE A 108 -12.53 -2.29 22.50
CA ILE A 108 -12.08 -1.05 23.11
C ILE A 108 -13.18 -0.48 23.96
N ARG A 109 -14.43 -0.65 23.54
CA ARG A 109 -15.53 -0.25 24.39
C ARG A 109 -15.43 -0.95 25.72
N THR A 110 -15.29 -2.27 25.71
CA THR A 110 -15.24 -3.03 26.95
C THR A 110 -14.09 -2.58 27.82
N LEU A 111 -13.01 -2.13 27.20
CA LEU A 111 -11.85 -1.73 27.98
C LEU A 111 -12.09 -0.38 28.65
N LEU A 112 -12.81 0.51 27.98
CA LEU A 112 -13.11 1.81 28.57
C LEU A 112 -14.02 1.65 29.78
N LEU A 113 -15.13 0.97 29.58
CA LEU A 113 -16.05 0.70 30.66
C LEU A 113 -15.31 0.16 31.87
N THR A 114 -14.46 -0.82 31.61
CA THR A 114 -13.72 -1.43 32.70
C THR A 114 -13.02 -0.36 33.52
N PHE A 115 -12.40 0.60 32.86
CA PHE A 115 -11.72 1.65 33.59
C PHE A 115 -12.70 2.54 34.31
N PHE A 116 -13.75 2.95 33.61
CA PHE A 116 -14.76 3.77 34.27
C PHE A 116 -15.29 3.07 35.48
N TYR A 117 -15.79 1.84 35.28
CA TYR A 117 -16.36 1.11 36.39
C TYR A 117 -15.39 1.04 37.55
N ARG A 118 -14.18 0.56 37.29
CA ARG A 118 -13.28 0.31 38.39
C ARG A 118 -12.81 1.59 39.06
N PHE A 119 -12.83 2.71 38.36
CA PHE A 119 -12.21 3.91 38.89
C PHE A 119 -13.08 5.12 38.87
N MET A 120 -14.10 5.12 38.04
CA MET A 120 -14.96 6.28 37.95
C MET A 120 -16.38 5.82 37.95
N ARG A 121 -16.60 4.71 38.62
CA ARG A 121 -17.89 4.09 38.79
C ARG A 121 -19.01 5.11 39.01
N PRO A 122 -18.80 6.16 39.82
CA PRO A 122 -19.85 7.18 39.94
C PRO A 122 -20.34 7.71 38.62
N LEU A 123 -19.45 8.03 37.69
CA LEU A 123 -19.86 8.55 36.39
C LEU A 123 -21.01 7.74 35.84
N ILE A 124 -20.85 6.43 35.84
CA ILE A 124 -21.91 5.57 35.34
C ILE A 124 -23.11 5.65 36.25
N GLU A 125 -22.87 5.53 37.57
CA GLU A 125 -23.93 5.71 38.55
C GLU A 125 -24.69 6.99 38.26
N ALA A 126 -23.97 8.09 38.03
CA ALA A 126 -24.59 9.34 37.66
C ALA A 126 -25.13 9.35 36.25
N GLY A 127 -25.03 8.24 35.51
CA GLY A 127 -25.53 8.21 34.15
C GLY A 127 -24.82 9.13 33.21
N TYR A 128 -23.59 9.52 33.52
CA TYR A 128 -22.87 10.41 32.63
C TYR A 128 -22.24 9.69 31.45
N VAL A 129 -22.24 8.38 31.43
CA VAL A 129 -21.54 7.66 30.38
C VAL A 129 -22.54 7.32 29.30
N TYR A 130 -22.12 7.50 28.06
CA TYR A 130 -22.96 7.29 26.91
C TYR A 130 -22.15 6.59 25.83
N ILE A 131 -22.85 6.00 24.87
CA ILE A 131 -22.24 5.21 23.81
C ILE A 131 -22.75 5.74 22.49
N ALA A 132 -21.88 6.38 21.72
CA ALA A 132 -22.32 6.75 20.39
C ALA A 132 -22.56 5.50 19.58
N GLN A 133 -23.37 5.64 18.53
CA GLN A 133 -23.76 4.51 17.69
C GLN A 133 -23.49 4.84 16.23
N PRO A 134 -22.22 4.91 15.85
CA PRO A 134 -21.88 5.14 14.45
C PRO A 134 -22.42 4.00 13.58
N PRO A 135 -22.81 4.30 12.36
CA PRO A 135 -23.37 3.26 11.48
C PRO A 135 -22.30 2.34 10.93
N THR A 136 -22.70 1.10 10.67
CA THR A 136 -21.79 0.11 10.14
C THR A 136 -21.39 0.49 8.72
N GLY A 137 -20.68 -0.42 8.06
CA GLY A 137 -20.25 -0.16 6.69
C GLY A 137 -19.01 0.67 6.55
N TYR A 138 -18.43 1.15 7.64
CA TYR A 138 -17.24 1.97 7.59
C TYR A 138 -16.10 1.28 8.32
N LYS A 139 -14.87 1.59 7.89
CA LYS A 139 -13.68 1.00 8.50
C LYS A 139 -13.42 1.61 9.87
N GLY A 140 -13.36 2.92 9.93
CA GLY A 140 -13.25 3.66 11.17
C GLY A 140 -13.99 4.95 10.91
N LEU A 141 -13.94 5.90 11.84
CA LEU A 141 -14.67 7.14 11.59
C LEU A 141 -13.95 8.05 10.60
N GLY A 142 -12.68 7.79 10.30
CA GLY A 142 -12.00 8.56 9.28
C GLY A 142 -12.47 8.29 7.87
N GLU A 143 -13.18 7.17 7.66
CA GLU A 143 -13.78 6.89 6.36
C GLU A 143 -15.09 7.62 6.16
N MET A 144 -15.60 8.29 7.18
CA MET A 144 -16.85 9.03 7.06
C MET A 144 -16.57 10.46 6.63
N ASN A 145 -17.52 11.04 5.92
CA ASN A 145 -17.51 12.46 5.71
C ASN A 145 -18.12 13.12 6.94
N ALA A 146 -17.51 14.24 7.34
CA ALA A 146 -17.90 14.91 8.58
C ALA A 146 -19.40 15.08 8.67
N ASP A 147 -20.04 15.50 7.59
CA ASP A 147 -21.48 15.70 7.62
C ASP A 147 -22.20 14.40 7.96
N GLN A 148 -21.76 13.29 7.39
CA GLN A 148 -22.39 12.02 7.71
C GLN A 148 -22.22 11.69 9.19
N LEU A 149 -21.05 11.96 9.74
CA LEU A 149 -20.81 11.62 11.14
C LEU A 149 -21.66 12.47 12.05
N TRP A 150 -21.70 13.78 11.79
CA TRP A 150 -22.53 14.68 12.57
C TRP A 150 -23.99 14.25 12.54
N GLU A 151 -24.51 13.98 11.34
CA GLU A 151 -25.92 13.71 11.21
C GLU A 151 -26.32 12.42 11.91
N THR A 152 -25.61 11.35 11.61
CA THR A 152 -25.98 10.04 12.14
C THR A 152 -25.54 9.85 13.58
N THR A 153 -24.55 10.58 14.03
CA THR A 153 -23.98 10.16 15.30
C THR A 153 -23.86 11.28 16.31
N MET A 154 -23.62 12.51 15.87
CA MET A 154 -23.28 13.57 16.80
C MET A 154 -24.35 14.62 16.94
N ASN A 155 -25.19 14.77 15.96
CA ASN A 155 -26.25 15.75 16.09
C ASN A 155 -27.25 15.26 17.13
N PRO A 156 -27.51 16.03 18.19
CA PRO A 156 -28.44 15.59 19.22
C PRO A 156 -29.87 15.48 18.74
N GLU A 157 -30.17 15.96 17.56
CA GLU A 157 -31.52 15.92 17.04
C GLU A 157 -31.81 14.65 16.25
N HIS A 158 -30.79 13.92 15.84
CA HIS A 158 -30.99 12.68 15.10
C HIS A 158 -30.24 11.49 15.64
N ARG A 159 -29.21 11.71 16.46
CA ARG A 159 -28.42 10.61 16.98
C ARG A 159 -29.30 9.69 17.82
N ALA A 160 -28.76 8.52 18.13
CA ALA A 160 -29.42 7.55 18.99
C ALA A 160 -28.41 7.08 20.04
N LEU A 161 -28.06 7.98 20.94
CA LEU A 161 -27.17 7.62 22.04
C LEU A 161 -27.83 6.60 22.94
N LEU A 162 -26.99 5.86 23.66
CA LEU A 162 -27.42 4.99 24.73
C LEU A 162 -26.72 5.45 26.00
N GLN A 163 -27.48 5.67 27.05
CA GLN A 163 -26.87 6.01 28.32
C GLN A 163 -26.56 4.73 29.07
N VAL A 164 -25.40 4.73 29.71
CA VAL A 164 -24.96 3.53 30.42
C VAL A 164 -25.66 3.48 31.77
N LYS A 165 -26.19 2.32 32.11
CA LYS A 165 -26.95 2.16 33.33
C LYS A 165 -26.48 0.94 34.08
N LEU A 166 -25.95 1.16 35.27
CA LEU A 166 -25.68 0.08 36.20
C LEU A 166 -26.99 -0.36 36.83
N GLU A 167 -27.12 -1.65 37.05
CA GLU A 167 -28.36 -2.16 37.62
C GLU A 167 -28.15 -3.11 38.78
N ASP A 168 -27.08 -3.91 38.74
CA ASP A 168 -26.78 -4.82 39.84
C ASP A 168 -25.27 -4.89 39.97
N ALA A 169 -24.75 -4.29 41.04
CA ALA A 169 -23.31 -4.11 41.20
C ALA A 169 -22.59 -5.41 41.48
N ILE A 170 -23.25 -6.35 42.17
CA ILE A 170 -22.65 -7.66 42.31
C ILE A 170 -22.58 -8.35 40.97
N GLU A 171 -23.64 -8.23 40.18
CA GLU A 171 -23.67 -8.81 38.85
C GLU A 171 -22.58 -8.19 37.98
N ALA A 172 -22.56 -6.86 37.91
CA ALA A 172 -21.51 -6.18 37.19
C ALA A 172 -20.14 -6.59 37.68
N ASP A 173 -19.97 -6.66 38.99
CA ASP A 173 -18.69 -7.06 39.56
C ASP A 173 -18.25 -8.40 38.99
N GLN A 174 -19.03 -9.44 39.26
CA GLN A 174 -18.70 -10.76 38.75
C GLN A 174 -18.45 -10.74 37.26
N THR A 175 -19.19 -9.92 36.54
CA THR A 175 -19.08 -9.92 35.10
C THR A 175 -17.76 -9.32 34.66
N PHE A 176 -17.47 -8.10 35.11
CA PHE A 176 -16.21 -7.46 34.73
C PHE A 176 -15.04 -8.37 35.04
N GLU A 177 -15.05 -8.97 36.22
CA GLU A 177 -13.94 -9.85 36.57
C GLU A 177 -13.91 -11.07 35.66
N MET A 178 -15.08 -11.67 35.43
CA MET A 178 -15.14 -12.77 34.49
C MET A 178 -14.57 -12.39 33.15
N LEU A 179 -15.03 -11.26 32.60
CA LEU A 179 -14.69 -10.96 31.21
C LEU A 179 -13.25 -10.48 31.09
N MET A 180 -12.85 -9.55 31.95
CA MET A 180 -11.57 -8.87 31.83
C MET A 180 -10.53 -9.42 32.78
N GLY A 181 -10.92 -10.28 33.71
CA GLY A 181 -9.97 -10.79 34.67
C GLY A 181 -8.94 -11.67 34.02
N ASP A 182 -7.87 -11.95 34.77
CA ASP A 182 -6.77 -12.75 34.26
C ASP A 182 -7.05 -14.24 34.29
N VAL A 183 -8.25 -14.66 34.70
CA VAL A 183 -8.61 -16.07 34.75
C VAL A 183 -9.17 -16.45 33.39
N VAL A 184 -8.37 -17.13 32.58
CA VAL A 184 -8.75 -17.40 31.20
C VAL A 184 -9.97 -18.31 31.16
N GLU A 185 -10.07 -19.25 32.10
CA GLU A 185 -11.03 -20.35 31.93
C GLU A 185 -12.46 -19.87 32.05
N ASN A 186 -12.77 -19.00 33.03
CA ASN A 186 -14.13 -18.49 33.13
C ASN A 186 -14.53 -17.73 31.88
N ARG A 187 -13.55 -17.06 31.27
CA ARG A 187 -13.77 -16.44 29.98
C ARG A 187 -14.09 -17.49 28.94
N ARG A 188 -13.37 -18.61 28.96
CA ARG A 188 -13.60 -19.66 27.98
C ARG A 188 -14.96 -20.32 28.18
N GLN A 189 -15.32 -20.62 29.42
CA GLN A 189 -16.65 -21.20 29.67
C GLN A 189 -17.72 -20.28 29.12
N PHE A 190 -17.60 -18.99 29.43
CA PHE A 190 -18.58 -18.02 28.94
C PHE A 190 -18.75 -18.10 27.44
N ILE A 191 -17.64 -18.22 26.70
CA ILE A 191 -17.76 -18.32 25.25
C ILE A 191 -18.51 -19.58 24.88
N GLU A 192 -17.97 -20.73 25.29
CA GLU A 192 -18.65 -21.98 24.95
C GLU A 192 -20.07 -22.00 25.45
N ASP A 193 -20.35 -21.33 26.58
CA ASP A 193 -21.72 -21.27 27.04
C ASP A 193 -22.58 -20.43 26.11
N ASN A 194 -22.03 -19.33 25.62
CA ASN A 194 -22.84 -18.35 24.92
C ASN A 194 -22.32 -18.11 23.51
N ALA A 195 -21.62 -19.08 22.94
CA ALA A 195 -21.14 -18.94 21.57
C ALA A 195 -22.27 -19.17 20.60
N VAL A 196 -22.39 -18.31 19.60
CA VAL A 196 -23.37 -18.45 18.54
C VAL A 196 -22.62 -18.37 17.22
N TYR A 197 -22.74 -19.41 16.40
CA TYR A 197 -21.97 -19.52 15.16
C TYR A 197 -22.86 -19.42 13.92
N ASN A 211 -31.92 4.46 23.23
CA ASN A 211 -32.56 4.13 24.49
C ASN A 211 -31.54 4.12 25.61
N GLU A 212 -31.64 3.11 26.47
CA GLU A 212 -30.64 2.84 27.49
C GLU A 212 -30.03 1.46 27.23
N ARG A 213 -29.08 1.10 28.10
CA ARG A 213 -28.34 -0.14 27.90
C ARG A 213 -27.80 -0.55 29.24
N ASN A 214 -28.14 -1.76 29.68
CA ASN A 214 -27.53 -2.30 30.88
C ASN A 214 -26.05 -2.52 30.63
N ILE A 215 -25.24 -2.13 31.62
CA ILE A 215 -23.80 -2.22 31.45
C ILE A 215 -23.36 -3.67 31.40
N THR A 216 -24.03 -4.54 32.15
CA THR A 216 -23.70 -5.95 32.07
C THR A 216 -24.06 -6.49 30.70
N SER A 217 -25.25 -6.14 30.22
CA SER A 217 -25.66 -6.59 28.90
C SER A 217 -24.67 -6.17 27.84
N GLU A 218 -24.25 -4.91 27.87
CA GLU A 218 -23.39 -4.43 26.82
C GLU A 218 -22.03 -5.11 26.88
N MET A 219 -21.41 -5.11 28.06
CA MET A 219 -20.12 -5.75 28.22
C MET A 219 -20.17 -7.20 27.75
N ARG A 220 -21.08 -7.97 28.30
CA ARG A 220 -21.29 -9.33 27.81
C ARG A 220 -21.39 -9.36 26.29
N GLU A 221 -22.22 -8.48 25.73
CA GLU A 221 -22.46 -8.58 24.29
C GLU A 221 -21.28 -8.07 23.49
N SER A 222 -20.74 -6.91 23.85
CA SER A 222 -19.57 -6.40 23.16
C SER A 222 -18.45 -7.42 23.19
N PHE A 223 -18.09 -7.87 24.40
CA PHE A 223 -16.93 -8.73 24.54
C PHE A 223 -17.12 -10.03 23.80
N LEU A 224 -18.30 -10.63 23.91
CA LEU A 224 -18.52 -11.89 23.20
C LEU A 224 -18.37 -11.68 21.71
N ASP A 225 -18.89 -10.58 21.20
CA ASP A 225 -18.75 -10.30 19.78
C ASP A 225 -17.29 -10.24 19.38
N TYR A 226 -16.47 -9.58 20.19
CA TYR A 226 -15.05 -9.50 19.90
C TYR A 226 -14.42 -10.88 19.92
N ALA A 227 -14.69 -11.65 20.97
CA ALA A 227 -14.05 -12.95 21.13
C ALA A 227 -14.43 -13.89 20.00
N MET A 228 -15.72 -13.95 19.68
CA MET A 228 -16.17 -14.75 18.55
C MET A 228 -15.29 -14.50 17.34
N SER A 229 -15.22 -13.23 16.95
CA SER A 229 -14.57 -12.87 15.71
C SER A 229 -13.13 -13.36 15.67
N VAL A 230 -12.43 -13.20 16.79
CA VAL A 230 -11.01 -13.55 16.83
C VAL A 230 -10.85 -15.06 16.83
N ILE A 231 -11.82 -15.76 17.38
CA ILE A 231 -11.75 -17.22 17.41
C ILE A 231 -12.00 -17.77 16.03
N VAL A 232 -13.02 -17.28 15.34
CA VAL A 232 -13.40 -17.85 14.06
C VAL A 232 -12.83 -17.11 12.87
N ALA A 233 -12.30 -15.91 13.04
CA ALA A 233 -11.89 -15.17 11.87
C ALA A 233 -10.66 -14.34 12.14
N ARG A 234 -9.63 -14.93 12.75
CA ARG A 234 -8.37 -14.22 12.85
C ARG A 234 -7.19 -15.09 13.30
N ALA A 235 -7.34 -15.75 14.44
CA ALA A 235 -6.20 -16.24 15.20
C ALA A 235 -5.98 -17.74 15.09
N LEU A 236 -6.95 -18.48 14.56
CA LEU A 236 -6.86 -19.91 14.50
C LEU A 236 -6.85 -20.37 13.06
N PRO A 237 -6.08 -21.39 12.74
CA PRO A 237 -6.05 -21.90 11.37
C PRO A 237 -7.20 -22.85 11.15
N ASP A 238 -7.50 -23.08 9.89
CA ASP A 238 -8.53 -24.06 9.57
C ASP A 238 -7.90 -25.43 9.49
N VAL A 239 -8.57 -26.43 10.07
CA VAL A 239 -8.00 -27.76 10.08
C VAL A 239 -7.81 -28.27 8.66
N ARG A 240 -8.65 -27.79 7.74
CA ARG A 240 -8.61 -28.34 6.40
C ARG A 240 -7.38 -27.87 5.65
N ASP A 241 -7.10 -26.57 5.69
CA ASP A 241 -5.95 -26.04 4.97
C ASP A 241 -4.93 -25.42 5.90
N GLY A 242 -5.14 -25.51 7.20
CA GLY A 242 -4.13 -25.00 8.08
C GLY A 242 -3.97 -23.52 8.02
N LEU A 243 -4.85 -22.81 7.32
CA LEU A 243 -4.65 -21.39 7.10
C LEU A 243 -5.47 -20.57 8.07
N LYS A 244 -4.90 -19.46 8.48
CA LYS A 244 -5.67 -18.37 9.03
C LYS A 244 -6.17 -17.49 7.91
N PRO A 245 -7.25 -16.75 8.17
CA PRO A 245 -7.81 -15.87 7.12
C PRO A 245 -6.82 -14.94 6.48
N VAL A 246 -5.86 -14.39 7.22
CA VAL A 246 -4.95 -13.47 6.57
C VAL A 246 -4.08 -14.21 5.58
N HIS A 247 -3.63 -15.39 5.96
CA HIS A 247 -2.78 -16.13 5.03
C HIS A 247 -3.58 -16.53 3.83
N ARG A 248 -4.78 -17.04 4.07
CA ARG A 248 -5.62 -17.49 2.98
C ARG A 248 -5.88 -16.35 1.99
N ARG A 249 -6.28 -15.20 2.51
CA ARG A 249 -6.58 -14.09 1.64
C ARG A 249 -5.34 -13.61 0.93
N ILE A 250 -4.19 -13.70 1.57
CA ILE A 250 -2.96 -13.34 0.90
C ILE A 250 -2.71 -14.26 -0.26
N LEU A 251 -2.61 -15.55 0.03
CA LEU A 251 -2.29 -16.52 -1.00
C LEU A 251 -3.33 -16.46 -2.09
N TYR A 252 -4.59 -16.43 -1.68
CA TYR A 252 -5.65 -16.29 -2.66
C TYR A 252 -5.42 -15.08 -3.53
N GLY A 253 -5.15 -13.94 -2.89
CA GLY A 253 -4.88 -12.74 -3.65
C GLY A 253 -3.74 -12.94 -4.61
N LEU A 254 -2.67 -13.60 -4.15
CA LEU A 254 -1.58 -13.93 -5.06
C LEU A 254 -2.08 -14.73 -6.23
N ASN A 255 -3.10 -15.54 -6.00
CA ASN A 255 -3.58 -16.40 -7.07
C ASN A 255 -4.40 -15.60 -8.06
N GLU A 256 -5.35 -14.81 -7.56
CA GLU A 256 -6.21 -14.00 -8.41
C GLU A 256 -5.41 -13.07 -9.30
N GLN A 257 -4.27 -12.59 -8.83
CA GLN A 257 -3.42 -11.76 -9.65
C GLN A 257 -2.40 -12.57 -10.39
N GLY A 258 -2.54 -13.89 -10.37
CA GLY A 258 -1.63 -14.74 -11.08
C GLY A 258 -0.18 -14.44 -10.77
N MET A 259 0.13 -14.34 -9.48
CA MET A 259 1.52 -14.10 -9.09
C MET A 259 2.20 -15.45 -8.85
N THR A 260 2.32 -16.19 -9.95
CA THR A 260 2.70 -17.57 -9.92
C THR A 260 4.21 -17.68 -10.04
N PRO A 261 4.78 -18.84 -9.66
CA PRO A 261 6.25 -18.98 -9.71
C PRO A 261 6.85 -18.76 -11.08
N ASP A 262 6.11 -19.08 -12.16
CA ASP A 262 6.64 -18.85 -13.50
C ASP A 262 6.69 -17.37 -13.83
N LYS A 263 5.75 -16.57 -13.33
CA LYS A 263 5.79 -15.14 -13.53
C LYS A 263 6.77 -14.50 -12.55
N SER A 264 6.97 -13.20 -12.71
CA SER A 264 7.98 -12.46 -11.96
C SER A 264 7.42 -11.92 -10.65
N TYR A 265 8.34 -11.50 -9.78
CA TYR A 265 7.97 -10.95 -8.47
C TYR A 265 7.22 -9.64 -8.63
N LYS A 266 6.30 -9.38 -7.70
CA LYS A 266 5.54 -8.14 -7.65
C LYS A 266 5.81 -7.44 -6.32
N LYS A 267 5.71 -6.12 -6.32
CA LYS A 267 6.04 -5.37 -5.12
C LYS A 267 5.10 -5.76 -4.00
N SER A 268 5.66 -5.99 -2.82
CA SER A 268 4.86 -6.31 -1.65
C SER A 268 3.82 -5.24 -1.40
N ALA A 269 4.21 -3.98 -1.60
CA ALA A 269 3.33 -2.87 -1.26
C ALA A 269 2.01 -2.95 -2.01
N ARG A 270 2.05 -3.26 -3.29
CA ARG A 270 0.78 -3.26 -4.02
C ARG A 270 -0.02 -4.51 -3.72
N ILE A 271 0.65 -5.66 -3.52
CA ILE A 271 -0.04 -6.83 -3.03
C ILE A 271 -0.79 -6.49 -1.74
N VAL A 272 -0.07 -5.91 -0.78
CA VAL A 272 -0.69 -5.54 0.48
C VAL A 272 -1.89 -4.64 0.23
N GLY A 273 -1.68 -3.56 -0.50
CA GLY A 273 -2.79 -2.70 -0.85
C GLY A 273 -3.91 -3.46 -1.53
N ASP A 274 -3.56 -4.38 -2.41
CA ASP A 274 -4.60 -5.12 -3.10
C ASP A 274 -5.32 -6.06 -2.15
N VAL A 275 -4.57 -6.82 -1.35
CA VAL A 275 -5.23 -7.75 -0.44
C VAL A 275 -6.08 -6.98 0.55
N MET A 276 -5.55 -5.89 1.06
CA MET A 276 -6.28 -5.09 2.03
C MET A 276 -7.58 -4.59 1.46
N GLY A 277 -7.53 -4.01 0.25
CA GLY A 277 -8.75 -3.50 -0.35
C GLY A 277 -9.77 -4.58 -0.62
N LYS A 278 -9.31 -5.69 -1.18
CA LYS A 278 -10.27 -6.72 -1.60
C LYS A 278 -10.67 -7.64 -0.46
N TYR A 279 -9.74 -8.02 0.37
CA TYR A 279 -10.06 -9.17 1.21
C TYR A 279 -9.88 -8.90 2.67
N HIS A 280 -8.86 -8.14 3.04
CA HIS A 280 -8.39 -8.09 4.42
C HIS A 280 -8.43 -6.66 4.92
N PRO A 281 -9.53 -6.22 5.47
CA PRO A 281 -9.64 -4.83 5.93
C PRO A 281 -8.95 -4.63 7.28
N HIS A 282 -7.62 -4.73 7.28
CA HIS A 282 -6.87 -4.58 8.51
C HIS A 282 -5.60 -3.80 8.21
N GLY A 283 -4.76 -3.64 9.23
CA GLY A 283 -3.59 -2.82 9.07
C GLY A 283 -2.57 -3.52 8.18
N ASP A 284 -1.88 -2.71 7.36
CA ASP A 284 -0.88 -3.27 6.46
C ASP A 284 0.19 -4.05 7.20
N SER A 285 0.44 -3.70 8.46
CA SER A 285 1.44 -4.45 9.23
C SER A 285 1.00 -5.89 9.42
N SER A 286 -0.26 -6.09 9.80
CA SER A 286 -0.77 -7.46 9.92
C SER A 286 -0.69 -8.19 8.59
N ILE A 287 -0.91 -7.49 7.48
CA ILE A 287 -0.87 -8.14 6.17
C ILE A 287 0.58 -8.43 5.78
N TYR A 288 1.42 -7.40 5.80
CA TYR A 288 2.78 -7.58 5.32
C TYR A 288 3.50 -8.64 6.15
N GLU A 289 3.41 -8.56 7.47
CA GLU A 289 4.19 -9.45 8.30
C GLU A 289 3.72 -10.89 8.20
N ALA A 290 2.41 -11.11 8.09
CA ALA A 290 1.92 -12.46 7.80
C ALA A 290 2.48 -12.94 6.48
N MET A 291 2.48 -12.08 5.47
CA MET A 291 3.10 -12.44 4.20
C MET A 291 4.57 -12.77 4.40
N VAL A 292 5.27 -11.93 5.16
CA VAL A 292 6.69 -12.13 5.38
C VAL A 292 6.96 -13.47 6.04
N ARG A 293 6.23 -13.76 7.13
CA ARG A 293 6.43 -15.03 7.80
C ARG A 293 6.33 -16.19 6.84
N MET A 294 5.36 -16.16 5.93
CA MET A 294 5.16 -17.28 5.03
C MET A 294 6.31 -17.48 4.07
N ALA A 295 7.26 -16.57 4.06
CA ALA A 295 8.38 -16.64 3.15
C ALA A 295 9.69 -16.93 3.84
N GLN A 296 9.73 -17.00 5.16
CA GLN A 296 10.98 -17.18 5.87
C GLN A 296 11.27 -18.66 6.03
N ASP A 297 12.41 -19.10 5.52
CA ASP A 297 12.69 -20.52 5.54
C ASP A 297 12.97 -21.02 6.93
N PHE A 298 13.18 -20.12 7.89
CA PHE A 298 13.31 -20.50 9.28
C PHE A 298 12.00 -20.39 10.05
N SER A 299 10.93 -19.89 9.43
CA SER A 299 9.62 -19.89 10.06
C SER A 299 8.68 -20.92 9.48
N TYR A 300 8.63 -21.06 8.16
CA TYR A 300 7.70 -21.99 7.53
C TYR A 300 8.46 -23.24 7.15
N ARG A 301 7.98 -24.40 7.62
CA ARG A 301 8.57 -25.67 7.20
C ARG A 301 8.47 -25.83 5.69
N TYR A 302 7.39 -25.33 5.10
CA TYR A 302 7.25 -25.34 3.65
C TYR A 302 6.76 -23.97 3.23
N PRO A 303 7.68 -23.05 2.95
CA PRO A 303 7.28 -21.68 2.66
C PRO A 303 6.25 -21.58 1.56
N LEU A 304 5.20 -20.83 1.85
CA LEU A 304 4.11 -20.65 0.92
C LEU A 304 4.41 -19.52 -0.05
N VAL A 305 5.25 -18.59 0.37
CA VAL A 305 5.54 -17.41 -0.41
C VAL A 305 7.00 -17.45 -0.82
N ASP A 306 7.25 -16.89 -1.99
CA ASP A 306 8.59 -16.78 -2.57
C ASP A 306 8.94 -15.30 -2.59
N GLY A 307 9.85 -14.89 -1.70
CA GLY A 307 10.16 -13.48 -1.51
C GLY A 307 11.53 -13.08 -2.03
N GLN A 308 11.66 -11.81 -2.43
CA GLN A 308 12.87 -11.26 -3.01
C GLN A 308 13.39 -10.13 -2.14
N GLY A 309 14.53 -10.33 -1.47
CA GLY A 309 15.12 -9.27 -0.65
C GLY A 309 15.18 -9.52 0.85
N ASN A 310 15.34 -8.45 1.64
CA ASN A 310 15.50 -8.54 3.08
C ASN A 310 14.20 -8.94 3.76
N PHE A 311 13.93 -10.25 3.84
CA PHE A 311 12.77 -10.74 4.57
C PHE A 311 13.11 -11.12 6.00
N GLY A 312 14.12 -10.49 6.58
CA GLY A 312 14.43 -10.70 7.97
C GLY A 312 15.41 -11.84 8.17
N SER A 313 15.82 -12.00 9.42
CA SER A 313 16.79 -13.01 9.78
C SER A 313 16.40 -13.65 11.09
N MET A 314 17.07 -14.75 11.40
CA MET A 314 16.91 -15.41 12.68
C MET A 314 17.43 -14.57 13.83
N ASP A 315 18.00 -13.40 13.56
CA ASP A 315 18.42 -12.46 14.58
C ASP A 315 17.31 -11.51 15.00
N GLY A 316 16.09 -11.73 14.52
CA GLY A 316 15.04 -10.80 14.86
C GLY A 316 15.08 -9.54 14.06
N ASP A 317 16.00 -9.43 13.11
CA ASP A 317 15.89 -8.38 12.11
C ASP A 317 14.54 -8.48 11.45
N GLY A 318 13.80 -7.39 11.46
CA GLY A 318 12.57 -7.36 10.71
C GLY A 318 12.85 -7.53 9.23
N ALA A 319 11.76 -7.71 8.48
CA ALA A 319 11.91 -7.62 7.05
C ALA A 319 12.15 -6.17 6.63
N ALA A 320 12.65 -5.99 5.41
CA ALA A 320 12.68 -4.68 4.80
C ALA A 320 11.26 -4.17 4.58
N ALA A 321 11.10 -2.85 4.65
CA ALA A 321 9.81 -2.21 4.42
C ALA A 321 9.21 -2.67 3.10
N MET A 322 7.88 -2.63 3.00
CA MET A 322 7.22 -3.27 1.88
C MET A 322 7.35 -2.51 0.58
N ARG A 323 7.88 -1.28 0.62
CA ARG A 323 8.23 -0.66 -0.66
C ARG A 323 9.47 -1.27 -1.26
N PHE A 324 10.20 -2.08 -0.51
CA PHE A 324 11.45 -2.60 -1.01
C PHE A 324 11.36 -4.02 -1.51
N THR A 325 10.44 -4.81 -1.00
CA THR A 325 10.46 -6.23 -1.27
C THR A 325 9.48 -6.60 -2.36
N GLU A 326 9.60 -7.83 -2.83
CA GLU A 326 8.70 -8.38 -3.83
C GLU A 326 8.46 -9.86 -3.55
N ALA A 327 7.36 -10.38 -4.07
CA ALA A 327 6.93 -11.71 -3.65
C ALA A 327 6.18 -12.42 -4.76
N ARG A 328 6.04 -13.73 -4.59
CA ARG A 328 5.13 -14.53 -5.41
C ARG A 328 4.93 -15.87 -4.72
N MET A 329 3.98 -16.63 -5.24
CA MET A 329 3.72 -17.94 -4.68
C MET A 329 4.96 -18.81 -4.78
N THR A 330 5.10 -19.71 -3.84
CA THR A 330 5.98 -20.84 -4.06
C THR A 330 5.27 -21.83 -4.98
N LYS A 331 6.05 -22.78 -5.51
CA LYS A 331 5.43 -23.89 -6.23
C LYS A 331 4.49 -24.67 -5.35
N ILE A 332 4.85 -24.90 -4.09
CA ILE A 332 3.99 -25.74 -3.29
C ILE A 332 2.67 -25.03 -3.03
N THR A 333 2.69 -23.71 -2.94
CA THR A 333 1.45 -22.97 -2.81
C THR A 333 0.51 -23.31 -3.94
N LEU A 334 1.05 -23.63 -5.13
CA LEU A 334 0.18 -24.03 -6.23
C LEU A 334 -0.64 -25.24 -5.87
N GLU A 335 -0.14 -26.06 -4.96
CA GLU A 335 -0.89 -27.23 -4.57
C GLU A 335 -1.91 -26.89 -3.50
N LEU A 336 -1.68 -25.83 -2.75
CA LEU A 336 -2.73 -25.38 -1.86
C LEU A 336 -3.88 -24.84 -2.67
N LEU A 337 -3.57 -24.23 -3.81
CA LEU A 337 -4.53 -23.53 -4.61
C LEU A 337 -5.02 -24.35 -5.80
N ARG A 338 -4.35 -25.44 -6.11
CA ARG A 338 -4.71 -26.23 -7.29
C ARG A 338 -6.20 -26.49 -7.30
N ASP A 339 -6.82 -26.37 -8.48
CA ASP A 339 -8.22 -26.68 -8.75
C ASP A 339 -9.19 -25.87 -7.93
N ILE A 340 -8.81 -24.69 -7.47
CA ILE A 340 -9.76 -23.88 -6.73
C ILE A 340 -10.89 -23.42 -7.65
N ASN A 341 -10.63 -23.40 -8.96
CA ASN A 341 -11.64 -22.98 -9.92
C ASN A 341 -12.63 -24.07 -10.24
N LYS A 342 -12.29 -25.32 -9.94
CA LYS A 342 -13.14 -26.44 -10.35
C LYS A 342 -14.24 -26.71 -9.36
N ASP A 343 -14.80 -25.66 -8.79
CA ASP A 343 -15.95 -25.76 -7.90
C ASP A 343 -15.70 -26.74 -6.76
N THR A 344 -14.55 -26.59 -6.13
CA THR A 344 -14.09 -27.56 -5.14
C THR A 344 -14.32 -27.09 -3.72
N ILE A 345 -14.33 -25.79 -3.46
CA ILE A 345 -14.61 -25.25 -2.13
C ILE A 345 -15.65 -24.16 -2.27
N ASP A 346 -16.27 -23.82 -1.14
CA ASP A 346 -17.34 -22.84 -1.13
C ASP A 346 -16.79 -21.43 -1.07
N PHE A 347 -17.23 -20.59 -1.99
CA PHE A 347 -16.87 -19.19 -1.92
C PHE A 347 -17.85 -18.43 -1.05
N ILE A 348 -17.41 -17.27 -0.58
CA ILE A 348 -18.24 -16.41 0.25
C ILE A 348 -18.08 -14.98 -0.21
N ASP A 349 -18.96 -14.13 0.30
CA ASP A 349 -18.84 -12.69 0.08
C ASP A 349 -17.77 -12.11 0.97
N ASN A 350 -17.01 -11.18 0.42
CA ASN A 350 -16.06 -10.43 1.21
C ASN A 350 -16.82 -9.54 2.19
N TYR A 351 -16.06 -8.70 2.90
CA TYR A 351 -16.60 -7.90 4.00
C TYR A 351 -17.56 -6.81 3.54
N ASP A 352 -17.56 -6.45 2.26
CA ASP A 352 -18.46 -5.42 1.77
C ASP A 352 -19.30 -5.88 0.59
N GLY A 353 -19.24 -7.15 0.21
CA GLY A 353 -20.07 -7.60 -0.87
C GLY A 353 -19.65 -7.16 -2.24
N ASN A 354 -18.47 -6.56 -2.40
CA ASN A 354 -17.96 -6.24 -3.72
C ASN A 354 -17.06 -7.33 -4.29
N GLU A 355 -16.85 -8.43 -3.55
CA GLU A 355 -15.95 -9.49 -3.98
C GLU A 355 -16.46 -10.83 -3.46
N ARG A 356 -15.84 -11.91 -3.94
CA ARG A 356 -15.98 -13.25 -3.37
C ARG A 356 -14.60 -13.75 -2.95
N GLU A 357 -14.57 -14.52 -1.88
CA GLU A 357 -13.31 -15.08 -1.42
C GLU A 357 -13.54 -16.53 -1.01
N PRO A 358 -12.52 -17.37 -1.11
CA PRO A 358 -12.69 -18.77 -0.72
C PRO A 358 -12.87 -18.92 0.77
N SER A 359 -13.72 -19.87 1.16
CA SER A 359 -13.85 -20.16 2.58
C SER A 359 -12.68 -20.99 3.07
N VAL A 360 -12.16 -21.87 2.23
CA VAL A 360 -11.00 -22.69 2.56
C VAL A 360 -10.33 -22.97 1.23
N LEU A 361 -9.08 -23.37 1.29
CA LEU A 361 -8.42 -23.75 0.06
C LEU A 361 -8.44 -25.25 -0.08
N PRO A 362 -8.33 -25.76 -1.31
CA PRO A 362 -8.36 -27.22 -1.47
C PRO A 362 -7.30 -27.93 -0.69
N ALA A 363 -6.13 -27.30 -0.55
CA ALA A 363 -5.07 -27.81 0.31
C ALA A 363 -4.73 -29.24 -0.08
N ARG A 364 -4.21 -29.36 -1.28
CA ARG A 364 -3.90 -30.67 -1.80
C ARG A 364 -2.73 -31.29 -1.09
N PHE A 365 -2.28 -30.69 0.01
CA PHE A 365 -1.37 -31.34 0.95
C PHE A 365 -1.73 -30.87 2.35
N PRO A 366 -1.51 -31.71 3.35
CA PRO A 366 -1.93 -31.33 4.69
C PRO A 366 -1.18 -30.13 5.21
N ASN A 367 -1.66 -28.93 4.89
CA ASN A 367 -0.89 -27.77 5.27
C ASN A 367 -0.95 -27.53 6.76
N LEU A 368 -2.01 -27.96 7.43
CA LEU A 368 -2.10 -27.62 8.84
C LEU A 368 -0.92 -28.20 9.59
N LEU A 369 -0.68 -29.48 9.39
CA LEU A 369 0.39 -30.10 10.14
C LEU A 369 1.74 -29.80 9.56
N ALA A 370 1.82 -29.65 8.24
CA ALA A 370 3.10 -29.46 7.59
C ALA A 370 3.77 -28.18 8.07
N ASN A 371 3.02 -27.10 8.12
CA ASN A 371 3.63 -25.88 8.60
C ASN A 371 3.22 -25.54 10.02
N GLY A 372 2.30 -26.29 10.61
CA GLY A 372 1.92 -26.03 11.97
C GLY A 372 1.26 -24.68 12.10
N ALA A 373 0.85 -24.31 13.30
CA ALA A 373 0.18 -23.03 13.50
C ALA A 373 0.47 -22.52 14.89
N SER A 374 0.26 -21.23 15.07
CA SER A 374 0.64 -20.54 16.28
C SER A 374 -0.25 -19.32 16.41
N GLY A 375 -1.03 -19.24 17.48
CA GLY A 375 -2.05 -18.22 17.52
C GLY A 375 -2.66 -18.01 18.88
N ILE A 376 -2.52 -16.81 19.39
CA ILE A 376 -3.14 -16.41 20.66
C ILE A 376 -4.55 -15.93 20.35
N ALA A 377 -5.55 -16.63 20.87
CA ALA A 377 -6.90 -16.17 20.60
C ALA A 377 -7.46 -15.48 21.82
N VAL A 378 -8.75 -15.62 22.08
CA VAL A 378 -9.36 -15.13 23.30
C VAL A 378 -9.92 -16.34 24.02
N GLY A 379 -9.63 -16.45 25.31
CA GLY A 379 -9.96 -17.65 26.03
C GLY A 379 -9.19 -18.88 25.60
N MET A 380 -8.30 -18.77 24.62
CA MET A 380 -7.64 -19.97 24.11
C MET A 380 -6.49 -19.57 23.19
N ALA A 381 -5.66 -20.54 22.85
CA ALA A 381 -4.55 -20.29 21.95
C ALA A 381 -4.29 -21.57 21.17
N THR A 382 -3.43 -21.49 20.16
CA THR A 382 -3.06 -22.69 19.41
C THR A 382 -1.56 -22.74 19.28
N ASN A 383 -1.05 -23.96 19.22
CA ASN A 383 0.40 -24.15 19.04
C ASN A 383 0.55 -25.53 18.42
N ILE A 384 0.57 -25.56 17.10
CA ILE A 384 0.74 -26.78 16.32
C ILE A 384 2.11 -26.73 15.69
N PRO A 385 2.91 -27.79 15.79
CA PRO A 385 4.27 -27.74 15.26
C PRO A 385 4.35 -28.23 13.84
N PRO A 386 5.39 -27.82 13.11
CA PRO A 386 5.54 -28.28 11.73
C PRO A 386 5.94 -29.73 11.70
N HIS A 387 5.84 -30.31 10.52
CA HIS A 387 6.01 -31.74 10.37
C HIS A 387 6.63 -32.01 9.03
N ASN A 388 7.05 -33.25 8.84
CA ASN A 388 7.67 -33.67 7.60
C ASN A 388 6.60 -34.16 6.61
N LEU A 389 6.70 -33.70 5.37
CA LEU A 389 5.60 -33.89 4.45
C LEU A 389 5.50 -35.32 3.95
N THR A 390 6.64 -35.94 3.65
CA THR A 390 6.62 -37.35 3.29
C THR A 390 5.86 -38.15 4.34
N GLU A 391 6.31 -38.02 5.58
CA GLU A 391 5.64 -38.67 6.70
C GLU A 391 4.16 -38.37 6.71
N LEU A 392 3.81 -37.09 6.79
CA LEU A 392 2.42 -36.66 6.80
C LEU A 392 1.63 -37.38 5.73
N ILE A 393 2.14 -37.35 4.51
CA ILE A 393 1.41 -37.97 3.41
C ILE A 393 1.39 -39.47 3.57
N ASN A 394 2.46 -40.04 4.10
CA ASN A 394 2.39 -41.47 4.37
C ASN A 394 1.43 -41.76 5.50
N GLY A 395 1.30 -40.83 6.45
CA GLY A 395 0.27 -40.98 7.44
C GLY A 395 -1.10 -41.02 6.80
N VAL A 396 -1.42 -39.99 6.02
CA VAL A 396 -2.71 -39.95 5.37
C VAL A 396 -2.92 -41.23 4.59
N LEU A 397 -1.90 -41.62 3.83
CA LEU A 397 -2.02 -42.81 3.00
C LEU A 397 -2.35 -44.04 3.84
N SER A 398 -1.65 -44.23 4.94
CA SER A 398 -1.98 -45.34 5.82
C SER A 398 -3.40 -45.21 6.35
N LEU A 399 -3.76 -44.02 6.81
CA LEU A 399 -5.11 -43.79 7.29
C LEU A 399 -6.12 -44.22 6.25
N SER A 400 -5.88 -43.84 5.00
CA SER A 400 -6.84 -44.04 3.93
C SER A 400 -7.16 -45.51 3.72
N LYS A 401 -6.32 -46.41 4.20
CA LYS A 401 -6.58 -47.82 4.04
C LYS A 401 -7.06 -48.47 5.32
N ASN A 402 -7.09 -47.72 6.41
CA ASN A 402 -7.47 -48.27 7.70
C ASN A 402 -8.11 -47.15 8.47
N PRO A 403 -9.42 -46.99 8.34
CA PRO A 403 -10.11 -45.99 9.15
C PRO A 403 -9.86 -46.20 10.62
N ASP A 404 -9.55 -47.42 11.02
CA ASP A 404 -9.40 -47.78 12.43
C ASP A 404 -7.95 -47.81 12.87
N ILE A 405 -7.05 -47.23 12.08
CA ILE A 405 -5.65 -47.24 12.45
C ILE A 405 -5.46 -46.52 13.78
N SER A 406 -4.51 -47.01 14.57
CA SER A 406 -4.30 -46.41 15.88
C SER A 406 -3.25 -45.30 15.81
N ILE A 407 -3.25 -44.46 16.84
CA ILE A 407 -2.30 -43.35 16.89
C ILE A 407 -0.87 -43.88 16.86
N ALA A 408 -0.61 -44.96 17.58
CA ALA A 408 0.73 -45.52 17.54
C ALA A 408 1.07 -46.00 16.14
N GLU A 409 0.09 -46.59 15.45
CA GLU A 409 0.35 -47.02 14.08
C GLU A 409 0.67 -45.84 13.18
N LEU A 410 0.06 -44.69 13.44
CA LEU A 410 0.35 -43.50 12.64
C LEU A 410 1.75 -42.99 12.91
N MET A 411 2.19 -43.01 14.16
CA MET A 411 3.52 -42.52 14.46
C MET A 411 4.59 -43.33 13.76
N GLU A 412 4.26 -44.51 13.24
CA GLU A 412 5.20 -45.22 12.39
C GLU A 412 5.46 -44.45 11.11
N ASP A 413 4.50 -43.66 10.66
CA ASP A 413 4.70 -42.72 9.57
C ASP A 413 5.24 -41.40 10.09
N ILE A 414 4.65 -40.90 11.15
CA ILE A 414 4.88 -39.55 11.61
C ILE A 414 5.62 -39.66 12.93
N GLU A 415 6.96 -39.58 12.88
CA GLU A 415 7.75 -39.79 14.08
C GLU A 415 7.66 -38.62 15.05
N GLY A 416 7.27 -37.45 14.57
CA GLY A 416 7.23 -36.27 15.39
C GLY A 416 7.33 -35.05 14.51
N PRO A 417 7.34 -33.88 15.14
CA PRO A 417 7.48 -32.65 14.37
C PRO A 417 8.82 -32.61 13.67
N ASP A 418 8.91 -31.73 12.68
CA ASP A 418 10.13 -31.57 11.88
C ASP A 418 10.32 -30.06 11.73
N PHE A 419 11.09 -29.48 12.62
CA PHE A 419 11.15 -28.04 12.57
C PHE A 419 12.00 -27.57 11.39
N PRO A 420 11.67 -26.42 10.82
CA PRO A 420 12.51 -25.87 9.74
C PRO A 420 13.94 -25.62 10.18
N THR A 421 14.17 -25.53 11.48
CA THR A 421 15.45 -25.16 12.08
C THR A 421 16.26 -26.37 12.49
N ALA A 422 15.74 -27.58 12.26
CA ALA A 422 16.47 -28.82 12.50
C ALA A 422 16.62 -28.97 14.01
N GLY A 423 17.82 -29.12 14.53
CA GLY A 423 17.86 -29.24 15.96
C GLY A 423 17.53 -30.64 16.45
N LEU A 424 17.38 -30.76 17.78
CA LEU A 424 17.16 -32.04 18.45
C LEU A 424 15.86 -32.07 19.24
N ILE A 425 15.20 -33.21 19.27
CA ILE A 425 14.09 -33.42 20.20
C ILE A 425 14.49 -34.53 21.15
N LEU A 426 14.25 -34.31 22.43
CA LEU A 426 14.62 -35.26 23.47
C LEU A 426 13.39 -36.06 23.84
N GLY A 427 13.37 -37.34 23.45
CA GLY A 427 12.33 -38.27 23.86
C GLY A 427 11.07 -38.15 23.03
N LYS A 428 10.17 -39.13 23.22
CA LYS A 428 8.91 -39.14 22.50
C LYS A 428 7.68 -39.18 23.38
N SER A 429 7.83 -39.11 24.69
CA SER A 429 6.62 -39.18 25.49
C SER A 429 5.79 -37.90 25.35
N GLY A 430 6.44 -36.75 25.24
CA GLY A 430 5.69 -35.52 25.02
C GLY A 430 5.01 -35.50 23.67
N ILE A 431 5.75 -35.85 22.63
CA ILE A 431 5.17 -36.05 21.31
C ILE A 431 3.95 -36.94 21.43
N ARG A 432 4.19 -38.18 21.84
CA ARG A 432 3.12 -39.14 22.02
C ARG A 432 1.97 -38.54 22.82
N ARG A 433 2.26 -37.67 23.77
CA ARG A 433 1.16 -37.08 24.53
C ARG A 433 0.41 -36.06 23.69
N ALA A 434 1.15 -35.23 22.97
CA ALA A 434 0.56 -34.21 22.09
C ALA A 434 -0.28 -34.85 21.00
N TYR A 435 0.18 -35.96 20.45
CA TYR A 435 -0.56 -36.56 19.35
C TYR A 435 -1.81 -37.29 19.82
N GLU A 436 -1.80 -37.80 21.04
CA GLU A 436 -2.98 -38.49 21.56
C GLU A 436 -3.96 -37.55 22.21
N THR A 437 -3.50 -36.42 22.73
CA THR A 437 -4.36 -35.45 23.39
C THR A 437 -4.45 -34.13 22.69
N GLY A 438 -3.59 -33.83 21.73
CA GLY A 438 -3.48 -32.48 21.25
C GLY A 438 -2.59 -31.62 22.11
N ARG A 439 -2.19 -32.11 23.27
CA ARG A 439 -1.37 -31.34 24.19
C ARG A 439 -0.27 -32.22 24.75
N GLY A 440 0.84 -31.59 25.06
CA GLY A 440 2.08 -32.26 25.42
C GLY A 440 3.24 -31.31 25.30
N SER A 441 4.30 -31.60 26.05
CA SER A 441 5.49 -30.76 26.12
C SER A 441 6.67 -31.42 25.43
N ILE A 442 7.45 -30.63 24.71
CA ILE A 442 8.43 -31.14 23.77
C ILE A 442 9.73 -30.42 23.98
N GLN A 443 10.74 -31.12 24.47
CA GLN A 443 12.03 -30.52 24.78
C GLN A 443 12.86 -30.48 23.52
N MET A 444 13.24 -29.29 23.10
CA MET A 444 14.08 -29.11 21.94
C MET A 444 15.47 -28.71 22.40
N ARG A 445 16.48 -29.08 21.60
CA ARG A 445 17.84 -28.70 21.90
C ARG A 445 18.60 -28.26 20.66
N SER A 446 19.59 -27.41 20.88
CA SER A 446 20.45 -27.05 19.80
C SER A 446 21.30 -28.25 19.41
N ARG A 447 21.85 -28.20 18.20
CA ARG A 447 22.86 -29.16 17.80
C ARG A 447 24.21 -28.55 18.12
N ALA A 448 24.86 -29.07 19.17
CA ALA A 448 26.13 -28.55 19.63
C ALA A 448 27.11 -29.70 19.72
N VAL A 449 28.34 -29.48 19.24
CA VAL A 449 29.39 -30.46 19.37
C VAL A 449 30.53 -29.80 20.11
N ILE A 450 31.41 -30.62 20.65
CA ILE A 450 32.63 -30.16 21.29
C ILE A 450 33.79 -30.57 20.41
N GLU A 451 34.67 -29.63 20.11
CA GLU A 451 35.81 -29.97 19.29
C GLU A 451 37.00 -29.16 19.77
N GLU A 452 38.17 -29.60 19.37
CA GLU A 452 39.38 -28.91 19.77
C GLU A 452 39.64 -27.73 18.86
N ARG A 453 40.38 -26.77 19.40
CA ARG A 453 40.80 -25.63 18.60
C ARG A 453 42.31 -25.48 18.56
N GLY A 454 43.04 -26.44 19.12
CA GLY A 454 44.48 -26.40 19.11
C GLY A 454 45.06 -26.00 20.45
N GLY A 455 46.28 -26.45 20.71
CA GLY A 455 46.92 -26.13 21.98
C GLY A 455 46.23 -26.78 23.16
N GLY A 456 45.70 -27.98 22.98
CA GLY A 456 45.00 -28.63 24.05
C GLY A 456 43.72 -27.96 24.49
N ARG A 457 43.21 -27.02 23.70
CA ARG A 457 41.98 -26.29 24.02
C ARG A 457 40.83 -26.77 23.16
N GLN A 458 39.62 -26.37 23.55
CA GLN A 458 38.40 -26.84 22.91
C GLN A 458 37.44 -25.69 22.70
N ARG A 459 36.38 -26.00 21.95
CA ARG A 459 35.30 -25.06 21.77
C ARG A 459 34.02 -25.84 21.58
N ILE A 460 32.92 -25.20 21.94
CA ILE A 460 31.59 -25.71 21.66
C ILE A 460 31.11 -25.02 20.41
N VAL A 461 30.74 -25.81 19.41
CA VAL A 461 30.28 -25.27 18.14
C VAL A 461 28.84 -25.70 18.00
N VAL A 462 27.94 -24.73 17.87
CA VAL A 462 26.53 -24.99 17.67
C VAL A 462 26.19 -24.65 16.23
N THR A 463 25.52 -25.57 15.54
CA THR A 463 25.18 -25.39 14.15
C THR A 463 23.67 -25.42 13.88
N GLU A 464 22.85 -25.62 14.90
CA GLU A 464 21.39 -25.57 14.77
C GLU A 464 20.80 -25.18 16.11
N ILE A 465 19.77 -24.36 16.09
CA ILE A 465 19.18 -23.89 17.34
C ILE A 465 17.72 -24.30 17.37
N PRO A 466 17.08 -24.25 18.54
CA PRO A 466 15.67 -24.61 18.60
C PRO A 466 14.80 -23.70 17.76
N PHE A 467 13.57 -24.16 17.54
CA PHE A 467 12.61 -23.49 16.69
C PHE A 467 12.10 -22.21 17.34
N GLN A 468 11.94 -21.17 16.53
CA GLN A 468 11.46 -19.87 16.99
C GLN A 468 12.36 -19.21 18.02
N VAL A 469 13.61 -19.66 18.14
CA VAL A 469 14.58 -19.02 19.03
C VAL A 469 15.29 -17.90 18.27
N ASN A 470 15.24 -16.69 18.83
CA ASN A 470 16.05 -15.58 18.33
C ASN A 470 17.52 -15.90 18.60
N LYS A 471 18.34 -15.88 17.56
CA LYS A 471 19.73 -16.29 17.73
C LYS A 471 20.54 -15.22 18.45
N ALA A 472 20.42 -13.96 18.02
CA ALA A 472 21.18 -12.89 18.66
C ALA A 472 20.87 -12.81 20.15
N ARG A 473 19.58 -12.68 20.49
CA ARG A 473 19.15 -12.68 21.87
C ARG A 473 19.84 -13.80 22.66
N MET A 474 19.83 -15.01 22.11
CA MET A 474 20.42 -16.12 22.85
C MET A 474 21.89 -15.88 23.11
N ILE A 475 22.62 -15.41 22.11
CA ILE A 475 24.02 -15.11 22.33
C ILE A 475 24.16 -14.01 23.36
N GLU A 476 23.39 -12.93 23.20
CA GLU A 476 23.41 -11.88 24.21
C GLU A 476 23.10 -12.45 25.58
N LYS A 477 22.16 -13.39 25.65
CA LYS A 477 21.86 -14.03 26.92
C LYS A 477 23.08 -14.73 27.49
N ILE A 478 23.80 -15.44 26.64
CA ILE A 478 24.99 -16.16 27.10
C ILE A 478 26.04 -15.19 27.61
N ALA A 479 26.26 -14.08 26.89
CA ALA A 479 27.24 -13.09 27.30
C ALA A 479 26.89 -12.47 28.65
N GLU A 480 25.61 -12.44 29.01
CA GLU A 480 25.20 -11.90 30.29
C GLU A 480 25.69 -12.77 31.43
N LEU A 481 25.45 -14.07 31.34
CA LEU A 481 25.86 -14.98 32.40
C LEU A 481 27.37 -15.00 32.58
N VAL A 482 28.11 -14.91 31.47
CA VAL A 482 29.56 -14.75 31.56
C VAL A 482 29.88 -13.50 32.36
N ARG A 483 29.35 -12.37 31.90
CA ARG A 483 29.50 -11.11 32.63
C ARG A 483 29.03 -11.27 34.08
N ASP A 484 27.74 -11.54 34.28
CA ASP A 484 27.18 -11.73 35.62
C ASP A 484 27.84 -12.88 36.36
N LYS A 485 28.87 -13.48 35.78
CA LYS A 485 29.60 -14.58 36.39
C LYS A 485 28.67 -15.71 36.76
N LYS A 486 27.43 -15.67 36.26
CA LYS A 486 26.50 -16.74 36.57
C LYS A 486 26.95 -18.06 35.98
N ILE A 487 27.93 -18.06 35.07
CA ILE A 487 28.50 -19.28 34.53
C ILE A 487 30.00 -19.09 34.39
N ASP A 488 30.75 -20.18 34.50
CA ASP A 488 32.20 -20.11 34.50
C ASP A 488 32.80 -21.00 33.43
N GLY A 489 33.96 -20.60 32.92
CA GLY A 489 34.77 -21.43 32.08
C GLY A 489 34.83 -21.05 30.62
N ILE A 490 34.26 -19.92 30.24
CA ILE A 490 34.17 -19.52 28.84
C ILE A 490 35.10 -18.36 28.59
N THR A 491 35.87 -18.45 27.51
CA THR A 491 36.86 -17.43 27.19
C THR A 491 36.52 -16.63 25.95
N ASP A 492 35.54 -17.04 25.17
CA ASP A 492 35.13 -16.27 24.01
C ASP A 492 33.83 -16.84 23.48
N LEU A 493 33.22 -16.11 22.56
CA LEU A 493 31.85 -16.42 22.14
C LEU A 493 31.61 -15.70 20.84
N ARG A 494 31.58 -16.43 19.73
CA ARG A 494 31.56 -15.84 18.40
C ARG A 494 30.45 -16.41 17.56
N ASP A 495 29.75 -15.54 16.85
CA ASP A 495 28.78 -15.93 15.84
C ASP A 495 29.49 -15.88 14.51
N GLU A 496 30.01 -17.03 14.09
CA GLU A 496 30.70 -17.13 12.82
C GLU A 496 29.77 -17.52 11.68
N THR A 497 28.48 -17.26 11.83
CA THR A 497 27.50 -17.69 10.84
C THR A 497 27.69 -16.96 9.52
N SER A 498 27.42 -17.68 8.43
CA SER A 498 27.52 -17.14 7.09
C SER A 498 26.60 -17.94 6.19
N LEU A 499 26.30 -17.38 5.02
CA LEU A 499 25.56 -18.15 4.04
C LEU A 499 26.32 -19.40 3.63
N ARG A 500 27.65 -19.31 3.57
CA ARG A 500 28.44 -20.48 3.20
C ARG A 500 28.47 -21.51 4.32
N THR A 501 28.56 -21.05 5.56
CA THR A 501 28.56 -21.96 6.71
C THR A 501 27.17 -22.40 7.10
N GLY A 502 26.18 -21.56 6.90
CA GLY A 502 24.98 -21.70 7.68
C GLY A 502 25.32 -21.33 9.11
N VAL A 503 24.45 -21.76 10.01
CA VAL A 503 24.63 -21.41 11.42
C VAL A 503 25.88 -22.04 11.99
N ARG A 504 26.63 -21.24 12.77
CA ARG A 504 27.79 -21.75 13.49
C ARG A 504 28.10 -20.75 14.60
N VAL A 505 27.84 -21.14 15.84
CA VAL A 505 28.15 -20.31 16.99
C VAL A 505 29.21 -21.03 17.82
N VAL A 506 30.26 -20.31 18.17
CA VAL A 506 31.44 -20.90 18.77
C VAL A 506 31.56 -20.37 20.18
N ILE A 507 31.52 -21.27 21.14
CA ILE A 507 31.84 -20.95 22.52
C ILE A 507 33.22 -21.49 22.80
N ASP A 508 34.17 -20.61 23.06
CA ASP A 508 35.52 -21.05 23.41
C ASP A 508 35.59 -21.37 24.89
N VAL A 509 36.18 -22.50 25.19
CA VAL A 509 36.24 -23.01 26.55
C VAL A 509 37.64 -22.81 27.11
N ARG A 510 37.72 -22.54 28.41
CA ARG A 510 39.02 -22.38 29.04
C ARG A 510 39.76 -23.70 29.09
N LYS A 511 41.05 -23.67 28.77
CA LYS A 511 41.86 -24.87 28.76
C LYS A 511 41.70 -25.63 30.05
N ASP A 512 41.51 -26.95 29.92
CA ASP A 512 41.31 -27.91 31.00
C ASP A 512 39.95 -27.80 31.69
N ALA A 513 39.09 -26.86 31.31
CA ALA A 513 37.72 -26.95 31.79
C ALA A 513 37.03 -28.15 31.15
N ASN A 514 35.96 -28.61 31.79
CA ASN A 514 35.15 -29.67 31.19
C ASN A 514 34.09 -28.99 30.34
N ALA A 515 34.33 -28.96 29.03
CA ALA A 515 33.41 -28.32 28.10
C ALA A 515 32.04 -28.98 28.06
N SER A 516 31.96 -30.26 28.40
CA SER A 516 30.64 -30.88 28.51
C SER A 516 29.86 -30.27 29.65
N VAL A 517 30.51 -30.14 30.82
CA VAL A 517 29.86 -29.54 31.97
C VAL A 517 29.35 -28.16 31.60
N ILE A 518 30.20 -27.37 30.95
CA ILE A 518 29.77 -26.06 30.51
C ILE A 518 28.57 -26.19 29.58
N LEU A 519 28.64 -27.11 28.62
CA LEU A 519 27.51 -27.32 27.72
C LEU A 519 26.25 -27.62 28.51
N ASN A 520 26.39 -28.39 29.58
CA ASN A 520 25.22 -28.75 30.38
C ASN A 520 24.64 -27.54 31.08
N ASN A 521 25.48 -26.71 31.68
CA ASN A 521 24.93 -25.51 32.29
C ASN A 521 24.23 -24.67 31.26
N LEU A 522 24.81 -24.56 30.07
CA LEU A 522 24.24 -23.74 29.02
C LEU A 522 22.82 -24.17 28.68
N TYR A 523 22.60 -25.47 28.56
CA TYR A 523 21.28 -25.96 28.22
C TYR A 523 20.28 -25.60 29.31
N LYS A 524 20.71 -25.59 30.57
CA LYS A 524 19.80 -25.27 31.67
C LYS A 524 19.49 -23.79 31.73
N GLN A 525 20.45 -22.96 31.35
CA GLN A 525 20.33 -21.53 31.58
C GLN A 525 20.03 -20.74 30.33
N THR A 526 19.90 -21.39 29.17
CA THR A 526 19.73 -20.63 27.94
C THR A 526 18.69 -21.28 27.05
N PRO A 527 18.26 -20.58 25.98
CA PRO A 527 17.34 -21.21 25.02
C PRO A 527 17.99 -22.29 24.20
N LEU A 528 19.28 -22.58 24.44
CA LEU A 528 19.93 -23.72 23.82
C LEU A 528 19.07 -24.96 23.93
N GLN A 529 18.44 -25.14 25.09
CA GLN A 529 17.31 -26.05 25.21
C GLN A 529 16.07 -25.22 25.40
N THR A 530 14.99 -25.64 24.77
CA THR A 530 13.69 -25.02 24.95
C THR A 530 12.63 -26.09 24.76
N SER A 531 11.46 -25.82 25.27
CA SER A 531 10.33 -26.72 25.09
C SER A 531 9.34 -26.09 24.12
N PHE A 532 8.62 -26.95 23.41
CA PHE A 532 7.48 -26.55 22.62
C PHE A 532 6.24 -27.05 23.35
N GLY A 533 5.36 -26.13 23.74
CA GLY A 533 4.08 -26.54 24.30
C GLY A 533 3.08 -26.77 23.19
N VAL A 534 2.69 -28.02 22.98
CA VAL A 534 1.77 -28.35 21.92
C VAL A 534 0.36 -28.10 22.39
N ASN A 535 -0.39 -27.33 21.62
CA ASN A 535 -1.75 -26.94 21.96
C ASN A 535 -2.50 -26.95 20.63
N MET A 536 -3.00 -28.13 20.27
CA MET A 536 -3.43 -28.35 18.89
C MET A 536 -4.91 -28.04 18.81
N ILE A 537 -5.18 -26.76 18.67
CA ILE A 537 -6.55 -26.29 18.51
C ILE A 537 -6.71 -25.72 17.11
N ALA A 538 -7.76 -26.17 16.42
CA ALA A 538 -8.01 -25.77 15.03
C ALA A 538 -9.50 -25.58 14.84
N LEU A 539 -9.86 -24.93 13.74
CA LEU A 539 -11.26 -24.71 13.41
C LEU A 539 -11.80 -25.95 12.73
N VAL A 540 -12.73 -26.64 13.39
CA VAL A 540 -13.36 -27.82 12.83
C VAL A 540 -14.84 -27.53 12.65
N ASN A 541 -15.29 -27.55 11.41
CA ASN A 541 -16.68 -27.18 11.11
C ASN A 541 -16.99 -25.79 11.66
N GLY A 542 -16.01 -24.89 11.55
CA GLY A 542 -16.20 -23.53 11.99
C GLY A 542 -16.09 -23.32 13.48
N ARG A 543 -15.70 -24.34 14.23
CA ARG A 543 -15.58 -24.17 15.67
C ARG A 543 -14.19 -24.62 16.14
N PRO A 544 -13.71 -24.04 17.22
CA PRO A 544 -12.36 -24.37 17.68
C PRO A 544 -12.38 -25.68 18.44
N LYS A 545 -11.33 -26.46 18.24
CA LYS A 545 -11.34 -27.79 18.80
C LYS A 545 -9.91 -28.19 19.07
N LEU A 546 -9.68 -28.76 20.24
CA LEU A 546 -8.42 -29.41 20.50
C LEU A 546 -8.49 -30.82 19.94
N ILE A 547 -7.66 -31.11 18.96
CA ILE A 547 -7.75 -32.36 18.26
C ILE A 547 -6.49 -33.14 18.54
N ASN A 548 -6.58 -34.43 18.32
CA ASN A 548 -5.40 -35.24 18.34
C ASN A 548 -4.92 -35.41 16.90
N LEU A 549 -3.74 -36.00 16.76
CA LEU A 549 -3.12 -36.08 15.44
C LEU A 549 -4.03 -36.75 14.44
N LYS A 550 -4.73 -37.80 14.87
CA LYS A 550 -5.57 -38.56 13.95
C LYS A 550 -6.71 -37.72 13.48
N GLU A 551 -7.44 -37.13 14.43
CA GLU A 551 -8.48 -36.19 14.09
C GLU A 551 -8.04 -35.22 13.01
N ALA A 552 -6.86 -34.62 13.20
CA ALA A 552 -6.36 -33.67 12.23
C ALA A 552 -6.29 -34.30 10.85
N LEU A 553 -5.89 -35.55 10.78
CA LEU A 553 -5.72 -36.18 9.48
C LEU A 553 -7.06 -36.60 8.91
N VAL A 554 -7.96 -37.06 9.77
CA VAL A 554 -9.27 -37.47 9.31
C VAL A 554 -9.96 -36.32 8.61
N HIS A 555 -9.93 -35.14 9.21
CA HIS A 555 -10.56 -34.00 8.57
C HIS A 555 -9.81 -33.62 7.31
N TYR A 556 -8.47 -33.62 7.35
CA TYR A 556 -7.75 -33.30 6.14
C TYR A 556 -8.18 -34.23 5.01
N LEU A 557 -8.04 -35.52 5.24
CA LEU A 557 -8.45 -36.51 4.27
C LEU A 557 -9.90 -36.29 3.87
N GLU A 558 -10.75 -36.05 4.84
CA GLU A 558 -12.12 -35.73 4.49
C GLU A 558 -12.17 -34.54 3.57
N HIS A 559 -11.41 -33.50 3.89
CA HIS A 559 -11.36 -32.34 3.03
C HIS A 559 -10.92 -32.73 1.63
N GLN A 560 -9.90 -33.57 1.55
CA GLN A 560 -9.40 -33.95 0.23
C GLN A 560 -10.43 -34.75 -0.54
N LYS A 561 -11.18 -35.59 0.17
CA LYS A 561 -12.19 -36.38 -0.51
C LYS A 561 -13.20 -35.48 -1.19
N THR A 562 -13.79 -34.57 -0.42
CA THR A 562 -14.76 -33.65 -0.99
C THR A 562 -14.18 -32.91 -2.16
N VAL A 563 -12.99 -32.35 -1.97
CA VAL A 563 -12.37 -31.50 -2.98
C VAL A 563 -12.31 -32.22 -4.31
N VAL A 564 -11.89 -33.48 -4.30
CA VAL A 564 -11.67 -34.19 -5.55
C VAL A 564 -12.97 -34.68 -6.14
N ARG A 565 -13.93 -35.02 -5.29
CA ARG A 565 -15.26 -35.35 -5.76
C ARG A 565 -15.87 -34.16 -6.50
N ARG A 566 -15.78 -32.98 -5.90
CA ARG A 566 -16.40 -31.81 -6.52
C ARG A 566 -15.69 -31.43 -7.80
N ARG A 567 -14.37 -31.46 -7.79
CA ARG A 567 -13.64 -31.21 -9.02
C ARG A 567 -14.19 -32.09 -10.13
N THR A 568 -14.28 -33.38 -9.82
CA THR A 568 -14.76 -34.33 -10.81
C THR A 568 -16.20 -34.03 -11.24
N GLN A 569 -17.09 -33.82 -10.27
CA GLN A 569 -18.44 -33.42 -10.62
C GLN A 569 -18.43 -32.17 -11.46
N TYR A 570 -17.60 -31.20 -11.08
CA TYR A 570 -17.48 -30.00 -11.88
C TYR A 570 -16.96 -30.33 -13.27
N ASN A 571 -15.80 -30.98 -13.33
CA ASN A 571 -15.22 -31.32 -14.61
C ASN A 571 -16.22 -32.02 -15.52
N LEU A 572 -17.18 -32.73 -14.94
CA LEU A 572 -18.13 -33.47 -15.76
C LEU A 572 -19.19 -32.55 -16.37
N ARG A 573 -19.68 -31.58 -15.62
CA ARG A 573 -20.71 -30.68 -16.16
C ARG A 573 -20.16 -29.89 -17.33
N LYS A 574 -18.93 -29.39 -17.20
CA LYS A 574 -18.39 -28.51 -18.23
C LYS A 574 -18.13 -29.28 -19.51
N ALA A 575 -17.56 -30.48 -19.38
CA ALA A 575 -17.35 -31.32 -20.54
C ALA A 575 -18.68 -31.58 -21.25
N LYS A 576 -19.72 -31.92 -20.49
CA LYS A 576 -21.01 -32.20 -21.10
C LYS A 576 -21.53 -30.98 -21.84
N ASP A 577 -21.49 -29.82 -21.17
CA ASP A 577 -21.83 -28.58 -21.85
C ASP A 577 -21.10 -28.49 -23.18
N ARG A 578 -19.77 -28.60 -23.12
CA ARG A 578 -18.97 -28.35 -24.31
C ARG A 578 -19.25 -29.40 -25.38
N ALA A 579 -19.40 -30.65 -24.98
CA ALA A 579 -19.73 -31.68 -25.95
C ALA A 579 -21.04 -31.32 -26.64
N HIS A 580 -22.02 -30.93 -25.84
CA HIS A 580 -23.27 -30.46 -26.39
C HIS A 580 -23.01 -29.42 -27.47
N ILE A 581 -22.23 -28.39 -27.14
CA ILE A 581 -21.92 -27.34 -28.11
C ILE A 581 -21.30 -27.94 -29.35
N LEU A 582 -20.26 -28.75 -29.17
CA LEU A 582 -19.56 -29.33 -30.31
C LEU A 582 -20.50 -30.16 -31.16
N GLU A 583 -21.43 -30.87 -30.52
CA GLU A 583 -22.43 -31.57 -31.29
C GLU A 583 -23.16 -30.61 -32.24
N GLY A 584 -23.31 -29.36 -31.84
CA GLY A 584 -24.03 -28.40 -32.65
C GLY A 584 -23.18 -27.87 -33.78
N LEU A 585 -21.91 -27.63 -33.51
CA LEU A 585 -21.01 -27.24 -34.58
C LEU A 585 -20.84 -28.37 -35.59
N ARG A 586 -20.75 -29.61 -35.11
CA ARG A 586 -20.62 -30.73 -36.02
C ARG A 586 -21.82 -30.83 -36.95
N ILE A 587 -23.01 -30.61 -36.42
CA ILE A 587 -24.19 -30.60 -37.27
C ILE A 587 -24.11 -29.47 -38.26
N ALA A 588 -23.82 -28.27 -37.77
CA ALA A 588 -23.63 -27.13 -38.66
C ALA A 588 -22.63 -27.47 -39.75
N LEU A 589 -21.55 -28.14 -39.40
CA LEU A 589 -20.60 -28.55 -40.42
C LEU A 589 -21.24 -29.56 -41.36
N ASP A 590 -22.05 -30.46 -40.82
CA ASP A 590 -22.69 -31.48 -41.64
C ASP A 590 -23.64 -30.88 -42.66
N HIS A 591 -24.05 -29.63 -42.48
CA HIS A 591 -25.09 -29.09 -43.35
C HIS A 591 -24.84 -27.62 -43.58
N ILE A 592 -23.59 -27.26 -43.78
CA ILE A 592 -23.24 -25.85 -43.74
C ILE A 592 -24.07 -25.06 -44.74
N ASP A 593 -24.35 -25.66 -45.89
CA ASP A 593 -25.09 -24.90 -46.89
C ASP A 593 -26.47 -24.59 -46.40
N GLU A 594 -27.15 -25.56 -45.80
CA GLU A 594 -28.41 -25.27 -45.13
C GLU A 594 -28.22 -24.20 -44.08
N ILE A 595 -27.18 -24.36 -43.26
CA ILE A 595 -26.92 -23.38 -42.21
C ILE A 595 -26.83 -21.99 -42.81
N ILE A 596 -26.07 -21.85 -43.89
CA ILE A 596 -25.89 -20.54 -44.49
C ILE A 596 -27.22 -19.99 -44.96
N SER A 597 -27.98 -20.80 -45.68
CA SER A 597 -29.27 -20.33 -46.18
C SER A 597 -30.14 -19.86 -45.03
N THR A 598 -30.31 -20.71 -44.02
CA THR A 598 -31.12 -20.35 -42.86
C THR A 598 -30.73 -18.99 -42.29
N ILE A 599 -29.44 -18.73 -42.18
CA ILE A 599 -29.02 -17.47 -41.62
C ILE A 599 -29.21 -16.36 -42.64
N ARG A 600 -28.88 -16.62 -43.90
CA ARG A 600 -28.95 -15.58 -44.91
C ARG A 600 -30.37 -15.08 -45.10
N GLU A 601 -31.36 -15.93 -44.88
CA GLU A 601 -32.75 -15.53 -45.06
C GLU A 601 -33.45 -15.30 -43.74
N SER A 602 -32.69 -15.00 -42.70
CA SER A 602 -33.26 -14.53 -41.45
C SER A 602 -32.91 -13.06 -41.33
N ASP A 603 -33.91 -12.25 -41.01
CA ASP A 603 -33.70 -10.82 -40.94
C ASP A 603 -32.89 -10.42 -39.71
N THR A 604 -33.14 -11.07 -38.58
CA THR A 604 -32.39 -10.78 -37.38
C THR A 604 -31.71 -12.03 -36.87
N ASP A 605 -30.70 -11.83 -36.03
CA ASP A 605 -30.12 -12.94 -35.30
C ASP A 605 -31.20 -13.72 -34.54
N LYS A 606 -32.12 -13.01 -33.89
CA LYS A 606 -33.19 -13.68 -33.16
C LYS A 606 -34.00 -14.58 -34.07
N VAL A 607 -34.31 -14.08 -35.27
CA VAL A 607 -35.02 -14.92 -36.24
C VAL A 607 -34.16 -16.10 -36.64
N ALA A 608 -32.91 -15.83 -37.01
CA ALA A 608 -32.00 -16.91 -37.34
C ALA A 608 -31.94 -17.93 -36.20
N MET A 609 -31.80 -17.47 -34.95
CA MET A 609 -31.61 -18.41 -33.87
C MET A 609 -32.82 -19.32 -33.71
N GLU A 610 -34.02 -18.76 -33.75
CA GLU A 610 -35.22 -19.58 -33.68
C GLU A 610 -35.25 -20.59 -34.82
N SER A 611 -34.87 -20.16 -36.02
CA SER A 611 -34.91 -21.05 -37.15
C SER A 611 -33.91 -22.18 -37.01
N LEU A 612 -32.73 -21.89 -36.47
CA LEU A 612 -31.76 -22.96 -36.28
C LEU A 612 -32.27 -23.98 -35.28
N GLN A 613 -32.83 -23.52 -34.16
CA GLN A 613 -33.37 -24.46 -33.20
C GLN A 613 -34.45 -25.30 -33.85
N GLN A 614 -35.43 -24.63 -34.44
CA GLN A 614 -36.53 -25.33 -35.10
C GLN A 614 -36.01 -26.25 -36.18
N ARG A 615 -35.24 -25.71 -37.11
CA ARG A 615 -34.86 -26.49 -38.28
C ARG A 615 -33.90 -27.61 -37.92
N PHE A 616 -33.12 -27.45 -36.85
CA PHE A 616 -32.12 -28.46 -36.56
C PHE A 616 -32.27 -29.08 -35.18
N LYS A 617 -33.37 -28.80 -34.48
CA LYS A 617 -33.59 -29.42 -33.19
C LYS A 617 -32.46 -29.05 -32.24
N LEU A 618 -31.99 -27.83 -32.38
CA LEU A 618 -30.91 -27.33 -31.55
C LEU A 618 -31.46 -26.71 -30.28
N SER A 619 -30.69 -26.84 -29.21
CA SER A 619 -30.94 -25.99 -28.07
C SER A 619 -30.53 -24.57 -28.42
N GLU A 620 -31.01 -23.64 -27.61
CA GLU A 620 -30.64 -22.25 -27.83
C GLU A 620 -29.13 -22.07 -27.79
N LYS A 621 -28.46 -22.78 -26.88
CA LYS A 621 -27.02 -22.60 -26.74
C LYS A 621 -26.27 -23.11 -27.95
N GLN A 622 -26.66 -24.28 -28.44
CA GLN A 622 -26.05 -24.74 -29.68
C GLN A 622 -26.28 -23.72 -30.77
N ALA A 623 -27.49 -23.18 -30.82
CA ALA A 623 -27.85 -22.25 -31.86
C ALA A 623 -26.97 -21.02 -31.82
N GLN A 624 -26.61 -20.56 -30.64
CA GLN A 624 -25.78 -19.37 -30.55
C GLN A 624 -24.33 -19.67 -30.93
N ALA A 625 -23.83 -20.82 -30.51
CA ALA A 625 -22.46 -21.19 -30.85
C ALA A 625 -22.27 -21.14 -32.36
N ILE A 626 -23.26 -21.63 -33.09
CA ILE A 626 -23.20 -21.62 -34.54
C ILE A 626 -23.18 -20.19 -35.06
N LEU A 627 -24.14 -19.39 -34.61
CA LEU A 627 -24.15 -17.97 -34.93
C LEU A 627 -22.81 -17.31 -34.68
N ASP A 628 -22.19 -17.64 -33.56
CA ASP A 628 -20.90 -17.03 -33.23
C ASP A 628 -19.75 -17.62 -34.00
N MET A 629 -19.95 -18.76 -34.64
CA MET A 629 -18.85 -19.43 -35.30
C MET A 629 -18.24 -18.51 -36.33
N ARG A 630 -16.92 -18.39 -36.29
CA ARG A 630 -16.27 -17.54 -37.26
C ARG A 630 -16.13 -18.28 -38.56
N LEU A 631 -16.09 -17.53 -39.65
CA LEU A 631 -15.88 -18.14 -40.94
C LEU A 631 -14.64 -19.01 -40.93
N ARG A 632 -13.58 -18.52 -40.31
CA ARG A 632 -12.35 -19.29 -40.28
C ARG A 632 -12.53 -20.67 -39.69
N ARG A 633 -13.56 -20.91 -38.90
CA ARG A 633 -13.81 -22.27 -38.43
C ARG A 633 -14.19 -23.21 -39.55
N LEU A 634 -14.47 -22.70 -40.75
CA LEU A 634 -14.91 -23.54 -41.86
C LEU A 634 -13.77 -24.21 -42.60
N THR A 635 -12.54 -23.77 -42.39
CA THR A 635 -11.44 -24.40 -43.08
C THR A 635 -11.25 -25.82 -42.59
N GLY A 636 -10.51 -26.60 -43.39
CA GLY A 636 -10.42 -28.02 -43.14
C GLY A 636 -9.79 -28.35 -41.80
N LEU A 637 -8.74 -27.64 -41.42
CA LEU A 637 -8.10 -27.91 -40.14
C LEU A 637 -9.06 -27.68 -38.99
N GLU A 638 -9.78 -26.56 -39.02
CA GLU A 638 -10.69 -26.24 -37.93
C GLU A 638 -11.69 -27.34 -37.70
N ARG A 639 -12.37 -27.76 -38.77
CA ARG A 639 -13.38 -28.78 -38.63
C ARG A 639 -12.78 -30.03 -38.02
N ASP A 640 -11.55 -30.35 -38.39
CA ASP A 640 -10.88 -31.48 -37.77
C ASP A 640 -10.70 -31.23 -36.29
N LYS A 641 -10.20 -30.05 -35.94
CA LYS A 641 -10.07 -29.68 -34.54
C LYS A 641 -11.38 -29.80 -33.82
N ILE A 642 -12.46 -29.38 -34.46
CA ILE A 642 -13.77 -29.51 -33.85
C ILE A 642 -14.09 -30.99 -33.66
N GLU A 643 -13.87 -31.79 -34.69
CA GLU A 643 -14.17 -33.22 -34.55
C GLU A 643 -13.23 -33.84 -33.54
N ALA A 644 -11.96 -33.46 -33.57
CA ALA A 644 -10.99 -34.08 -32.69
C ALA A 644 -11.32 -33.80 -31.23
N GLU A 645 -11.53 -32.54 -30.89
CA GLU A 645 -11.84 -32.19 -29.51
C GLU A 645 -13.06 -32.94 -29.03
N TYR A 646 -14.05 -33.13 -29.89
CA TYR A 646 -15.23 -33.89 -29.52
C TYR A 646 -14.84 -35.29 -29.11
N ASN A 647 -14.00 -35.95 -29.90
CA ASN A 647 -13.71 -37.35 -29.64
C ASN A 647 -12.94 -37.51 -28.34
N GLU A 648 -12.04 -36.58 -28.03
CA GLU A 648 -11.35 -36.64 -26.76
C GLU A 648 -12.32 -36.46 -25.61
N LEU A 649 -13.17 -35.45 -25.75
CA LEU A 649 -14.14 -35.16 -24.71
C LEU A 649 -14.97 -36.40 -24.36
N LEU A 650 -15.30 -37.19 -25.37
CA LEU A 650 -16.15 -38.36 -25.12
C LEU A 650 -15.46 -39.33 -24.20
N ASN A 651 -14.16 -39.52 -24.41
CA ASN A 651 -13.42 -40.44 -23.57
C ASN A 651 -13.25 -39.89 -22.16
N TYR A 652 -12.73 -38.68 -22.06
CA TYR A 652 -12.61 -37.99 -20.78
C TYR A 652 -13.91 -38.09 -19.99
N ILE A 653 -15.03 -37.92 -20.67
CA ILE A 653 -16.33 -38.00 -20.01
C ILE A 653 -16.52 -39.35 -19.35
N SER A 654 -16.14 -40.42 -20.04
CA SER A 654 -16.31 -41.74 -19.45
C SER A 654 -15.41 -41.93 -18.24
N GLU A 655 -14.13 -41.55 -18.37
CA GLU A 655 -13.21 -41.61 -17.25
C GLU A 655 -13.82 -41.00 -16.00
N LEU A 656 -14.30 -39.76 -16.14
CA LEU A 656 -14.94 -39.11 -15.02
C LEU A 656 -16.05 -39.95 -14.44
N GLU A 657 -16.99 -40.39 -15.28
CA GLU A 657 -18.16 -41.09 -14.76
C GLU A 657 -17.75 -42.33 -13.98
N THR A 658 -16.73 -43.04 -14.44
CA THR A 658 -16.23 -44.20 -13.72
C THR A 658 -15.90 -43.84 -12.30
N ILE A 659 -15.23 -42.71 -12.12
CA ILE A 659 -14.77 -42.33 -10.79
C ILE A 659 -15.95 -42.04 -9.88
N LEU A 660 -16.96 -41.32 -10.39
CA LEU A 660 -18.16 -41.12 -9.61
C LEU A 660 -18.97 -42.40 -9.45
N ALA A 661 -18.77 -43.38 -10.34
CA ALA A 661 -19.47 -44.64 -10.17
C ALA A 661 -18.95 -45.45 -9.01
N ASP A 662 -17.80 -45.08 -8.45
CA ASP A 662 -17.20 -45.97 -7.47
C ASP A 662 -16.33 -45.19 -6.51
N GLU A 663 -16.57 -45.38 -5.21
CA GLU A 663 -15.86 -44.63 -4.20
C GLU A 663 -14.43 -45.07 -4.09
N GLU A 664 -14.16 -46.35 -4.27
CA GLU A 664 -12.78 -46.80 -4.22
C GLU A 664 -11.97 -46.15 -5.32
N VAL A 665 -12.54 -46.07 -6.53
CA VAL A 665 -11.84 -45.40 -7.63
C VAL A 665 -11.52 -43.98 -7.24
N LEU A 666 -12.53 -43.24 -6.81
CA LEU A 666 -12.30 -41.89 -6.31
C LEU A 666 -11.26 -41.91 -5.21
N LEU A 667 -11.43 -42.81 -4.25
CA LEU A 667 -10.46 -42.89 -3.17
C LEU A 667 -9.08 -43.21 -3.70
N GLN A 668 -9.00 -44.05 -4.72
CA GLN A 668 -7.68 -44.37 -5.24
C GLN A 668 -7.05 -43.16 -5.89
N LEU A 669 -7.85 -42.27 -6.44
CA LEU A 669 -7.29 -41.14 -7.15
C LEU A 669 -6.58 -40.20 -6.19
N VAL A 670 -7.26 -39.86 -5.10
CA VAL A 670 -6.68 -39.01 -4.06
C VAL A 670 -5.33 -39.55 -3.64
N ARG A 671 -5.26 -40.84 -3.35
CA ARG A 671 -3.97 -41.46 -3.06
C ARG A 671 -2.96 -41.17 -4.16
N ASP A 672 -3.34 -41.44 -5.41
CA ASP A 672 -2.44 -41.15 -6.52
C ASP A 672 -1.98 -39.71 -6.49
N GLU A 673 -2.91 -38.78 -6.34
CA GLU A 673 -2.52 -37.38 -6.42
C GLU A 673 -1.71 -36.96 -5.20
N LEU A 674 -2.07 -37.47 -4.03
CA LEU A 674 -1.24 -37.23 -2.87
C LEU A 674 0.13 -37.86 -3.06
N THR A 675 0.17 -39.09 -3.55
CA THR A 675 1.45 -39.73 -3.76
C THR A 675 2.29 -38.93 -4.72
N GLU A 676 1.71 -38.60 -5.86
CA GLU A 676 2.26 -37.63 -6.77
C GLU A 676 2.88 -36.47 -6.00
N ILE A 677 2.08 -35.82 -5.16
CA ILE A 677 2.54 -34.62 -4.48
C ILE A 677 3.73 -34.92 -3.60
N ARG A 678 3.66 -36.00 -2.84
CA ARG A 678 4.79 -36.34 -1.96
C ARG A 678 6.06 -36.58 -2.75
N ASP A 679 5.94 -37.23 -3.91
CA ASP A 679 7.15 -37.48 -4.68
C ASP A 679 7.75 -36.19 -5.19
N ARG A 680 6.92 -35.21 -5.48
CA ARG A 680 7.42 -33.95 -6.00
C ARG A 680 8.04 -33.10 -4.90
N PHE A 681 7.44 -33.10 -3.72
CA PHE A 681 7.82 -32.13 -2.69
C PHE A 681 8.34 -32.74 -1.40
N GLY A 682 8.14 -34.03 -1.16
CA GLY A 682 8.68 -34.62 0.04
C GLY A 682 10.17 -34.40 0.12
N ASP A 683 10.66 -34.20 1.33
CA ASP A 683 12.08 -33.98 1.57
C ASP A 683 12.51 -34.75 2.80
N ASP A 684 13.79 -34.64 3.14
CA ASP A 684 14.32 -35.36 4.26
C ASP A 684 13.89 -34.75 5.60
N ARG A 685 14.06 -35.53 6.65
CA ARG A 685 13.83 -35.04 8.01
C ARG A 685 14.97 -34.11 8.41
N ARG A 686 14.64 -33.05 9.15
CA ARG A 686 15.66 -32.13 9.65
C ARG A 686 15.89 -32.23 11.13
N THR A 687 14.84 -32.31 11.92
CA THR A 687 14.98 -32.46 13.37
C THR A 687 15.29 -33.91 13.71
N GLU A 688 16.28 -34.14 14.55
CA GLU A 688 16.59 -35.49 14.97
C GLU A 688 15.87 -35.81 16.27
N ILE A 689 15.12 -36.89 16.27
CA ILE A 689 14.46 -37.37 17.46
C ILE A 689 15.40 -38.35 18.14
N GLN A 690 15.95 -37.93 19.27
CA GLN A 690 16.78 -38.77 20.12
C GLN A 690 15.94 -39.34 21.25
N LEU A 691 16.34 -40.51 21.71
CA LEU A 691 15.59 -41.16 22.79
C LEU A 691 15.82 -40.48 24.13
N LYS B 9 21.69 -1.01 15.83
CA LYS B 9 22.41 0.04 15.12
C LYS B 9 23.63 -0.50 14.42
N LEU B 10 24.81 -0.08 14.88
CA LEU B 10 26.05 -0.51 14.24
C LEU B 10 26.21 -2.01 14.35
N ALA B 11 26.58 -2.66 13.25
CA ALA B 11 26.75 -4.11 13.23
C ALA B 11 28.22 -4.38 12.94
N ASP B 12 29.03 -4.38 14.00
CA ASP B 12 30.48 -4.45 13.88
C ASP B 12 30.97 -5.86 13.57
N CYS B 13 32.13 -5.94 12.90
CA CYS B 13 32.76 -7.21 12.63
C CYS B 13 33.47 -7.71 13.88
N SER B 14 34.09 -8.89 13.79
CA SER B 14 34.74 -9.47 14.96
C SER B 14 36.21 -9.12 15.07
N SER B 15 36.91 -8.95 13.94
CA SER B 15 38.33 -8.64 14.01
C SER B 15 38.54 -7.21 14.47
N LYS B 16 39.41 -7.03 15.47
CA LYS B 16 39.81 -5.71 15.96
C LYS B 16 41.14 -5.28 15.36
N SER B 17 41.45 -5.73 14.17
CA SER B 17 42.67 -5.28 13.55
C SER B 17 42.32 -4.30 12.44
N PRO B 18 42.30 -3.00 12.74
CA PRO B 18 41.71 -2.03 11.82
C PRO B 18 42.10 -2.20 10.36
N GLU B 19 43.38 -2.40 10.08
CA GLU B 19 43.83 -2.39 8.69
C GLU B 19 43.16 -3.45 7.84
N GLU B 20 42.69 -4.54 8.43
CA GLU B 20 41.98 -5.53 7.65
C GLU B 20 40.49 -5.30 7.64
N CYS B 21 39.97 -4.41 8.48
CA CYS B 21 38.53 -4.33 8.66
C CYS B 21 37.94 -3.25 7.77
N GLU B 22 36.62 -3.33 7.62
CA GLU B 22 35.91 -2.44 6.73
C GLU B 22 34.55 -2.18 7.34
N ILE B 23 34.08 -0.96 7.19
CA ILE B 23 32.72 -0.63 7.61
C ILE B 23 31.97 -0.11 6.40
N PHE B 24 30.73 -0.54 6.26
CA PHE B 24 29.88 -0.14 5.16
C PHE B 24 28.75 0.72 5.68
N LEU B 25 28.47 1.81 4.98
CA LEU B 25 27.43 2.74 5.37
C LEU B 25 26.26 2.54 4.43
N VAL B 26 25.11 2.22 5.00
CA VAL B 26 23.92 1.95 4.20
C VAL B 26 22.83 2.90 4.66
N GLU B 27 21.84 3.07 3.78
CA GLU B 27 20.86 4.13 3.95
C GLU B 27 19.87 3.86 5.08
N GLY B 28 19.84 2.65 5.62
CA GLY B 28 18.93 2.37 6.69
C GLY B 28 18.90 0.89 7.00
N ASP B 29 17.92 0.52 7.82
CA ASP B 29 17.84 -0.83 8.35
C ASP B 29 17.38 -1.82 7.29
N SER B 30 16.46 -1.42 6.41
CA SER B 30 16.08 -2.28 5.30
C SER B 30 17.31 -2.71 4.52
N ALA B 31 18.14 -1.74 4.13
CA ALA B 31 19.38 -2.04 3.46
C ALA B 31 20.36 -2.76 4.38
N GLY B 32 20.30 -2.45 5.67
CA GLY B 32 21.23 -3.07 6.60
C GLY B 32 21.01 -4.56 6.74
N GLY B 33 19.75 -4.99 6.72
CA GLY B 33 19.46 -6.40 6.93
C GLY B 33 20.06 -7.26 5.84
N SER B 34 19.86 -6.86 4.59
CA SER B 34 20.52 -7.55 3.49
C SER B 34 22.03 -7.46 3.63
N THR B 35 22.53 -6.35 4.16
CA THR B 35 23.97 -6.17 4.24
C THR B 35 24.55 -7.01 5.37
N LYS B 36 23.82 -7.13 6.47
CA LYS B 36 24.24 -8.05 7.51
C LYS B 36 24.20 -9.47 7.00
N SER B 37 23.20 -9.80 6.20
CA SER B 37 23.00 -11.19 5.83
C SER B 37 24.05 -11.67 4.83
N GLY B 38 24.70 -10.75 4.10
CA GLY B 38 25.60 -11.17 3.05
C GLY B 38 27.08 -10.95 3.31
N ARG B 39 27.39 -10.13 4.31
CA ARG B 39 28.77 -9.79 4.56
C ARG B 39 29.56 -11.01 5.02
N ASP B 40 30.88 -10.88 4.98
CA ASP B 40 31.76 -11.72 5.78
C ASP B 40 31.86 -11.05 7.13
N SER B 41 31.24 -11.65 8.14
CA SER B 41 31.14 -11.02 9.45
C SER B 41 32.48 -10.79 10.10
N ARG B 42 33.54 -11.45 9.62
CA ARG B 42 34.82 -11.33 10.31
C ARG B 42 35.43 -9.96 10.13
N THR B 43 35.24 -9.35 8.96
CA THR B 43 36.01 -8.17 8.61
C THR B 43 35.18 -7.01 8.11
N GLN B 44 33.86 -7.13 8.10
CA GLN B 44 33.01 -6.13 7.48
C GLN B 44 31.97 -5.68 8.50
N ALA B 45 31.93 -4.38 8.76
CA ALA B 45 30.96 -3.79 9.65
C ALA B 45 29.93 -3.01 8.85
N ILE B 46 28.78 -2.75 9.48
CA ILE B 46 27.69 -2.06 8.82
C ILE B 46 27.11 -1.04 9.77
N LEU B 47 26.88 0.16 9.25
CA LEU B 47 26.18 1.18 10.00
C LEU B 47 25.03 1.64 9.12
N PRO B 48 23.80 1.27 9.43
CA PRO B 48 22.67 1.80 8.69
C PRO B 48 22.39 3.22 9.14
N LEU B 49 22.18 4.11 8.18
CA LEU B 49 21.89 5.50 8.51
C LEU B 49 20.39 5.70 8.57
N ARG B 50 19.89 6.90 8.27
CA ARG B 50 18.45 7.21 8.34
C ARG B 50 18.03 8.18 7.24
N GLY B 51 18.35 7.83 6.00
CA GLY B 51 17.91 8.65 4.89
C GLY B 51 18.80 9.85 4.64
N LYS B 52 18.17 10.97 4.31
CA LYS B 52 18.94 12.18 4.04
C LYS B 52 19.69 12.56 5.30
N ILE B 53 20.95 12.93 5.12
CA ILE B 53 21.83 13.19 6.24
C ILE B 53 22.13 14.67 6.24
N LEU B 54 22.36 15.20 7.44
CA LEU B 54 22.59 16.61 7.62
C LEU B 54 23.62 17.10 6.61
N ASN B 55 23.32 18.23 5.99
CA ASN B 55 24.30 18.89 5.14
C ASN B 55 25.16 19.76 6.04
N VAL B 56 26.31 19.24 6.45
CA VAL B 56 27.16 19.94 7.39
C VAL B 56 27.83 21.16 6.78
N GLU B 57 27.73 21.32 5.47
CA GLU B 57 28.17 22.54 4.83
C GLU B 57 27.19 23.68 5.04
N LYS B 58 25.95 23.35 5.40
CA LYS B 58 24.95 24.36 5.66
C LYS B 58 24.68 24.54 7.14
N ALA B 59 24.88 23.50 7.93
CA ALA B 59 24.48 23.57 9.32
C ALA B 59 25.60 24.15 10.17
N ARG B 60 25.21 24.62 11.35
CA ARG B 60 26.18 25.08 12.33
C ARG B 60 26.54 23.95 13.27
N LEU B 61 27.55 24.20 14.09
CA LEU B 61 28.24 23.10 14.75
C LEU B 61 27.37 22.44 15.82
N ASP B 62 26.79 23.24 16.72
CA ASP B 62 25.94 22.65 17.75
C ASP B 62 24.93 21.69 17.15
N ARG B 63 24.27 22.10 16.07
CA ARG B 63 23.32 21.21 15.42
C ARG B 63 24.02 19.99 14.87
N ILE B 64 25.22 20.18 14.32
CA ILE B 64 25.96 19.07 13.75
C ILE B 64 26.28 18.05 14.85
N LEU B 65 26.84 18.51 15.97
CA LEU B 65 27.26 17.58 17.00
C LEU B 65 26.09 16.91 17.67
N ASN B 66 24.94 17.54 17.68
CA ASN B 66 23.78 16.94 18.31
C ASN B 66 23.00 16.08 17.34
N ASN B 67 23.51 15.88 16.14
CA ASN B 67 22.82 15.04 15.17
C ASN B 67 23.23 13.60 15.39
N ASN B 68 22.23 12.75 15.59
CA ASN B 68 22.51 11.37 15.98
C ASN B 68 23.31 10.64 14.91
N GLU B 69 22.88 10.74 13.65
CA GLU B 69 23.54 9.98 12.60
C GLU B 69 25.01 10.34 12.49
N ILE B 70 25.32 11.63 12.63
CA ILE B 70 26.71 12.07 12.69
C ILE B 70 27.41 11.37 13.85
N ARG B 71 26.87 11.55 15.06
CA ARG B 71 27.49 10.97 16.24
C ARG B 71 27.77 9.51 16.06
N GLN B 72 26.85 8.80 15.42
CA GLN B 72 27.06 7.38 15.21
C GLN B 72 28.31 7.14 14.39
N MET B 73 28.58 7.98 13.40
CA MET B 73 29.73 7.75 12.56
C MET B 73 31.01 8.08 13.30
N ILE B 74 31.04 9.22 13.97
CA ILE B 74 32.21 9.59 14.74
C ILE B 74 32.53 8.48 15.74
N THR B 75 31.55 8.17 16.58
CA THR B 75 31.68 7.03 17.47
C THR B 75 32.23 5.85 16.72
N ALA B 76 31.59 5.50 15.61
CA ALA B 76 31.95 4.28 14.92
C ALA B 76 33.37 4.35 14.38
N PHE B 77 33.74 5.50 13.81
CA PHE B 77 35.08 5.58 13.26
C PHE B 77 36.13 5.65 14.35
N GLY B 78 35.83 6.31 15.48
CA GLY B 78 36.74 6.33 16.60
C GLY B 78 37.88 7.32 16.51
N THR B 79 38.10 7.95 15.35
CA THR B 79 39.23 8.85 15.13
C THR B 79 39.03 10.25 15.65
N GLY B 80 37.94 10.52 16.36
CA GLY B 80 37.68 11.94 16.57
C GLY B 80 37.51 12.64 15.23
N ILE B 81 37.45 13.98 15.31
CA ILE B 81 37.22 14.83 14.16
C ILE B 81 38.03 16.10 14.29
N GLY B 82 38.17 16.80 13.16
CA GLY B 82 38.75 18.14 13.17
C GLY B 82 40.18 18.15 13.69
N GLY B 83 40.48 19.14 14.53
CA GLY B 83 41.81 19.24 15.11
C GLY B 83 42.22 17.98 15.85
N ASP B 84 41.25 17.32 16.48
CA ASP B 84 41.52 16.10 17.22
C ASP B 84 41.49 14.85 16.36
N PHE B 85 41.44 14.99 15.05
CA PHE B 85 41.41 13.81 14.18
C PHE B 85 42.74 13.07 14.29
N ASP B 86 42.67 11.79 14.66
CA ASP B 86 43.87 11.00 14.91
C ASP B 86 43.78 9.73 14.06
N LEU B 87 44.40 9.79 12.88
CA LEU B 87 44.24 8.73 11.89
C LEU B 87 44.70 7.38 12.40
N ALA B 88 45.66 7.37 13.32
CA ALA B 88 46.13 6.11 13.86
C ALA B 88 45.06 5.39 14.68
N LYS B 89 44.07 6.11 15.18
CA LYS B 89 43.02 5.54 16.01
C LYS B 89 41.89 4.94 15.20
N ALA B 90 42.02 4.90 13.88
CA ALA B 90 40.97 4.36 13.04
C ALA B 90 40.79 2.88 13.27
N ARG B 91 39.54 2.44 13.31
CA ARG B 91 39.19 1.05 13.53
C ARG B 91 38.95 0.26 12.25
N TYR B 92 38.89 0.94 11.09
CA TYR B 92 38.82 0.27 9.81
C TYR B 92 39.64 1.09 8.82
N HIS B 93 40.25 0.42 7.87
CA HIS B 93 40.95 1.16 6.85
C HIS B 93 40.16 1.24 5.57
N LYS B 94 38.97 0.69 5.56
CA LYS B 94 38.06 0.83 4.45
C LYS B 94 36.72 1.26 4.99
N ILE B 95 36.39 2.53 4.77
CA ILE B 95 35.03 3.02 4.96
C ILE B 95 34.39 3.06 3.60
N VAL B 96 33.27 2.36 3.45
CA VAL B 96 32.64 2.16 2.15
C VAL B 96 31.25 2.76 2.17
N ILE B 97 30.99 3.66 1.25
CA ILE B 97 29.66 4.24 1.10
C ILE B 97 28.87 3.32 0.17
N MET B 98 27.72 2.86 0.63
CA MET B 98 26.92 1.91 -0.12
C MET B 98 25.46 2.34 -0.10
N THR B 99 25.21 3.51 -0.67
CA THR B 99 23.84 4.01 -0.73
C THR B 99 23.09 3.30 -1.84
N ASP B 100 21.80 3.53 -1.93
CA ASP B 100 21.06 2.91 -3.01
C ASP B 100 21.49 3.49 -4.35
N ALA B 101 21.27 2.71 -5.39
CA ALA B 101 21.72 3.06 -6.73
C ALA B 101 20.66 3.92 -7.43
N ASP B 102 20.34 5.05 -6.80
CA ASP B 102 19.40 6.01 -7.34
C ASP B 102 19.94 7.41 -7.09
N VAL B 103 19.22 8.41 -7.60
CA VAL B 103 19.68 9.79 -7.40
C VAL B 103 19.70 10.13 -5.93
N ASP B 104 18.74 9.61 -5.18
CA ASP B 104 18.72 9.86 -3.74
C ASP B 104 19.90 9.18 -3.06
N GLY B 105 20.26 7.99 -3.53
CA GLY B 105 21.50 7.39 -3.05
C GLY B 105 22.71 8.20 -3.42
N ALA B 106 22.68 8.83 -4.59
CA ALA B 106 23.78 9.69 -5.00
C ALA B 106 23.82 10.95 -4.17
N HIS B 107 22.66 11.52 -3.88
CA HIS B 107 22.62 12.68 -3.00
C HIS B 107 23.26 12.36 -1.66
N ILE B 108 22.79 11.29 -1.03
CA ILE B 108 23.30 10.90 0.27
C ILE B 108 24.81 10.78 0.22
N ARG B 109 25.31 10.20 -0.86
CA ARG B 109 26.75 10.09 -1.04
C ARG B 109 27.40 11.46 -0.96
N THR B 110 26.84 12.43 -1.67
CA THR B 110 27.42 13.76 -1.59
C THR B 110 27.34 14.28 -0.19
N LEU B 111 26.22 14.02 0.49
CA LEU B 111 26.10 14.43 1.87
C LEU B 111 27.18 13.79 2.71
N LEU B 112 27.52 12.55 2.41
CA LEU B 112 28.51 11.84 3.20
C LEU B 112 29.90 12.34 2.91
N LEU B 113 30.22 12.52 1.65
CA LEU B 113 31.52 13.05 1.33
C LEU B 113 31.72 14.40 1.98
N THR B 114 30.72 15.25 1.87
CA THR B 114 30.82 16.57 2.47
C THR B 114 31.28 16.46 3.90
N PHE B 115 30.67 15.56 4.65
CA PHE B 115 31.02 15.41 6.05
C PHE B 115 32.44 14.92 6.21
N PHE B 116 32.75 13.76 5.63
CA PHE B 116 34.13 13.28 5.63
C PHE B 116 35.08 14.35 5.19
N TYR B 117 34.73 15.05 4.13
CA TYR B 117 35.64 16.06 3.65
C TYR B 117 35.75 17.20 4.63
N ARG B 118 34.65 17.59 5.23
CA ARG B 118 34.71 18.75 6.11
C ARG B 118 35.27 18.39 7.45
N PHE B 119 35.12 17.14 7.87
CA PHE B 119 35.45 16.79 9.23
C PHE B 119 36.44 15.66 9.33
N MET B 120 36.85 15.05 8.23
CA MET B 120 37.72 13.89 8.30
C MET B 120 38.60 13.82 7.08
N ARG B 121 39.06 14.98 6.62
CA ARG B 121 39.82 15.03 5.37
C ARG B 121 40.96 14.03 5.30
N PRO B 122 41.83 13.89 6.30
CA PRO B 122 42.92 12.92 6.16
C PRO B 122 42.42 11.53 5.82
N LEU B 123 41.27 11.15 6.40
CA LEU B 123 40.63 9.89 6.05
C LEU B 123 40.61 9.69 4.55
N ILE B 124 40.25 10.74 3.83
CA ILE B 124 40.27 10.66 2.38
C ILE B 124 41.71 10.57 1.90
N GLU B 125 42.56 11.47 2.40
CA GLU B 125 43.93 11.57 1.93
C GLU B 125 44.67 10.25 2.08
N ALA B 126 44.34 9.50 3.11
CA ALA B 126 44.90 8.16 3.27
C ALA B 126 44.24 7.14 2.38
N GLY B 127 43.25 7.54 1.57
CA GLY B 127 42.56 6.57 0.75
C GLY B 127 41.77 5.57 1.55
N TYR B 128 41.27 5.95 2.70
CA TYR B 128 40.48 5.03 3.49
C TYR B 128 39.03 4.99 3.07
N VAL B 129 38.61 5.92 2.25
CA VAL B 129 37.22 6.10 1.90
C VAL B 129 37.00 5.50 0.53
N TYR B 130 36.03 4.60 0.43
CA TYR B 130 35.72 3.92 -0.80
C TYR B 130 34.23 4.05 -1.07
N ILE B 131 33.84 3.69 -2.28
CA ILE B 131 32.45 3.77 -2.71
C ILE B 131 32.09 2.45 -3.34
N ALA B 132 31.25 1.69 -2.65
CA ALA B 132 30.71 0.49 -3.26
C ALA B 132 29.96 0.84 -4.52
N GLN B 133 29.82 -0.14 -5.40
CA GLN B 133 29.08 0.05 -6.64
C GLN B 133 28.07 -1.09 -6.78
N PRO B 134 26.94 -0.96 -6.11
CA PRO B 134 25.89 -1.95 -6.25
C PRO B 134 25.11 -1.73 -7.52
N PRO B 135 24.49 -2.76 -8.08
CA PRO B 135 23.86 -2.63 -9.40
C PRO B 135 22.47 -1.98 -9.35
N THR B 136 22.05 -1.49 -10.52
CA THR B 136 20.78 -0.81 -10.67
C THR B 136 19.67 -1.82 -10.97
N GLY B 137 18.44 -1.32 -11.00
CA GLY B 137 17.28 -2.18 -11.10
C GLY B 137 16.69 -2.58 -9.77
N TYR B 138 17.25 -2.08 -8.67
CA TYR B 138 16.75 -2.35 -7.33
C TYR B 138 16.36 -1.04 -6.65
N LYS B 139 15.16 -1.00 -6.08
CA LYS B 139 14.71 0.21 -5.38
C LYS B 139 15.66 0.58 -4.26
N GLY B 140 16.12 -0.40 -3.51
CA GLY B 140 17.12 -0.16 -2.48
C GLY B 140 17.76 -1.49 -2.18
N LEU B 141 18.86 -1.44 -1.43
CA LEU B 141 19.56 -2.67 -1.08
C LEU B 141 18.62 -3.67 -0.40
N GLY B 142 17.50 -3.21 0.15
CA GLY B 142 16.52 -4.12 0.71
C GLY B 142 15.82 -4.99 -0.32
N GLU B 143 15.94 -4.65 -1.61
CA GLU B 143 15.33 -5.46 -2.67
C GLU B 143 16.25 -6.58 -3.18
N MET B 144 17.52 -6.57 -2.81
CA MET B 144 18.44 -7.60 -3.25
C MET B 144 18.45 -8.76 -2.28
N ASN B 145 18.61 -9.97 -2.81
CA ASN B 145 18.89 -11.10 -1.94
C ASN B 145 20.33 -11.04 -1.45
N ALA B 146 20.58 -11.65 -0.29
CA ALA B 146 21.85 -11.46 0.39
C ALA B 146 23.03 -12.03 -0.39
N ASP B 147 22.81 -13.06 -1.22
CA ASP B 147 23.92 -13.64 -1.96
C ASP B 147 24.32 -12.77 -3.15
N GLN B 148 23.36 -12.16 -3.81
CA GLN B 148 23.67 -11.27 -4.92
C GLN B 148 24.43 -10.04 -4.44
N LEU B 149 24.06 -9.51 -3.27
CA LEU B 149 24.74 -8.33 -2.75
C LEU B 149 26.21 -8.63 -2.48
N TRP B 150 26.50 -9.70 -1.74
CA TRP B 150 27.88 -10.03 -1.43
C TRP B 150 28.69 -10.15 -2.70
N GLU B 151 28.14 -10.80 -3.70
CA GLU B 151 28.91 -11.11 -4.90
C GLU B 151 29.16 -9.87 -5.72
N THR B 152 28.10 -9.14 -6.07
CA THR B 152 28.27 -7.96 -6.91
C THR B 152 29.06 -6.88 -6.21
N THR B 153 28.96 -6.79 -4.90
CA THR B 153 29.36 -5.57 -4.21
C THR B 153 30.28 -5.78 -3.02
N MET B 154 30.29 -6.94 -2.39
CA MET B 154 31.05 -7.08 -1.16
C MET B 154 32.13 -8.14 -1.21
N ASN B 155 32.11 -9.02 -2.18
CA ASN B 155 33.17 -10.00 -2.28
C ASN B 155 34.43 -9.33 -2.80
N PRO B 156 35.51 -9.30 -2.03
CA PRO B 156 36.75 -8.69 -2.53
C PRO B 156 37.25 -9.33 -3.79
N GLU B 157 36.95 -10.61 -3.99
CA GLU B 157 37.33 -11.29 -5.22
C GLU B 157 36.71 -10.67 -6.47
N HIS B 158 35.60 -9.95 -6.33
CA HIS B 158 34.94 -9.45 -7.53
C HIS B 158 34.38 -8.06 -7.41
N ARG B 159 34.02 -7.61 -6.21
CA ARG B 159 33.59 -6.24 -6.02
C ARG B 159 34.56 -5.29 -6.69
N ALA B 160 34.05 -4.12 -7.06
CA ALA B 160 34.79 -3.07 -7.76
C ALA B 160 34.62 -1.77 -7.00
N LEU B 161 35.31 -1.65 -5.88
CA LEU B 161 35.27 -0.40 -5.14
C LEU B 161 35.97 0.71 -5.90
N LEU B 162 35.60 1.93 -5.56
CA LEU B 162 36.26 3.12 -6.10
C LEU B 162 36.90 3.86 -4.94
N GLN B 163 38.21 3.73 -4.79
CA GLN B 163 38.87 4.47 -3.74
C GLN B 163 38.74 5.95 -4.02
N VAL B 164 38.37 6.71 -3.00
CA VAL B 164 38.20 8.14 -3.15
C VAL B 164 39.56 8.80 -3.17
N LYS B 165 39.84 9.50 -4.24
CA LYS B 165 41.11 10.17 -4.43
C LYS B 165 40.92 11.66 -4.28
N LEU B 166 41.90 12.31 -3.68
CA LEU B 166 41.91 13.75 -3.46
C LEU B 166 43.11 14.35 -4.17
N GLU B 167 42.85 15.05 -5.27
CA GLU B 167 43.88 15.55 -6.17
C GLU B 167 44.25 17.00 -5.91
N ASP B 168 43.26 17.87 -5.71
CA ASP B 168 43.50 19.31 -5.69
C ASP B 168 42.56 19.93 -4.66
N ALA B 169 43.07 20.06 -3.43
CA ALA B 169 42.26 20.55 -2.33
C ALA B 169 41.63 21.90 -2.62
N ILE B 170 42.31 22.74 -3.40
CA ILE B 170 41.72 24.02 -3.74
C ILE B 170 40.47 23.81 -4.59
N GLU B 171 40.55 22.91 -5.56
CA GLU B 171 39.41 22.63 -6.41
C GLU B 171 38.27 21.99 -5.64
N ALA B 172 38.58 21.35 -4.52
CA ALA B 172 37.54 20.63 -3.80
C ALA B 172 36.78 21.55 -2.86
N ASP B 173 37.49 22.45 -2.18
CA ASP B 173 36.83 23.40 -1.30
C ASP B 173 35.73 24.14 -2.04
N GLN B 174 36.04 24.62 -3.25
CA GLN B 174 35.04 25.35 -4.00
C GLN B 174 33.88 24.45 -4.38
N THR B 175 34.18 23.20 -4.70
CA THR B 175 33.14 22.28 -5.10
C THR B 175 32.14 22.06 -3.98
N PHE B 176 32.64 21.72 -2.79
CA PHE B 176 31.74 21.49 -1.68
C PHE B 176 30.99 22.77 -1.34
N GLU B 177 31.68 23.89 -1.35
CA GLU B 177 31.00 25.15 -1.07
C GLU B 177 30.01 25.49 -2.18
N MET B 178 30.40 25.26 -3.43
CA MET B 178 29.47 25.47 -4.52
C MET B 178 28.29 24.53 -4.40
N LEU B 179 28.57 23.23 -4.35
CA LEU B 179 27.50 22.25 -4.41
C LEU B 179 26.66 22.27 -3.15
N MET B 180 27.30 22.32 -1.99
CA MET B 180 26.60 22.04 -0.74
C MET B 180 26.41 23.27 0.12
N GLY B 181 26.67 24.46 -0.40
CA GLY B 181 26.72 25.66 0.41
C GLY B 181 25.40 26.43 0.52
N ASP B 182 25.46 27.50 1.32
CA ASP B 182 24.31 28.35 1.57
C ASP B 182 23.81 29.02 0.32
N VAL B 183 24.70 29.32 -0.61
CA VAL B 183 24.39 30.23 -1.70
C VAL B 183 23.73 29.45 -2.83
N VAL B 184 22.44 29.72 -3.06
CA VAL B 184 21.74 28.95 -4.07
C VAL B 184 22.19 29.35 -5.47
N GLU B 185 22.54 30.61 -5.66
CA GLU B 185 22.67 31.09 -7.04
C GLU B 185 23.84 30.44 -7.76
N ASN B 186 24.93 30.16 -7.04
CA ASN B 186 26.04 29.44 -7.67
C ASN B 186 25.68 27.99 -7.91
N ARG B 187 24.95 27.40 -6.97
CA ARG B 187 24.32 26.11 -7.22
C ARG B 187 23.58 26.18 -8.56
N ARG B 188 22.64 27.12 -8.66
CA ARG B 188 21.81 27.22 -9.85
C ARG B 188 22.64 27.39 -11.10
N GLN B 189 23.69 28.19 -11.02
CA GLN B 189 24.49 28.43 -12.21
C GLN B 189 25.24 27.17 -12.62
N PHE B 190 25.82 26.47 -11.66
CA PHE B 190 26.51 25.23 -12.00
C PHE B 190 25.58 24.29 -12.73
N ILE B 191 24.33 24.20 -12.27
CA ILE B 191 23.36 23.34 -12.94
C ILE B 191 23.13 23.82 -14.35
N GLU B 192 22.75 25.09 -14.49
CA GLU B 192 22.47 25.66 -15.79
C GLU B 192 23.64 25.40 -16.74
N ASP B 193 24.86 25.57 -16.24
CA ASP B 193 26.02 25.34 -17.10
C ASP B 193 26.26 23.87 -17.37
N ASN B 194 25.77 22.97 -16.54
CA ASN B 194 26.08 21.56 -16.73
C ASN B 194 24.87 20.69 -16.99
N ALA B 195 23.66 21.20 -16.76
CA ALA B 195 22.47 20.44 -17.12
C ALA B 195 22.50 20.13 -18.62
N VAL B 196 22.14 18.90 -18.97
CA VAL B 196 22.01 18.46 -20.36
C VAL B 196 20.84 17.48 -20.42
N TYR B 197 19.75 17.89 -21.04
CA TYR B 197 18.53 17.08 -21.05
C TYR B 197 18.46 16.07 -22.18
N ASN B 211 38.21 1.81 -10.34
CA ASN B 211 39.28 1.54 -9.39
C ASN B 211 39.39 2.68 -8.39
N GLU B 212 39.66 3.87 -8.88
CA GLU B 212 39.73 5.05 -8.02
C GLU B 212 38.93 6.16 -8.65
N ARG B 213 38.57 7.12 -7.82
CA ARG B 213 37.66 8.16 -8.24
C ARG B 213 38.09 9.49 -7.63
N ASN B 214 38.16 10.51 -8.46
CA ASN B 214 38.49 11.84 -8.00
C ASN B 214 37.29 12.44 -7.30
N ILE B 215 37.50 12.97 -6.08
CA ILE B 215 36.34 13.39 -5.30
C ILE B 215 35.67 14.61 -5.91
N THR B 216 36.37 15.36 -6.74
CA THR B 216 35.75 16.52 -7.36
C THR B 216 34.77 16.09 -8.42
N SER B 217 35.20 15.25 -9.35
CA SER B 217 34.30 14.77 -10.38
C SER B 217 33.10 14.06 -9.77
N GLU B 218 33.34 13.28 -8.71
CA GLU B 218 32.27 12.51 -8.12
C GLU B 218 31.18 13.40 -7.57
N MET B 219 31.58 14.40 -6.77
CA MET B 219 30.61 15.34 -6.23
C MET B 219 29.88 16.06 -7.35
N ARG B 220 30.63 16.56 -8.33
CA ARG B 220 29.99 17.23 -9.46
C ARG B 220 29.05 16.30 -10.18
N GLU B 221 29.53 15.10 -10.48
CA GLU B 221 28.73 14.20 -11.28
C GLU B 221 27.53 13.69 -10.49
N SER B 222 27.75 13.25 -9.24
CA SER B 222 26.64 12.74 -8.44
C SER B 222 25.61 13.83 -8.18
N PHE B 223 26.08 14.99 -7.76
CA PHE B 223 25.11 15.99 -7.34
C PHE B 223 24.34 16.51 -8.53
N LEU B 224 24.98 16.56 -9.69
CA LEU B 224 24.26 17.05 -10.87
C LEU B 224 23.14 16.10 -11.25
N ASP B 225 23.37 14.80 -11.13
CA ASP B 225 22.30 13.87 -11.41
C ASP B 225 21.17 14.06 -10.42
N TYR B 226 21.49 14.35 -9.16
CA TYR B 226 20.43 14.58 -8.19
C TYR B 226 19.61 15.79 -8.60
N ALA B 227 20.27 16.94 -8.61
CA ALA B 227 19.62 18.18 -9.02
C ALA B 227 18.76 17.98 -10.25
N MET B 228 19.37 17.60 -11.37
CA MET B 228 18.63 17.48 -12.62
C MET B 228 17.38 16.64 -12.44
N SER B 229 17.50 15.55 -11.70
CA SER B 229 16.36 14.68 -11.52
C SER B 229 15.28 15.35 -10.71
N VAL B 230 15.68 16.11 -9.69
CA VAL B 230 14.70 16.82 -8.88
C VAL B 230 13.98 17.85 -9.73
N ILE B 231 14.74 18.51 -10.59
CA ILE B 231 14.21 19.63 -11.36
C ILE B 231 13.19 19.13 -12.38
N VAL B 232 13.60 18.18 -13.23
CA VAL B 232 12.76 17.77 -14.35
C VAL B 232 11.89 16.57 -14.03
N ALA B 233 11.97 16.04 -12.82
CA ALA B 233 11.17 14.85 -12.61
C ALA B 233 10.77 14.67 -11.17
N ARG B 234 10.39 15.78 -10.52
CA ARG B 234 9.92 15.66 -9.15
C ARG B 234 9.21 16.92 -8.71
N ALA B 235 9.93 18.04 -8.67
CA ALA B 235 9.46 19.21 -7.96
C ALA B 235 8.89 20.29 -8.88
N LEU B 236 9.13 20.22 -10.14
CA LEU B 236 8.57 21.30 -10.92
C LEU B 236 7.49 20.76 -11.84
N PRO B 237 6.49 21.58 -12.16
CA PRO B 237 5.40 21.11 -13.01
C PRO B 237 5.68 21.35 -14.48
N ASP B 238 4.96 20.60 -15.29
CA ASP B 238 4.95 20.80 -16.72
C ASP B 238 3.99 21.92 -17.08
N VAL B 239 4.46 22.85 -17.89
CA VAL B 239 3.63 23.97 -18.28
C VAL B 239 2.38 23.48 -19.00
N ARG B 240 2.48 22.33 -19.67
CA ARG B 240 1.41 21.91 -20.55
C ARG B 240 0.20 21.45 -19.77
N ASP B 241 0.42 20.51 -18.85
CA ASP B 241 -0.68 20.02 -18.05
C ASP B 241 -0.65 20.53 -16.63
N GLY B 242 0.41 21.20 -16.24
CA GLY B 242 0.52 21.73 -14.91
C GLY B 242 0.90 20.73 -13.86
N LEU B 243 1.36 19.53 -14.26
CA LEU B 243 1.51 18.43 -13.33
C LEU B 243 2.95 18.06 -13.12
N LYS B 244 3.21 17.52 -11.96
CA LYS B 244 4.42 16.84 -11.56
C LYS B 244 4.22 15.35 -11.74
N PRO B 245 5.30 14.59 -11.87
CA PRO B 245 5.15 13.16 -12.17
C PRO B 245 4.29 12.43 -11.18
N VAL B 246 4.39 12.77 -9.91
CA VAL B 246 3.62 12.04 -8.91
C VAL B 246 2.14 12.26 -9.15
N HIS B 247 1.76 13.47 -9.53
CA HIS B 247 0.35 13.68 -9.78
C HIS B 247 -0.06 13.08 -11.10
N ARG B 248 0.78 13.28 -12.12
CA ARG B 248 0.49 12.68 -13.40
C ARG B 248 0.31 11.19 -13.25
N ARG B 249 1.18 10.54 -12.49
CA ARG B 249 1.09 9.10 -12.30
C ARG B 249 -0.16 8.74 -11.53
N ILE B 250 -0.49 9.52 -10.51
CA ILE B 250 -1.69 9.21 -9.76
C ILE B 250 -2.90 9.21 -10.68
N LEU B 251 -3.15 10.34 -11.33
CA LEU B 251 -4.37 10.45 -12.11
C LEU B 251 -4.38 9.47 -13.26
N TYR B 252 -3.22 9.28 -13.88
CA TYR B 252 -3.11 8.25 -14.89
C TYR B 252 -3.53 6.92 -14.31
N GLY B 253 -2.96 6.55 -13.18
CA GLY B 253 -3.30 5.29 -12.57
C GLY B 253 -4.78 5.19 -12.27
N LEU B 254 -5.35 6.27 -11.76
CA LEU B 254 -6.80 6.29 -11.59
C LEU B 254 -7.48 6.08 -12.92
N ASN B 255 -6.94 6.69 -13.97
CA ASN B 255 -7.54 6.49 -15.27
C ASN B 255 -7.42 5.03 -15.70
N GLU B 256 -6.22 4.47 -15.62
CA GLU B 256 -6.00 3.15 -16.15
C GLU B 256 -6.83 2.12 -15.43
N GLN B 257 -7.10 2.33 -14.16
CA GLN B 257 -7.96 1.44 -13.42
C GLN B 257 -9.42 1.80 -13.56
N GLY B 258 -9.73 2.74 -14.45
CA GLY B 258 -11.11 3.16 -14.63
C GLY B 258 -11.83 3.48 -13.33
N MET B 259 -11.33 4.45 -12.58
CA MET B 259 -11.93 4.86 -11.32
C MET B 259 -12.48 6.26 -11.48
N THR B 260 -13.60 6.36 -12.16
CA THR B 260 -14.17 7.61 -12.63
C THR B 260 -15.30 8.04 -11.73
N PRO B 261 -15.78 9.28 -11.88
CA PRO B 261 -16.77 9.78 -10.92
C PRO B 261 -18.04 8.94 -10.80
N ASP B 262 -18.47 8.30 -11.88
CA ASP B 262 -19.70 7.53 -11.80
C ASP B 262 -19.51 6.20 -11.09
N LYS B 263 -18.28 5.74 -10.96
CA LYS B 263 -18.02 4.53 -10.21
C LYS B 263 -17.80 4.84 -8.74
N SER B 264 -18.06 3.84 -7.90
CA SER B 264 -17.91 3.99 -6.47
C SER B 264 -16.46 4.31 -6.11
N TYR B 265 -16.25 4.65 -4.85
CA TYR B 265 -14.93 4.99 -4.35
C TYR B 265 -14.07 3.73 -4.21
N LYS B 266 -12.76 3.94 -4.15
CA LYS B 266 -11.81 2.84 -3.99
C LYS B 266 -10.80 3.17 -2.91
N LYS B 267 -10.20 2.12 -2.35
CA LYS B 267 -9.36 2.27 -1.17
C LYS B 267 -8.05 2.92 -1.53
N SER B 268 -7.64 3.90 -0.71
CA SER B 268 -6.42 4.64 -0.99
C SER B 268 -5.21 3.73 -1.01
N ALA B 269 -5.20 2.69 -0.19
CA ALA B 269 -4.01 1.86 -0.08
C ALA B 269 -3.76 1.10 -1.37
N ARG B 270 -4.80 0.51 -1.94
CA ARG B 270 -4.67 -0.10 -3.25
C ARG B 270 -4.01 0.86 -4.19
N ILE B 271 -4.67 2.00 -4.38
CA ILE B 271 -4.20 3.03 -5.28
C ILE B 271 -2.72 3.27 -5.09
N VAL B 272 -2.34 3.56 -3.84
CA VAL B 272 -0.96 3.89 -3.54
C VAL B 272 -0.05 2.72 -3.89
N GLY B 273 -0.36 1.54 -3.35
CA GLY B 273 0.43 0.38 -3.71
C GLY B 273 0.44 0.18 -5.20
N ASP B 274 -0.72 0.34 -5.83
CA ASP B 274 -0.79 0.15 -7.27
C ASP B 274 0.07 1.16 -8.00
N VAL B 275 -0.15 2.44 -7.74
CA VAL B 275 0.68 3.45 -8.41
C VAL B 275 2.13 3.23 -8.07
N MET B 276 2.41 2.86 -6.81
CA MET B 276 3.81 2.68 -6.42
C MET B 276 4.43 1.53 -7.17
N GLY B 277 3.73 0.41 -7.28
CA GLY B 277 4.25 -0.68 -8.08
C GLY B 277 4.36 -0.29 -9.54
N LYS B 278 3.35 0.38 -10.06
CA LYS B 278 3.24 0.61 -11.50
C LYS B 278 4.00 1.83 -11.99
N TYR B 279 3.93 2.96 -11.30
CA TYR B 279 4.39 4.18 -11.96
C TYR B 279 5.36 4.98 -11.12
N HIS B 280 5.20 4.96 -9.80
CA HIS B 280 5.94 5.88 -8.93
C HIS B 280 6.70 5.06 -7.90
N PRO B 281 7.97 4.81 -8.10
CA PRO B 281 8.76 4.00 -7.17
C PRO B 281 9.34 4.83 -6.04
N HIS B 282 8.45 5.33 -5.17
CA HIS B 282 8.86 6.11 -4.02
C HIS B 282 7.94 5.79 -2.85
N GLY B 283 8.29 6.33 -1.69
CA GLY B 283 7.57 5.97 -0.48
C GLY B 283 6.09 6.29 -0.58
N ASP B 284 5.30 5.52 0.19
CA ASP B 284 3.86 5.67 0.15
C ASP B 284 3.41 7.05 0.55
N SER B 285 4.18 7.72 1.38
CA SER B 285 3.76 9.01 1.90
C SER B 285 3.79 10.07 0.82
N SER B 286 4.83 10.09 -0.01
CA SER B 286 4.87 11.02 -1.13
C SER B 286 3.69 10.77 -2.07
N ILE B 287 3.38 9.50 -2.27
CA ILE B 287 2.24 9.16 -3.13
C ILE B 287 0.95 9.52 -2.42
N TYR B 288 0.76 8.98 -1.22
CA TYR B 288 -0.50 9.21 -0.52
C TYR B 288 -0.74 10.70 -0.28
N GLU B 289 0.28 11.44 0.10
CA GLU B 289 0.00 12.82 0.45
C GLU B 289 -0.24 13.68 -0.80
N ALA B 290 0.38 13.34 -1.92
CA ALA B 290 0.06 14.07 -3.14
C ALA B 290 -1.38 13.84 -3.54
N MET B 291 -1.83 12.59 -3.44
CA MET B 291 -3.23 12.31 -3.73
C MET B 291 -4.15 13.03 -2.77
N VAL B 292 -3.75 13.13 -1.51
CA VAL B 292 -4.58 13.79 -0.53
C VAL B 292 -4.79 15.26 -0.91
N ARG B 293 -3.72 15.92 -1.35
CA ARG B 293 -3.84 17.34 -1.60
C ARG B 293 -4.76 17.59 -2.79
N MET B 294 -4.69 16.75 -3.83
CA MET B 294 -5.55 16.95 -4.99
C MET B 294 -7.03 16.84 -4.65
N ALA B 295 -7.38 16.46 -3.43
CA ALA B 295 -8.76 16.34 -3.04
C ALA B 295 -9.22 17.43 -2.09
N GLN B 296 -8.30 18.19 -1.51
CA GLN B 296 -8.67 19.21 -0.54
C GLN B 296 -9.21 20.43 -1.26
N ASP B 297 -10.45 20.80 -0.97
CA ASP B 297 -11.00 21.96 -1.64
C ASP B 297 -10.46 23.26 -1.09
N PHE B 298 -9.67 23.20 -0.01
CA PHE B 298 -8.93 24.37 0.40
C PHE B 298 -7.54 24.41 -0.20
N SER B 299 -7.13 23.37 -0.92
CA SER B 299 -5.84 23.34 -1.59
C SER B 299 -5.95 23.51 -3.10
N TYR B 300 -6.95 22.90 -3.74
CA TYR B 300 -7.06 22.93 -5.19
C TYR B 300 -8.24 23.81 -5.59
N ARG B 301 -7.95 24.85 -6.37
CA ARG B 301 -8.99 25.69 -6.93
C ARG B 301 -10.02 24.83 -7.67
N TYR B 302 -9.55 23.82 -8.39
CA TYR B 302 -10.41 22.81 -9.01
C TYR B 302 -9.85 21.45 -8.64
N PRO B 303 -10.42 20.80 -7.64
CA PRO B 303 -9.86 19.53 -7.16
C PRO B 303 -9.92 18.46 -8.22
N LEU B 304 -8.80 17.78 -8.38
CA LEU B 304 -8.72 16.70 -9.34
C LEU B 304 -9.15 15.37 -8.76
N VAL B 305 -9.12 15.24 -7.44
CA VAL B 305 -9.46 14.00 -6.76
C VAL B 305 -10.73 14.21 -5.96
N ASP B 306 -11.58 13.21 -5.98
CA ASP B 306 -12.77 13.17 -5.13
C ASP B 306 -12.48 12.25 -3.97
N GLY B 307 -12.60 12.77 -2.75
CA GLY B 307 -12.22 12.05 -1.54
C GLY B 307 -13.43 11.59 -0.73
N GLN B 308 -13.33 10.38 -0.17
CA GLN B 308 -14.34 9.85 0.73
C GLN B 308 -13.70 9.71 2.10
N GLY B 309 -14.06 10.60 3.02
CA GLY B 309 -13.56 10.54 4.37
C GLY B 309 -12.76 11.75 4.81
N ASN B 310 -11.98 11.58 5.86
CA ASN B 310 -11.18 12.66 6.44
C ASN B 310 -9.94 12.86 5.57
N PHE B 311 -9.88 13.98 4.89
CA PHE B 311 -8.77 14.34 4.03
C PHE B 311 -8.07 15.58 4.54
N GLY B 312 -7.99 15.73 5.87
CA GLY B 312 -7.28 16.84 6.46
C GLY B 312 -8.16 18.06 6.60
N SER B 313 -7.58 19.12 7.16
CA SER B 313 -8.36 20.32 7.42
C SER B 313 -7.49 21.54 7.25
N MET B 314 -8.14 22.70 7.33
CA MET B 314 -7.44 23.97 7.25
C MET B 314 -6.67 24.28 8.51
N ASP B 315 -6.88 23.54 9.58
CA ASP B 315 -6.11 23.72 10.79
C ASP B 315 -4.81 22.94 10.79
N GLY B 316 -4.42 22.38 9.65
CA GLY B 316 -3.23 21.56 9.63
C GLY B 316 -3.42 20.15 10.13
N ASP B 317 -4.65 19.68 10.23
CA ASP B 317 -4.87 18.28 10.53
C ASP B 317 -4.56 17.44 9.32
N GLY B 318 -3.75 16.40 9.51
CA GLY B 318 -3.46 15.49 8.43
C GLY B 318 -4.70 14.73 8.01
N ALA B 319 -4.61 14.10 6.85
CA ALA B 319 -5.68 13.24 6.40
C ALA B 319 -5.67 11.97 7.22
N ALA B 320 -6.78 11.24 7.18
CA ALA B 320 -6.74 9.92 7.81
C ALA B 320 -5.72 9.04 7.11
N ALA B 321 -5.23 8.03 7.83
CA ALA B 321 -4.27 7.11 7.24
C ALA B 321 -4.86 6.46 6.01
N MET B 322 -3.99 6.08 5.08
CA MET B 322 -4.46 5.64 3.77
C MET B 322 -5.36 4.43 3.86
N ARG B 323 -5.27 3.65 4.94
CA ARG B 323 -6.16 2.51 5.04
C ARG B 323 -7.59 2.92 5.29
N PHE B 324 -7.83 4.14 5.75
CA PHE B 324 -9.19 4.52 6.08
C PHE B 324 -9.92 5.18 4.92
N THR B 325 -9.19 5.81 3.99
CA THR B 325 -9.82 6.72 3.03
C THR B 325 -10.07 6.05 1.69
N GLU B 326 -11.00 6.65 0.95
CA GLU B 326 -11.31 6.23 -0.40
C GLU B 326 -11.36 7.45 -1.30
N ALA B 327 -11.04 7.25 -2.58
CA ALA B 327 -11.03 8.36 -3.50
C ALA B 327 -11.36 7.90 -4.90
N ARG B 328 -11.52 8.87 -5.80
CA ARG B 328 -11.75 8.64 -7.23
C ARG B 328 -11.57 9.98 -7.94
N MET B 329 -11.59 9.91 -9.27
CA MET B 329 -11.44 11.10 -10.09
C MET B 329 -12.58 12.07 -9.85
N THR B 330 -12.27 13.36 -9.94
CA THR B 330 -13.32 14.35 -10.12
C THR B 330 -13.74 14.39 -11.56
N LYS B 331 -14.86 15.05 -11.81
CA LYS B 331 -15.30 15.18 -13.18
C LYS B 331 -14.32 16.00 -13.99
N ILE B 332 -13.82 17.09 -13.42
CA ILE B 332 -12.95 17.94 -14.21
C ILE B 332 -11.68 17.18 -14.56
N THR B 333 -11.31 16.20 -13.75
CA THR B 333 -10.15 15.39 -14.06
C THR B 333 -10.28 14.72 -15.41
N LEU B 334 -11.50 14.36 -15.79
CA LEU B 334 -11.73 13.75 -17.10
C LEU B 334 -11.22 14.60 -18.24
N GLU B 335 -11.21 15.91 -18.05
CA GLU B 335 -10.74 16.78 -19.12
C GLU B 335 -9.23 16.79 -19.20
N LEU B 336 -8.55 16.41 -18.13
CA LEU B 336 -7.11 16.28 -18.23
C LEU B 336 -6.75 15.07 -19.05
N LEU B 337 -7.49 14.00 -18.87
CA LEU B 337 -7.22 12.74 -19.53
C LEU B 337 -8.00 12.60 -20.82
N ARG B 338 -8.94 13.48 -21.07
CA ARG B 338 -9.75 13.44 -22.27
C ARG B 338 -8.88 13.31 -23.50
N ASP B 339 -9.15 12.28 -24.29
CA ASP B 339 -8.50 11.98 -25.57
C ASP B 339 -7.14 11.33 -25.42
N ILE B 340 -6.82 10.84 -24.23
CA ILE B 340 -5.48 10.32 -24.01
C ILE B 340 -5.21 9.10 -24.86
N ASN B 341 -6.24 8.31 -25.16
CA ASN B 341 -6.07 7.11 -25.95
C ASN B 341 -6.30 7.35 -27.43
N LYS B 342 -6.02 8.54 -27.91
CA LYS B 342 -6.14 8.84 -29.33
C LYS B 342 -4.85 9.41 -29.84
N ASP B 343 -3.74 8.92 -29.31
CA ASP B 343 -2.41 9.27 -29.81
C ASP B 343 -2.21 10.79 -29.82
N THR B 344 -2.81 11.47 -28.84
CA THR B 344 -2.64 12.90 -28.74
C THR B 344 -1.34 13.28 -28.08
N ILE B 345 -0.79 12.37 -27.27
CA ILE B 345 0.41 12.62 -26.48
C ILE B 345 1.30 11.39 -26.56
N ASP B 346 2.60 11.60 -26.31
CA ASP B 346 3.60 10.56 -26.44
C ASP B 346 3.73 9.76 -25.15
N PHE B 347 3.54 8.45 -25.23
CA PHE B 347 3.76 7.56 -24.11
C PHE B 347 5.23 7.21 -23.99
N ILE B 348 5.62 6.85 -22.77
CA ILE B 348 6.97 6.41 -22.50
C ILE B 348 6.89 5.19 -21.60
N ASP B 349 8.03 4.53 -21.46
CA ASP B 349 8.12 3.39 -20.59
C ASP B 349 8.38 3.84 -19.17
N ASN B 350 7.86 3.07 -18.22
CA ASN B 350 7.97 3.39 -16.82
C ASN B 350 9.37 3.00 -16.33
N TYR B 351 9.58 3.10 -15.02
CA TYR B 351 10.93 3.04 -14.46
C TYR B 351 11.60 1.70 -14.70
N ASP B 352 10.84 0.62 -14.66
CA ASP B 352 11.39 -0.71 -14.86
C ASP B 352 11.16 -1.24 -16.26
N GLY B 353 10.52 -0.46 -17.12
CA GLY B 353 10.28 -0.85 -18.48
C GLY B 353 9.03 -1.66 -18.72
N ASN B 354 8.48 -2.29 -17.68
CA ASN B 354 7.35 -3.19 -17.86
C ASN B 354 6.01 -2.48 -17.99
N GLU B 355 5.99 -1.15 -18.09
CA GLU B 355 4.75 -0.41 -18.27
C GLU B 355 5.01 0.78 -19.18
N ARG B 356 3.93 1.30 -19.76
CA ARG B 356 3.94 2.57 -20.47
C ARG B 356 3.22 3.61 -19.62
N GLU B 357 3.72 4.83 -19.63
CA GLU B 357 3.05 5.89 -18.89
C GLU B 357 3.06 7.14 -19.76
N PRO B 358 2.15 8.07 -19.49
CA PRO B 358 2.14 9.30 -20.29
C PRO B 358 3.26 10.21 -19.86
N SER B 359 3.82 10.91 -20.84
CA SER B 359 4.74 11.98 -20.50
C SER B 359 4.02 13.25 -20.09
N VAL B 360 2.79 13.45 -20.57
CA VAL B 360 2.03 14.65 -20.27
C VAL B 360 0.57 14.31 -20.50
N LEU B 361 -0.32 15.04 -19.88
CA LEU B 361 -1.72 14.73 -20.15
C LEU B 361 -2.30 15.65 -21.19
N PRO B 362 -3.34 15.20 -21.90
CA PRO B 362 -4.03 16.11 -22.83
C PRO B 362 -4.47 17.42 -22.20
N ALA B 363 -4.82 17.41 -20.93
CA ALA B 363 -5.10 18.64 -20.20
C ALA B 363 -6.05 19.54 -20.98
N ARG B 364 -7.26 19.07 -21.15
CA ARG B 364 -8.09 19.92 -22.01
C ARG B 364 -8.47 21.20 -21.35
N PHE B 365 -7.93 21.52 -20.18
CA PHE B 365 -8.02 22.86 -19.60
C PHE B 365 -6.66 23.27 -19.05
N PRO B 366 -6.35 24.57 -19.03
CA PRO B 366 -5.00 25.02 -18.67
C PRO B 366 -4.68 24.79 -17.22
N ASN B 367 -4.48 23.54 -16.86
CA ASN B 367 -4.41 23.16 -15.47
C ASN B 367 -3.29 23.87 -14.72
N LEU B 368 -2.21 24.21 -15.41
CA LEU B 368 -1.10 24.80 -14.68
C LEU B 368 -1.56 26.01 -13.90
N LEU B 369 -2.08 27.01 -14.62
CA LEU B 369 -2.43 28.25 -13.96
C LEU B 369 -3.66 28.09 -13.10
N ALA B 370 -4.57 27.22 -13.49
CA ALA B 370 -5.85 27.14 -12.80
C ALA B 370 -5.66 26.62 -11.39
N ASN B 371 -4.87 25.59 -11.23
CA ASN B 371 -4.62 25.12 -9.88
C ASN B 371 -3.32 25.66 -9.33
N GLY B 372 -2.51 26.31 -10.14
CA GLY B 372 -1.29 26.84 -9.61
C GLY B 372 -0.36 25.70 -9.26
N ALA B 373 0.76 26.06 -8.61
CA ALA B 373 1.79 25.07 -8.31
C ALA B 373 2.76 25.61 -7.26
N SER B 374 3.45 24.67 -6.62
CA SER B 374 4.41 24.95 -5.56
C SER B 374 5.44 23.83 -5.47
N GLY B 375 6.73 24.18 -5.54
CA GLY B 375 7.77 23.17 -5.42
C GLY B 375 9.07 23.79 -4.99
N ILE B 376 9.80 23.07 -4.14
CA ILE B 376 11.19 23.38 -3.83
C ILE B 376 12.02 22.42 -4.65
N ALA B 377 12.82 22.95 -5.56
CA ALA B 377 13.69 22.02 -6.28
C ALA B 377 15.09 22.08 -5.70
N VAL B 378 16.07 22.04 -6.57
CA VAL B 378 17.46 22.30 -6.21
C VAL B 378 17.92 23.46 -7.05
N GLY B 379 18.55 24.44 -6.43
CA GLY B 379 18.92 25.63 -7.13
C GLY B 379 17.77 26.54 -7.51
N MET B 380 16.52 26.16 -7.22
CA MET B 380 15.40 26.98 -7.64
C MET B 380 14.15 26.47 -6.95
N ALA B 381 13.13 27.31 -6.97
CA ALA B 381 11.82 26.94 -6.50
C ALA B 381 10.82 27.46 -7.52
N THR B 382 9.58 27.01 -7.40
CA THR B 382 8.51 27.60 -8.19
C THR B 382 7.36 27.95 -7.28
N ASN B 383 6.53 28.87 -7.72
CA ASN B 383 5.40 29.31 -6.90
C ASN B 383 4.41 29.99 -7.83
N ILE B 384 3.36 29.26 -8.20
CA ILE B 384 2.40 29.71 -9.19
C ILE B 384 1.03 29.70 -8.54
N PRO B 385 0.31 30.81 -8.54
CA PRO B 385 -0.96 30.85 -7.85
C PRO B 385 -2.05 30.28 -8.73
N PRO B 386 -3.15 29.81 -8.12
CA PRO B 386 -4.28 29.37 -8.91
C PRO B 386 -5.01 30.58 -9.46
N HIS B 387 -5.97 30.29 -10.34
CA HIS B 387 -6.67 31.34 -11.05
C HIS B 387 -8.10 30.88 -11.27
N ASN B 388 -8.98 31.82 -11.63
CA ASN B 388 -10.33 31.48 -11.99
C ASN B 388 -10.36 30.94 -13.41
N LEU B 389 -11.14 29.88 -13.61
CA LEU B 389 -11.07 29.14 -14.87
C LEU B 389 -11.78 29.87 -15.99
N THR B 390 -12.87 30.56 -15.67
CA THR B 390 -13.56 31.35 -16.69
C THR B 390 -12.61 32.36 -17.30
N GLU B 391 -11.93 33.12 -16.46
CA GLU B 391 -10.99 34.13 -16.94
C GLU B 391 -9.91 33.51 -17.81
N LEU B 392 -9.32 32.40 -17.36
CA LEU B 392 -8.20 31.81 -18.09
C LEU B 392 -8.61 31.48 -19.51
N ILE B 393 -9.77 30.86 -19.65
CA ILE B 393 -10.19 30.41 -20.96
C ILE B 393 -10.48 31.60 -21.85
N ASN B 394 -11.24 32.57 -21.33
CA ASN B 394 -11.34 33.83 -22.06
C ASN B 394 -9.97 34.39 -22.33
N GLY B 395 -9.07 34.26 -21.36
CA GLY B 395 -7.68 34.61 -21.62
C GLY B 395 -7.12 33.81 -22.78
N VAL B 396 -7.23 32.49 -22.72
CA VAL B 396 -6.73 31.71 -23.84
C VAL B 396 -7.54 32.04 -25.09
N LEU B 397 -8.83 32.32 -24.93
CA LEU B 397 -9.67 32.64 -26.07
C LEU B 397 -9.19 33.90 -26.77
N SER B 398 -8.97 34.96 -26.00
CA SER B 398 -8.47 36.19 -26.60
C SER B 398 -7.11 35.97 -27.25
N LEU B 399 -6.22 35.23 -26.58
CA LEU B 399 -4.91 34.96 -27.19
C LEU B 399 -5.08 34.21 -28.50
N SER B 400 -6.06 33.30 -28.55
CA SER B 400 -6.29 32.55 -29.78
C SER B 400 -6.54 33.49 -30.94
N LYS B 401 -7.06 34.67 -30.67
CA LYS B 401 -7.42 35.59 -31.72
C LYS B 401 -6.37 36.66 -31.97
N ASN B 402 -5.22 36.59 -31.30
CA ASN B 402 -4.26 37.67 -31.46
C ASN B 402 -2.93 37.31 -30.83
N PRO B 403 -2.00 36.75 -31.60
CA PRO B 403 -0.72 36.29 -31.01
C PRO B 403 0.07 37.41 -30.43
N ASP B 404 -0.17 38.64 -30.86
CA ASP B 404 0.59 39.77 -30.37
C ASP B 404 -0.13 40.48 -29.26
N ILE B 405 -1.16 39.87 -28.71
CA ILE B 405 -1.84 40.45 -27.56
C ILE B 405 -0.83 40.70 -26.45
N SER B 406 -1.09 41.72 -25.64
CA SER B 406 -0.20 42.18 -24.59
C SER B 406 -0.70 41.74 -23.22
N ILE B 407 0.17 41.92 -22.22
CA ILE B 407 -0.14 41.47 -20.87
C ILE B 407 -1.38 42.17 -20.34
N ALA B 408 -1.42 43.49 -20.42
CA ALA B 408 -2.52 44.25 -19.84
C ALA B 408 -3.84 43.90 -20.51
N GLU B 409 -3.82 43.66 -21.82
CA GLU B 409 -5.04 43.22 -22.49
C GLU B 409 -5.53 41.88 -21.97
N LEU B 410 -4.62 41.05 -21.45
CA LEU B 410 -5.05 39.78 -20.86
C LEU B 410 -5.70 40.01 -19.51
N MET B 411 -5.22 40.96 -18.77
CA MET B 411 -5.79 41.11 -17.46
C MET B 411 -7.13 41.76 -17.48
N GLU B 412 -7.69 41.92 -18.68
CA GLU B 412 -9.11 42.19 -18.81
C GLU B 412 -9.92 40.90 -18.70
N ASP B 413 -9.38 39.81 -19.24
CA ASP B 413 -9.94 38.51 -18.93
C ASP B 413 -9.48 38.06 -17.55
N ILE B 414 -8.17 37.91 -17.38
CA ILE B 414 -7.59 37.32 -16.19
C ILE B 414 -7.27 38.45 -15.23
N GLU B 415 -8.23 38.78 -14.36
CA GLU B 415 -8.00 39.87 -13.42
C GLU B 415 -6.95 39.51 -12.38
N GLY B 416 -6.65 38.24 -12.20
CA GLY B 416 -5.66 37.86 -11.22
C GLY B 416 -5.94 36.51 -10.61
N PRO B 417 -5.13 36.14 -9.62
CA PRO B 417 -5.32 34.85 -8.96
C PRO B 417 -6.67 34.80 -8.29
N ASP B 418 -7.10 33.58 -8.03
CA ASP B 418 -8.40 33.35 -7.44
C ASP B 418 -8.17 32.19 -6.49
N PHE B 419 -8.05 32.49 -5.25
CA PHE B 419 -7.66 31.43 -4.36
C PHE B 419 -8.86 30.61 -3.97
N PRO B 420 -8.68 29.28 -3.83
CA PRO B 420 -9.78 28.45 -3.35
C PRO B 420 -10.28 28.89 -1.99
N THR B 421 -9.48 29.68 -1.28
CA THR B 421 -9.82 30.17 0.05
C THR B 421 -10.56 31.51 0.01
N ALA B 422 -10.80 32.06 -1.18
CA ALA B 422 -11.43 33.37 -1.34
C ALA B 422 -10.59 34.48 -0.77
N GLY B 423 -11.14 35.18 0.19
CA GLY B 423 -10.35 36.22 0.78
C GLY B 423 -10.15 37.36 -0.18
N LEU B 424 -9.23 38.24 0.17
CA LEU B 424 -9.04 39.50 -0.50
C LEU B 424 -7.61 39.69 -0.99
N ILE B 425 -7.47 40.50 -2.02
CA ILE B 425 -6.18 40.90 -2.57
C ILE B 425 -6.15 42.41 -2.61
N LEU B 426 -4.98 42.97 -2.27
CA LEU B 426 -4.77 44.41 -2.14
C LEU B 426 -4.08 44.95 -3.39
N GLY B 427 -4.84 45.60 -4.25
CA GLY B 427 -4.26 46.32 -5.39
C GLY B 427 -3.81 45.40 -6.49
N LYS B 428 -3.54 45.93 -7.68
CA LYS B 428 -3.15 45.10 -8.81
C LYS B 428 -1.67 45.22 -9.15
N SER B 429 -0.84 45.67 -8.20
CA SER B 429 0.50 46.09 -8.56
C SER B 429 1.47 44.92 -8.65
N GLY B 430 1.43 44.00 -7.69
CA GLY B 430 2.24 42.80 -7.79
C GLY B 430 1.70 41.83 -8.80
N ILE B 431 0.37 41.79 -8.96
CA ILE B 431 -0.24 40.98 -9.99
C ILE B 431 0.38 41.28 -11.33
N ARG B 432 0.46 42.57 -11.65
CA ARG B 432 0.90 42.98 -12.97
C ARG B 432 2.38 42.67 -13.18
N ARG B 433 3.19 42.88 -12.13
CA ARG B 433 4.61 42.59 -12.23
C ARG B 433 4.87 41.10 -12.37
N ALA B 434 4.06 40.29 -11.71
CA ALA B 434 4.25 38.85 -11.83
C ALA B 434 3.83 38.38 -13.20
N TYR B 435 2.74 38.91 -13.71
CA TYR B 435 2.28 38.50 -15.02
C TYR B 435 3.24 38.94 -16.11
N GLU B 436 3.91 40.07 -15.91
CA GLU B 436 4.84 40.52 -16.95
C GLU B 436 6.18 39.87 -16.79
N THR B 437 6.58 39.56 -15.58
CA THR B 437 7.92 39.06 -15.37
C THR B 437 7.96 37.65 -14.82
N GLY B 438 6.83 37.08 -14.42
CA GLY B 438 6.83 35.77 -13.80
C GLY B 438 7.12 35.80 -12.33
N ARG B 439 7.54 36.94 -11.79
CA ARG B 439 7.85 37.09 -10.39
C ARG B 439 7.21 38.36 -9.89
N GLY B 440 6.66 38.29 -8.69
CA GLY B 440 5.98 39.43 -8.13
C GLY B 440 5.36 39.08 -6.80
N SER B 441 5.06 40.07 -5.98
CA SER B 441 4.56 39.86 -4.62
C SER B 441 3.14 40.38 -4.50
N ILE B 442 2.33 39.64 -3.77
CA ILE B 442 0.88 39.80 -3.77
C ILE B 442 0.37 39.64 -2.35
N GLN B 443 -0.23 40.68 -1.81
CA GLN B 443 -0.73 40.65 -0.45
C GLN B 443 -2.12 40.03 -0.41
N MET B 444 -2.30 39.07 0.46
CA MET B 444 -3.59 38.41 0.64
C MET B 444 -4.14 38.83 1.98
N ARG B 445 -5.38 39.28 1.99
CA ARG B 445 -5.99 39.73 3.22
C ARG B 445 -7.18 38.85 3.55
N SER B 446 -7.33 38.54 4.82
CA SER B 446 -8.53 37.85 5.23
C SER B 446 -9.74 38.72 4.95
N ARG B 447 -10.92 38.14 5.03
CA ARG B 447 -12.16 38.92 5.02
C ARG B 447 -12.61 39.11 6.46
N ALA B 448 -12.54 40.32 6.94
CA ALA B 448 -12.92 40.60 8.31
C ALA B 448 -13.85 41.79 8.29
N VAL B 449 -14.93 41.70 9.05
CA VAL B 449 -15.81 42.85 9.23
C VAL B 449 -15.80 43.15 10.70
N ILE B 450 -16.24 44.35 11.03
CA ILE B 450 -16.44 44.73 12.41
C ILE B 450 -17.92 44.79 12.65
N GLU B 451 -18.37 44.17 13.71
CA GLU B 451 -19.79 44.17 14.01
C GLU B 451 -19.98 44.26 15.51
N GLU B 452 -21.18 44.70 15.88
CA GLU B 452 -21.60 44.79 17.26
C GLU B 452 -21.84 43.40 17.83
N ARG B 453 -21.53 43.21 19.11
CA ARG B 453 -21.81 41.93 19.76
C ARG B 453 -22.73 42.11 20.95
N GLY B 454 -23.30 43.28 21.13
CA GLY B 454 -24.22 43.49 22.23
C GLY B 454 -23.60 44.32 23.33
N GLY B 455 -24.45 45.04 24.05
CA GLY B 455 -23.99 45.78 25.21
C GLY B 455 -22.88 46.76 24.93
N GLY B 456 -22.94 47.44 23.79
CA GLY B 456 -21.96 48.46 23.48
C GLY B 456 -20.59 47.96 23.08
N ARG B 457 -20.43 46.66 22.82
CA ARG B 457 -19.16 46.08 22.43
C ARG B 457 -19.21 45.56 21.00
N GLN B 458 -18.06 45.50 20.36
CA GLN B 458 -17.93 45.02 18.99
C GLN B 458 -17.12 43.74 18.97
N ARG B 459 -16.94 43.19 17.78
CA ARG B 459 -16.00 42.10 17.60
C ARG B 459 -15.58 42.09 16.15
N ILE B 460 -14.39 41.60 15.90
CA ILE B 460 -13.90 41.39 14.55
C ILE B 460 -14.25 39.97 14.17
N VAL B 461 -14.83 39.80 12.99
CA VAL B 461 -15.25 38.49 12.55
C VAL B 461 -14.56 38.18 11.24
N VAL B 462 -13.81 37.09 11.21
CA VAL B 462 -13.03 36.70 10.05
C VAL B 462 -13.68 35.48 9.45
N THR B 463 -14.04 35.57 8.19
CA THR B 463 -14.77 34.51 7.52
C THR B 463 -14.00 33.91 6.37
N GLU B 464 -12.92 34.54 5.93
CA GLU B 464 -12.04 34.01 4.89
C GLU B 464 -10.61 34.35 5.27
N ILE B 465 -9.68 33.45 4.98
CA ILE B 465 -8.28 33.62 5.40
C ILE B 465 -7.41 33.53 4.15
N PRO B 466 -6.17 33.99 4.23
CA PRO B 466 -5.29 33.90 3.07
C PRO B 466 -4.98 32.46 2.70
N PHE B 467 -4.70 32.26 1.43
CA PHE B 467 -4.39 30.96 0.88
C PHE B 467 -3.20 30.33 1.58
N GLN B 468 -3.29 29.02 1.81
CA GLN B 468 -2.21 28.24 2.42
C GLN B 468 -1.91 28.64 3.85
N VAL B 469 -2.83 29.30 4.54
CA VAL B 469 -2.60 29.75 5.90
C VAL B 469 -3.26 28.78 6.85
N ASN B 470 -2.53 28.35 7.87
CA ASN B 470 -3.08 27.42 8.84
C ASN B 470 -3.90 28.20 9.84
N LYS B 471 -5.18 27.86 9.93
CA LYS B 471 -6.09 28.64 10.75
C LYS B 471 -5.69 28.54 12.22
N ALA B 472 -5.52 27.32 12.72
CA ALA B 472 -5.18 27.17 14.13
C ALA B 472 -3.88 27.87 14.45
N ARG B 473 -2.85 27.61 13.65
CA ARG B 473 -1.58 28.30 13.81
C ARG B 473 -1.79 29.81 13.87
N MET B 474 -2.57 30.34 12.93
CA MET B 474 -2.82 31.77 12.94
C MET B 474 -3.55 32.20 14.21
N ILE B 475 -4.51 31.40 14.66
CA ILE B 475 -5.17 31.72 15.91
C ILE B 475 -4.18 31.64 17.06
N GLU B 476 -3.33 30.63 17.03
CA GLU B 476 -2.32 30.49 18.07
C GLU B 476 -1.50 31.77 18.21
N LYS B 477 -0.96 32.26 17.10
CA LYS B 477 -0.09 33.42 17.17
C LYS B 477 -0.82 34.62 17.74
N ILE B 478 -2.09 34.77 17.38
CA ILE B 478 -2.86 35.89 17.89
C ILE B 478 -2.96 35.81 19.40
N ALA B 479 -3.36 34.63 19.89
CA ALA B 479 -3.40 34.41 21.33
C ALA B 479 -2.04 34.75 21.93
N GLU B 480 -0.98 34.42 21.22
CA GLU B 480 0.37 34.66 21.70
C GLU B 480 0.63 36.15 21.89
N LEU B 481 0.16 36.96 20.97
CA LEU B 481 0.39 38.40 21.07
C LEU B 481 -0.41 39.02 22.21
N VAL B 482 -1.70 38.69 22.29
CA VAL B 482 -2.53 39.19 23.39
C VAL B 482 -1.87 38.86 24.71
N ARG B 483 -1.54 37.58 24.89
CA ARG B 483 -0.87 37.16 26.09
C ARG B 483 0.45 37.90 26.28
N ASP B 484 1.21 38.08 25.21
CA ASP B 484 2.46 38.82 25.33
C ASP B 484 2.25 40.32 25.42
N LYS B 485 1.00 40.81 25.43
CA LYS B 485 0.73 42.24 25.47
C LYS B 485 1.42 42.97 24.34
N LYS B 486 1.89 42.23 23.33
CA LYS B 486 2.33 42.87 22.11
C LYS B 486 1.17 43.52 21.37
N ILE B 487 -0.06 43.29 21.82
CA ILE B 487 -1.20 43.95 21.19
C ILE B 487 -2.23 44.25 22.24
N ASP B 488 -2.84 45.40 22.11
CA ASP B 488 -3.74 45.93 23.09
C ASP B 488 -5.16 45.89 22.57
N GLY B 489 -6.10 45.57 23.44
CA GLY B 489 -7.51 45.77 23.15
C GLY B 489 -8.30 44.52 22.84
N ILE B 490 -7.68 43.36 22.87
CA ILE B 490 -8.36 42.12 22.55
C ILE B 490 -8.73 41.40 23.83
N THR B 491 -9.98 41.01 23.94
CA THR B 491 -10.52 40.43 25.15
C THR B 491 -10.69 38.93 25.04
N ASP B 492 -11.37 38.46 24.02
CA ASP B 492 -11.58 37.05 23.84
C ASP B 492 -11.21 36.70 22.42
N LEU B 493 -11.08 35.41 22.18
CA LEU B 493 -10.65 34.96 20.88
C LEU B 493 -11.22 33.58 20.68
N ARG B 494 -11.95 33.38 19.59
CA ARG B 494 -12.59 32.10 19.43
C ARG B 494 -12.59 31.71 17.97
N ASP B 495 -12.73 30.42 17.74
CA ASP B 495 -12.95 29.88 16.41
C ASP B 495 -14.30 29.21 16.41
N GLU B 496 -15.27 29.83 15.77
CA GLU B 496 -16.59 29.26 15.66
C GLU B 496 -16.80 28.57 14.32
N THR B 497 -15.73 28.28 13.59
CA THR B 497 -15.86 27.56 12.34
C THR B 497 -16.66 26.28 12.55
N SER B 498 -17.42 25.92 11.53
CA SER B 498 -18.23 24.71 11.57
C SER B 498 -18.68 24.43 10.15
N LEU B 499 -19.25 23.24 9.97
CA LEU B 499 -19.83 22.93 8.68
C LEU B 499 -20.99 23.85 8.37
N ARG B 500 -21.83 24.11 9.36
CA ARG B 500 -23.02 24.89 9.16
C ARG B 500 -22.72 26.37 8.97
N THR B 501 -21.52 26.79 9.32
CA THR B 501 -21.10 28.18 9.31
C THR B 501 -20.06 28.48 8.26
N GLY B 502 -19.21 27.53 7.96
CA GLY B 502 -18.05 27.93 7.24
C GLY B 502 -17.15 28.59 8.24
N VAL B 503 -16.06 29.15 7.73
CA VAL B 503 -15.08 29.76 8.63
C VAL B 503 -15.76 30.86 9.43
N ARG B 504 -15.46 30.89 10.72
CA ARG B 504 -15.92 31.99 11.55
C ARG B 504 -14.96 32.12 12.74
N VAL B 505 -14.10 33.13 12.68
CA VAL B 505 -13.16 33.39 13.75
C VAL B 505 -13.52 34.70 14.41
N VAL B 506 -13.65 34.68 15.72
CA VAL B 506 -14.21 35.81 16.45
C VAL B 506 -13.16 36.38 17.37
N ILE B 507 -12.94 37.67 17.25
CA ILE B 507 -12.03 38.38 18.13
C ILE B 507 -12.83 39.45 18.85
N ASP B 508 -12.92 39.32 20.16
CA ASP B 508 -13.71 40.24 20.96
C ASP B 508 -12.82 41.38 21.44
N VAL B 509 -13.22 42.60 21.10
CA VAL B 509 -12.49 43.83 21.38
C VAL B 509 -12.97 44.42 22.70
N ARG B 510 -12.07 45.11 23.39
CA ARG B 510 -12.45 45.81 24.62
C ARG B 510 -13.33 47.01 24.32
N LYS B 511 -14.34 47.22 25.17
CA LYS B 511 -15.28 48.31 24.99
C LYS B 511 -14.59 49.65 24.79
N ASP B 512 -15.10 50.43 23.85
CA ASP B 512 -14.61 51.76 23.51
C ASP B 512 -13.21 51.76 22.91
N ALA B 513 -12.71 50.63 22.45
CA ALA B 513 -11.47 50.62 21.68
C ALA B 513 -11.81 50.66 20.21
N ASN B 514 -10.94 51.30 19.41
CA ASN B 514 -11.19 51.41 17.98
C ASN B 514 -10.87 50.08 17.33
N ALA B 515 -11.90 49.27 17.12
CA ALA B 515 -11.74 47.94 16.52
C ALA B 515 -10.93 47.98 15.24
N SER B 516 -10.98 49.09 14.51
CA SER B 516 -10.30 49.13 13.24
C SER B 516 -8.79 49.22 13.41
N VAL B 517 -8.32 50.00 14.37
CA VAL B 517 -6.89 50.04 14.62
C VAL B 517 -6.40 48.67 15.05
N ILE B 518 -7.21 47.96 15.83
CA ILE B 518 -6.84 46.61 16.22
C ILE B 518 -6.66 45.75 14.99
N LEU B 519 -7.64 45.80 14.10
CA LEU B 519 -7.60 44.98 12.89
C LEU B 519 -6.35 45.27 12.11
N ASN B 520 -6.06 46.55 11.89
CA ASN B 520 -4.89 46.90 11.11
C ASN B 520 -3.61 46.40 11.77
N ASN B 521 -3.64 46.23 13.09
CA ASN B 521 -2.48 45.65 13.74
C ASN B 521 -2.35 44.17 13.42
N LEU B 522 -3.47 43.46 13.37
CA LEU B 522 -3.40 42.01 13.20
C LEU B 522 -2.92 41.65 11.81
N TYR B 523 -3.37 42.38 10.81
CA TYR B 523 -2.83 42.21 9.48
C TYR B 523 -1.31 42.30 9.51
N LYS B 524 -0.80 43.35 10.17
CA LYS B 524 0.63 43.60 10.17
C LYS B 524 1.35 42.56 10.98
N GLN B 525 0.74 42.13 12.07
CA GLN B 525 1.40 41.29 13.03
C GLN B 525 1.01 39.83 12.93
N THR B 526 0.10 39.44 12.02
CA THR B 526 -0.29 38.04 11.97
C THR B 526 -0.41 37.56 10.53
N PRO B 527 -0.49 36.25 10.27
CA PRO B 527 -0.85 35.82 8.91
C PRO B 527 -2.21 36.30 8.47
N LEU B 528 -2.94 37.01 9.32
CA LEU B 528 -4.23 37.56 8.91
C LEU B 528 -4.10 38.24 7.56
N GLN B 529 -3.00 38.92 7.37
CA GLN B 529 -2.58 39.34 6.06
C GLN B 529 -1.27 38.65 5.74
N THR B 530 -1.14 38.19 4.49
CA THR B 530 -0.03 37.35 4.12
C THR B 530 0.23 37.55 2.64
N SER B 531 1.48 37.39 2.26
CA SER B 531 1.93 37.64 0.90
C SER B 531 2.19 36.35 0.17
N PHE B 532 1.76 36.27 -1.09
CA PHE B 532 2.08 35.15 -1.98
C PHE B 532 3.18 35.59 -2.93
N GLY B 533 4.33 34.96 -2.85
CA GLY B 533 5.45 35.32 -3.70
C GLY B 533 5.50 34.52 -4.98
N VAL B 534 5.24 35.17 -6.10
CA VAL B 534 5.07 34.44 -7.35
C VAL B 534 6.43 34.11 -7.92
N ASN B 535 6.59 32.87 -8.35
CA ASN B 535 7.84 32.44 -8.89
C ASN B 535 7.49 31.40 -9.93
N MET B 536 6.93 31.87 -11.03
CA MET B 536 6.38 30.95 -12.01
C MET B 536 7.51 30.33 -12.79
N ILE B 537 8.08 29.28 -12.23
CA ILE B 537 8.97 28.39 -12.96
C ILE B 537 8.22 27.12 -13.27
N ALA B 538 8.35 26.64 -14.51
CA ALA B 538 7.77 25.36 -14.89
C ALA B 538 8.66 24.74 -15.96
N LEU B 539 8.35 23.51 -16.32
CA LEU B 539 9.15 22.83 -17.32
C LEU B 539 8.67 23.21 -18.71
N VAL B 540 9.58 23.75 -19.51
CA VAL B 540 9.30 24.13 -20.89
C VAL B 540 10.28 23.39 -21.77
N ASN B 541 9.75 22.54 -22.65
CA ASN B 541 10.56 21.60 -23.40
C ASN B 541 11.50 20.87 -22.46
N GLY B 542 10.96 20.41 -21.34
CA GLY B 542 11.72 19.62 -20.40
C GLY B 542 12.77 20.39 -19.63
N ARG B 543 12.79 21.70 -19.76
CA ARG B 543 13.77 22.52 -19.09
C ARG B 543 13.06 23.50 -18.17
N PRO B 544 13.64 23.79 -17.02
CA PRO B 544 13.00 24.74 -16.11
C PRO B 544 13.02 26.11 -16.74
N LYS B 545 11.90 26.81 -16.65
CA LYS B 545 11.91 28.16 -17.17
C LYS B 545 10.98 29.03 -16.35
N LEU B 546 11.40 30.26 -16.10
CA LEU B 546 10.53 31.27 -15.53
C LEU B 546 9.76 31.90 -16.67
N ILE B 547 8.45 31.98 -16.51
CA ILE B 547 7.61 32.44 -17.60
C ILE B 547 6.69 33.51 -17.07
N ASN B 548 6.38 34.48 -17.94
CA ASN B 548 5.33 35.41 -17.59
C ASN B 548 4.01 34.82 -18.02
N LEU B 549 2.93 35.52 -17.72
CA LEU B 549 1.61 34.95 -17.95
C LEU B 549 1.42 34.53 -19.40
N LYS B 550 1.92 35.32 -20.35
CA LYS B 550 1.63 35.06 -21.75
C LYS B 550 2.27 33.75 -22.20
N GLU B 551 3.58 33.59 -21.96
CA GLU B 551 4.25 32.35 -22.38
C GLU B 551 3.54 31.15 -21.79
N ALA B 552 3.14 31.25 -20.52
CA ALA B 552 2.34 30.19 -19.91
C ALA B 552 1.11 29.87 -20.75
N LEU B 553 0.41 30.91 -21.19
CA LEU B 553 -0.79 30.67 -21.98
C LEU B 553 -0.43 30.19 -23.38
N VAL B 554 0.60 30.79 -23.96
CA VAL B 554 1.02 30.40 -25.31
C VAL B 554 1.35 28.92 -25.33
N HIS B 555 2.00 28.44 -24.29
CA HIS B 555 2.38 27.04 -24.30
C HIS B 555 1.18 26.13 -24.19
N TYR B 556 0.26 26.46 -23.29
CA TYR B 556 -0.93 25.64 -23.18
C TYR B 556 -1.64 25.57 -24.50
N LEU B 557 -1.75 26.71 -25.15
CA LEU B 557 -2.43 26.76 -26.43
C LEU B 557 -1.77 25.86 -27.45
N GLU B 558 -0.46 26.01 -27.62
CA GLU B 558 0.19 25.18 -28.62
C GLU B 558 0.08 23.73 -28.25
N HIS B 559 0.05 23.47 -26.96
CA HIS B 559 -0.21 22.12 -26.50
C HIS B 559 -1.56 21.66 -27.01
N GLN B 560 -2.58 22.46 -26.76
CA GLN B 560 -3.91 22.11 -27.23
C GLN B 560 -3.95 21.97 -28.73
N LYS B 561 -3.12 22.72 -29.44
CA LYS B 561 -3.10 22.59 -30.89
C LYS B 561 -2.59 21.23 -31.29
N THR B 562 -1.40 20.88 -30.82
CA THR B 562 -0.87 19.56 -31.13
C THR B 562 -1.84 18.48 -30.71
N VAL B 563 -2.47 18.64 -29.56
CA VAL B 563 -3.39 17.61 -29.07
C VAL B 563 -4.53 17.40 -30.05
N VAL B 564 -5.27 18.47 -30.35
CA VAL B 564 -6.43 18.31 -31.23
C VAL B 564 -6.00 17.87 -32.62
N ARG B 565 -4.84 18.35 -33.07
CA ARG B 565 -4.36 17.92 -34.37
C ARG B 565 -4.06 16.43 -34.37
N ARG B 566 -3.17 16.00 -33.50
CA ARG B 566 -2.83 14.59 -33.44
C ARG B 566 -4.07 13.73 -33.27
N ARG B 567 -5.00 14.20 -32.45
CA ARG B 567 -6.24 13.46 -32.29
C ARG B 567 -6.97 13.36 -33.60
N THR B 568 -6.97 14.44 -34.36
CA THR B 568 -7.63 14.39 -35.65
C THR B 568 -6.88 13.47 -36.59
N GLN B 569 -5.55 13.59 -36.64
CA GLN B 569 -4.78 12.66 -37.45
C GLN B 569 -5.00 11.23 -37.02
N TYR B 570 -5.35 11.01 -35.76
CA TYR B 570 -5.52 9.64 -35.29
C TYR B 570 -6.89 9.11 -35.67
N ASN B 571 -7.94 9.86 -35.36
CA ASN B 571 -9.27 9.46 -35.78
C ASN B 571 -9.29 9.16 -37.27
N LEU B 572 -8.43 9.83 -38.03
CA LEU B 572 -8.44 9.69 -39.48
C LEU B 572 -7.80 8.38 -39.93
N ARG B 573 -6.61 8.06 -39.39
CA ARG B 573 -6.06 6.74 -39.68
C ARG B 573 -7.08 5.68 -39.34
N LYS B 574 -7.73 5.82 -38.19
CA LYS B 574 -8.61 4.79 -37.68
C LYS B 574 -9.87 4.67 -38.53
N ALA B 575 -10.34 5.78 -39.10
CA ALA B 575 -11.50 5.68 -39.97
C ALA B 575 -11.15 5.03 -41.30
N LYS B 576 -10.00 5.39 -41.88
CA LYS B 576 -9.61 4.80 -43.15
C LYS B 576 -9.41 3.30 -43.02
N ASP B 577 -8.77 2.87 -41.92
CA ASP B 577 -8.66 1.45 -41.67
C ASP B 577 -10.03 0.79 -41.67
N ARG B 578 -10.97 1.42 -40.98
CA ARG B 578 -12.29 0.84 -40.86
C ARG B 578 -12.95 0.69 -42.22
N ALA B 579 -12.96 1.76 -43.00
CA ALA B 579 -13.57 1.69 -44.33
C ALA B 579 -12.92 0.60 -45.17
N HIS B 580 -11.60 0.53 -45.14
CA HIS B 580 -10.93 -0.51 -45.92
C HIS B 580 -11.42 -1.87 -45.51
N ILE B 581 -11.55 -2.11 -44.20
CA ILE B 581 -12.18 -3.34 -43.75
C ILE B 581 -13.61 -3.40 -44.25
N LEU B 582 -14.29 -2.26 -44.26
CA LEU B 582 -15.68 -2.28 -44.66
C LEU B 582 -15.80 -2.58 -46.16
N GLU B 583 -14.95 -1.94 -46.96
CA GLU B 583 -14.86 -2.31 -48.36
C GLU B 583 -14.68 -3.81 -48.53
N GLY B 584 -13.80 -4.40 -47.72
CA GLY B 584 -13.58 -5.82 -47.84
C GLY B 584 -14.82 -6.62 -47.47
N LEU B 585 -15.54 -6.16 -46.46
CA LEU B 585 -16.68 -6.95 -46.00
C LEU B 585 -17.85 -6.86 -46.98
N ARG B 586 -18.04 -5.71 -47.63
CA ARG B 586 -19.12 -5.63 -48.60
C ARG B 586 -18.90 -6.65 -49.72
N ILE B 587 -17.67 -6.73 -50.22
CA ILE B 587 -17.32 -7.73 -51.20
C ILE B 587 -17.73 -9.10 -50.71
N ALA B 588 -17.25 -9.48 -49.54
CA ALA B 588 -17.56 -10.79 -49.00
C ALA B 588 -19.06 -11.03 -49.02
N LEU B 589 -19.82 -10.02 -48.61
CA LEU B 589 -21.26 -10.19 -48.59
C LEU B 589 -21.83 -10.29 -49.99
N ASP B 590 -21.26 -9.54 -50.93
CA ASP B 590 -21.80 -9.64 -52.28
C ASP B 590 -21.42 -10.92 -52.98
N HIS B 591 -20.57 -11.75 -52.38
CA HIS B 591 -20.18 -12.99 -53.01
C HIS B 591 -20.02 -14.06 -51.97
N ILE B 592 -20.91 -14.09 -50.99
CA ILE B 592 -20.67 -14.89 -49.81
C ILE B 592 -20.56 -16.38 -50.14
N ASP B 593 -21.37 -16.86 -51.08
CA ASP B 593 -21.38 -18.29 -51.33
C ASP B 593 -20.04 -18.73 -51.90
N GLU B 594 -19.48 -17.94 -52.80
CA GLU B 594 -18.13 -18.24 -53.22
C GLU B 594 -17.16 -18.01 -52.09
N ILE B 595 -17.40 -16.98 -51.27
CA ILE B 595 -16.58 -16.78 -50.07
C ILE B 595 -16.57 -18.07 -49.28
N ILE B 596 -17.75 -18.55 -48.90
CA ILE B 596 -17.84 -19.72 -48.05
C ILE B 596 -17.10 -20.88 -48.65
N SER B 597 -17.48 -21.28 -49.85
CA SER B 597 -16.88 -22.46 -50.45
C SER B 597 -15.38 -22.27 -50.64
N THR B 598 -14.98 -21.08 -51.08
CA THR B 598 -13.56 -20.76 -51.10
C THR B 598 -12.92 -21.09 -49.76
N ILE B 599 -13.61 -20.74 -48.68
CA ILE B 599 -13.08 -21.04 -47.36
C ILE B 599 -13.16 -22.53 -47.09
N ARG B 600 -14.33 -23.12 -47.34
CA ARG B 600 -14.52 -24.51 -46.97
C ARG B 600 -13.45 -25.40 -47.56
N GLU B 601 -13.03 -25.11 -48.78
CA GLU B 601 -12.09 -25.97 -49.47
C GLU B 601 -10.64 -25.57 -49.25
N SER B 602 -10.36 -24.77 -48.24
CA SER B 602 -9.00 -24.39 -47.92
C SER B 602 -8.57 -25.09 -46.63
N ASP B 603 -7.40 -25.74 -46.67
CA ASP B 603 -6.94 -26.52 -45.53
C ASP B 603 -6.50 -25.62 -44.38
N THR B 604 -5.72 -24.59 -44.68
CA THR B 604 -5.22 -23.66 -43.69
C THR B 604 -5.81 -22.29 -43.93
N ASP B 605 -5.90 -21.51 -42.84
CA ASP B 605 -6.21 -20.10 -42.97
C ASP B 605 -5.33 -19.44 -44.02
N LYS B 606 -4.01 -19.65 -43.91
CA LYS B 606 -3.05 -19.06 -44.85
C LYS B 606 -3.47 -19.33 -46.28
N VAL B 607 -3.76 -20.58 -46.58
CA VAL B 607 -4.31 -20.92 -47.89
C VAL B 607 -5.50 -20.03 -48.19
N ALA B 608 -6.47 -20.00 -47.28
CA ALA B 608 -7.67 -19.20 -47.48
C ALA B 608 -7.32 -17.73 -47.64
N MET B 609 -6.51 -17.21 -46.71
CA MET B 609 -6.07 -15.82 -46.80
C MET B 609 -5.54 -15.51 -48.18
N GLU B 610 -4.58 -16.31 -48.64
CA GLU B 610 -4.01 -16.08 -49.95
C GLU B 610 -5.10 -16.09 -51.01
N SER B 611 -5.96 -17.10 -50.99
CA SER B 611 -6.96 -17.26 -52.04
C SER B 611 -7.94 -16.10 -52.07
N LEU B 612 -8.42 -15.69 -50.90
CA LEU B 612 -9.32 -14.54 -50.86
C LEU B 612 -8.69 -13.31 -51.50
N GLN B 613 -7.46 -12.99 -51.13
CA GLN B 613 -6.82 -11.79 -51.64
C GLN B 613 -6.80 -11.79 -53.16
N GLN B 614 -6.46 -12.92 -53.74
CA GLN B 614 -6.24 -12.95 -55.17
C GLN B 614 -7.55 -12.96 -55.95
N ARG B 615 -8.54 -13.70 -55.46
CA ARG B 615 -9.80 -13.77 -56.20
C ARG B 615 -10.54 -12.44 -56.15
N PHE B 616 -10.52 -11.77 -54.98
CA PHE B 616 -11.35 -10.60 -54.75
C PHE B 616 -10.53 -9.34 -54.48
N LYS B 617 -9.26 -9.33 -54.82
CA LYS B 617 -8.47 -8.11 -54.75
C LYS B 617 -8.44 -7.55 -53.33
N LEU B 618 -8.34 -8.45 -52.35
CA LEU B 618 -8.43 -8.05 -50.96
C LEU B 618 -7.05 -7.85 -50.35
N SER B 619 -6.98 -6.99 -49.34
CA SER B 619 -5.79 -6.90 -48.53
C SER B 619 -5.81 -8.03 -47.50
N GLU B 620 -4.77 -8.11 -46.68
CA GLU B 620 -4.76 -9.10 -45.61
C GLU B 620 -5.81 -8.78 -44.58
N LYS B 621 -5.83 -7.53 -44.11
CA LYS B 621 -6.80 -7.12 -43.11
C LYS B 621 -8.21 -7.48 -43.55
N GLN B 622 -8.66 -6.88 -44.65
CA GLN B 622 -9.93 -7.27 -45.26
C GLN B 622 -10.07 -8.79 -45.22
N ALA B 623 -9.04 -9.51 -45.65
CA ALA B 623 -9.13 -10.97 -45.66
C ALA B 623 -9.18 -11.53 -44.25
N GLN B 624 -8.41 -10.96 -43.34
CA GLN B 624 -8.49 -11.43 -41.97
C GLN B 624 -9.86 -11.14 -41.40
N ALA B 625 -10.32 -9.91 -41.58
CA ALA B 625 -11.60 -9.50 -41.03
C ALA B 625 -12.73 -10.41 -41.47
N ILE B 626 -12.59 -11.00 -42.65
CA ILE B 626 -13.61 -11.88 -43.17
C ILE B 626 -13.55 -13.22 -42.48
N LEU B 627 -12.35 -13.74 -42.32
CA LEU B 627 -12.18 -15.01 -41.64
C LEU B 627 -12.72 -14.93 -40.23
N ASP B 628 -12.49 -13.81 -39.58
CA ASP B 628 -12.97 -13.63 -38.22
C ASP B 628 -14.44 -13.34 -38.20
N MET B 629 -15.03 -13.08 -39.34
CA MET B 629 -16.44 -12.75 -39.34
C MET B 629 -17.25 -13.95 -38.89
N ARG B 630 -18.16 -13.72 -37.97
CA ARG B 630 -18.99 -14.79 -37.46
C ARG B 630 -20.20 -14.99 -38.34
N LEU B 631 -20.70 -16.23 -38.33
CA LEU B 631 -21.89 -16.55 -39.09
C LEU B 631 -23.00 -15.55 -38.82
N ARG B 632 -23.16 -15.12 -37.58
CA ARG B 632 -24.27 -14.24 -37.26
C ARG B 632 -24.25 -12.97 -38.07
N ARG B 633 -23.11 -12.61 -38.63
CA ARG B 633 -23.02 -11.40 -39.43
C ARG B 633 -23.68 -11.55 -40.79
N LEU B 634 -24.19 -12.72 -41.12
CA LEU B 634 -24.79 -12.88 -42.43
C LEU B 634 -26.26 -12.52 -42.43
N THR B 635 -26.81 -12.09 -41.31
CA THR B 635 -28.24 -11.81 -41.28
C THR B 635 -28.59 -10.73 -42.28
N GLY B 636 -29.79 -10.83 -42.84
CA GLY B 636 -30.10 -10.17 -44.08
C GLY B 636 -29.89 -8.68 -44.09
N LEU B 637 -29.79 -8.07 -42.91
CA LEU B 637 -29.86 -6.62 -42.80
C LEU B 637 -28.51 -5.96 -42.60
N GLU B 638 -27.49 -6.73 -42.20
CA GLU B 638 -26.18 -6.15 -41.95
C GLU B 638 -25.66 -5.42 -43.17
N ARG B 639 -25.92 -5.96 -44.36
CA ARG B 639 -25.30 -5.44 -45.57
C ARG B 639 -25.59 -3.95 -45.76
N ASP B 640 -26.73 -3.49 -45.26
CA ASP B 640 -26.99 -2.06 -45.27
C ASP B 640 -26.49 -1.39 -44.01
N LYS B 641 -26.70 -2.03 -42.86
CA LYS B 641 -26.04 -1.60 -41.65
C LYS B 641 -24.58 -1.30 -41.94
N ILE B 642 -23.90 -2.26 -42.58
CA ILE B 642 -22.55 -2.04 -43.07
C ILE B 642 -22.54 -0.91 -44.09
N GLU B 643 -23.47 -0.97 -45.04
CA GLU B 643 -23.53 0.08 -46.04
C GLU B 643 -23.80 1.41 -45.38
N ALA B 644 -24.81 1.47 -44.53
CA ALA B 644 -25.05 2.66 -43.72
C ALA B 644 -23.77 3.10 -43.04
N GLU B 645 -23.19 2.24 -42.21
CA GLU B 645 -21.97 2.62 -41.51
C GLU B 645 -20.93 3.17 -42.48
N TYR B 646 -20.75 2.49 -43.62
CA TYR B 646 -19.73 2.92 -44.56
C TYR B 646 -19.96 4.36 -45.01
N ASN B 647 -21.20 4.73 -45.24
CA ASN B 647 -21.45 6.04 -45.85
C ASN B 647 -21.17 7.17 -44.86
N GLU B 648 -21.66 7.04 -43.63
CA GLU B 648 -21.29 8.03 -42.62
C GLU B 648 -19.79 8.15 -42.53
N LEU B 649 -19.10 7.01 -42.57
CA LEU B 649 -17.64 7.01 -42.51
C LEU B 649 -17.05 7.96 -43.54
N LEU B 650 -17.58 7.94 -44.77
CA LEU B 650 -17.04 8.80 -45.82
C LEU B 650 -17.33 10.26 -45.53
N ASN B 651 -18.46 10.54 -44.92
CA ASN B 651 -18.75 11.90 -44.54
C ASN B 651 -17.85 12.35 -43.40
N TYR B 652 -17.58 11.44 -42.46
CA TYR B 652 -16.68 11.76 -41.35
C TYR B 652 -15.28 12.06 -41.85
N ILE B 653 -14.81 11.27 -42.81
CA ILE B 653 -13.45 11.45 -43.32
C ILE B 653 -13.30 12.79 -43.99
N SER B 654 -14.22 13.13 -44.88
CA SER B 654 -14.16 14.46 -45.48
C SER B 654 -14.11 15.51 -44.40
N GLU B 655 -14.97 15.35 -43.38
CA GLU B 655 -15.02 16.30 -42.28
C GLU B 655 -13.67 16.39 -41.60
N LEU B 656 -13.01 15.25 -41.39
CA LEU B 656 -11.71 15.27 -40.73
C LEU B 656 -10.65 15.82 -41.66
N GLU B 657 -10.64 15.35 -42.91
CA GLU B 657 -9.66 15.86 -43.87
C GLU B 657 -9.72 17.36 -43.95
N THR B 658 -10.92 17.90 -43.75
CA THR B 658 -11.10 19.34 -43.84
C THR B 658 -10.33 20.05 -42.74
N ILE B 659 -10.44 19.55 -41.51
CA ILE B 659 -9.82 20.22 -40.39
C ILE B 659 -8.31 20.19 -40.50
N LEU B 660 -7.74 19.11 -41.02
CA LEU B 660 -6.29 19.02 -41.10
C LEU B 660 -5.73 19.79 -42.28
N ALA B 661 -6.60 20.30 -43.14
CA ALA B 661 -6.18 21.04 -44.32
C ALA B 661 -6.38 22.55 -44.16
N ASP B 662 -6.96 23.01 -43.06
CA ASP B 662 -7.05 24.45 -42.80
C ASP B 662 -6.83 24.69 -41.31
N GLU B 663 -5.61 25.10 -40.97
CA GLU B 663 -5.28 25.29 -39.56
C GLU B 663 -6.28 26.19 -38.86
N GLU B 664 -6.80 27.19 -39.58
CA GLU B 664 -7.83 28.01 -38.98
C GLU B 664 -9.04 27.18 -38.56
N VAL B 665 -9.40 26.19 -39.37
CA VAL B 665 -10.47 25.29 -38.94
C VAL B 665 -10.03 24.55 -37.70
N LEU B 666 -8.80 24.04 -37.71
CA LEU B 666 -8.24 23.36 -36.53
C LEU B 666 -8.35 24.23 -35.31
N LEU B 667 -7.98 25.50 -35.44
CA LEU B 667 -8.03 26.41 -34.31
C LEU B 667 -9.44 26.56 -33.78
N GLN B 668 -10.40 26.89 -34.63
CA GLN B 668 -11.75 27.20 -34.15
C GLN B 668 -12.36 26.04 -33.39
N LEU B 669 -12.04 24.82 -33.80
CA LEU B 669 -12.52 23.66 -33.06
C LEU B 669 -11.97 23.67 -31.66
N VAL B 670 -10.68 24.01 -31.52
CA VAL B 670 -10.10 24.14 -30.19
C VAL B 670 -10.86 25.17 -29.40
N ARG B 671 -11.15 26.31 -30.05
CA ARG B 671 -11.97 27.33 -29.42
C ARG B 671 -13.30 26.77 -29.01
N ASP B 672 -13.93 25.98 -29.88
CA ASP B 672 -15.23 25.41 -29.56
C ASP B 672 -15.13 24.50 -28.35
N GLU B 673 -14.17 23.59 -28.37
CA GLU B 673 -14.09 22.63 -27.28
C GLU B 673 -13.71 23.32 -25.99
N LEU B 674 -12.84 24.33 -26.06
CA LEU B 674 -12.55 25.11 -24.87
C LEU B 674 -13.78 25.87 -24.39
N THR B 675 -14.51 26.51 -25.31
CA THR B 675 -15.75 27.19 -24.93
C THR B 675 -16.68 26.23 -24.22
N GLU B 676 -16.85 25.04 -24.79
CA GLU B 676 -17.64 24.00 -24.15
C GLU B 676 -17.16 23.76 -22.73
N ILE B 677 -15.85 23.74 -22.53
CA ILE B 677 -15.31 23.51 -21.18
C ILE B 677 -15.72 24.66 -20.27
N ARG B 678 -15.53 25.89 -20.74
CA ARG B 678 -15.81 27.04 -19.89
C ARG B 678 -17.25 27.00 -19.39
N ASP B 679 -18.19 26.72 -20.28
CA ASP B 679 -19.59 26.75 -19.88
C ASP B 679 -19.87 25.71 -18.82
N ARG B 680 -19.25 24.55 -18.94
CA ARG B 680 -19.62 23.46 -18.06
C ARG B 680 -19.01 23.64 -16.69
N PHE B 681 -17.74 24.02 -16.64
CA PHE B 681 -16.96 24.01 -15.42
C PHE B 681 -16.58 25.39 -14.89
N GLY B 682 -16.69 26.45 -15.70
CA GLY B 682 -16.36 27.77 -15.21
C GLY B 682 -17.23 28.17 -14.03
N ASP B 683 -16.69 29.03 -13.17
CA ASP B 683 -17.39 29.43 -11.95
C ASP B 683 -17.06 30.88 -11.62
N ASP B 684 -17.68 31.40 -10.57
CA ASP B 684 -17.51 32.79 -10.20
C ASP B 684 -16.17 33.02 -9.51
N ARG B 685 -15.72 34.27 -9.53
CA ARG B 685 -14.53 34.64 -8.79
C ARG B 685 -14.80 34.56 -7.30
N ARG B 686 -13.79 34.13 -6.54
CA ARG B 686 -13.89 34.05 -5.08
C ARG B 686 -13.12 35.15 -4.38
N THR B 687 -11.88 35.36 -4.80
CA THR B 687 -11.02 36.37 -4.20
C THR B 687 -11.42 37.74 -4.70
N GLU B 688 -11.71 38.66 -3.79
CA GLU B 688 -11.97 40.01 -4.22
C GLU B 688 -10.67 40.77 -4.33
N ILE B 689 -10.51 41.50 -5.42
CA ILE B 689 -9.35 42.34 -5.65
C ILE B 689 -9.76 43.77 -5.39
N GLN B 690 -9.26 44.34 -4.30
CA GLN B 690 -9.54 45.73 -3.96
C GLN B 690 -8.38 46.59 -4.39
N LEU B 691 -8.70 47.77 -4.88
CA LEU B 691 -7.64 48.69 -5.29
C LEU B 691 -6.89 49.16 -4.06
N GLY B 692 -5.58 48.94 -4.03
CA GLY B 692 -4.80 49.25 -2.85
C GLY B 692 -4.60 50.72 -2.59
MN MN E . -10.48 1.36 14.56
CL CL F . -14.08 -17.75 -31.13
MN MN G . 17.03 4.65 -0.55
MN MN H . 0.41 39.70 8.26
C ACT I . -9.70 8.55 -24.97
O ACT I . -8.58 8.72 -25.50
OXT ACT I . -10.42 9.40 -24.40
CH3 ACT I . -10.27 7.09 -25.04
C10 61I J . 5.79 3.68 9.47
C11 61I J . 7.92 3.74 10.95
C16 61I J . 2.29 1.41 5.46
C18 61I J . 3.17 1.33 3.06
C19 61I J . 4.31 1.58 2.44
C20 61I J . 4.49 1.45 1.08
C23 61I J . 2.26 0.74 0.87
C24 61I J . 2.01 0.85 2.24
C25 61I J . 0.72 0.53 2.68
C26 61I J . -0.21 0.11 1.74
C28 61I J . 0.07 0.00 0.37
C1 61I J . 2.47 2.77 6.14
C12 61I J . 8.44 4.27 12.15
C14 61I J . 6.46 5.33 12.61
C2 61I J . 3.92 2.99 6.66
C29 61I J . 1.30 0.32 -0.06
C4 61I J . 1.98 2.86 7.58
C5 61I J . 3.45 4.54 8.69
C6 61I J . 4.75 4.83 9.48
C7 61I J . 4.51 5.10 10.97
C8 61I J . 5.87 4.88 11.49
C9 61I J . 6.62 4.07 10.65
F27 61I J . -1.40 -0.22 2.11
N13 61I J . 7.72 5.06 12.99
N17 61I J . 3.25 1.52 4.41
N3 61I J . 3.37 3.17 8.08
O21 61I J . 5.52 1.67 0.49
O22 61I J . 3.45 1.02 0.29
CL15 61I J . 5.54 6.30 13.63
#